data_3JB6
#
_entry.id   3JB6
#
_cell.length_a   1.000
_cell.length_b   1.000
_cell.length_c   1.000
_cell.angle_alpha   90.00
_cell.angle_beta   90.00
_cell.angle_gamma   90.00
#
_symmetry.space_group_name_H-M   'P 1'
#
loop_
_entity.id
_entity.type
_entity.pdbx_description
1 polymer 'RNA-dependent RNA polymerase'
2 polymer 'Viral structural protein 4'
3 polymer 'VP1 CSP'
4 non-polymer "GUANOSINE-5'-TRIPHOSPHATE"
#
loop_
_entity_poly.entity_id
_entity_poly.type
_entity_poly.pdbx_seq_one_letter_code
_entity_poly.pdbx_strand_id
1 'polypeptide(L)'
;MLPNTKLHNTIFSETRKFTRESFKEIEHLTARLANDRVARHDFLFNTSIVLISDYSGEDSNGNQLQATITIPNEIINPKE
YDPSDYPLAEDESFFKQGHKYDYLVTFRAGSLTNTYEPKTKMYKLHAALDKLMHVKQRKSRFADLWRELCAVIASLDVWY
QTTNYPLRTYVKLLFHKGDEFPFYESPSQDRIIFNDKSVASILPTFVYTCCQVGTAIMSGILTHVESIVAMNHFLHCAKD
SYIDEKLKIKGIGRSWYQEALHNVCQATVPVWSQFNEVIGHRTKSTSEPHFVSSTFISLRAKRAELLYPEFNAYINRAIQ
LSKTQNDVANYYAACRAMTNDGTFLATLTELSLDAAVFPRIEQHLVTRPAVLMSNTRHESLKQKYTNGVGSIAQSYLSSF
TDEIAKRVNGRHHDEAWLNFLTTSSPGRKLTEIEKLEVGGDVAAWSNSRIVMQAVFAREYRTPERIFKSLKAPIKLVERQ
QSDRRQRAISGLDNDRLFLSFMPYTIGKQIYELNDNAAQGKQAGNAFDIGEMLYWTSQRNVLLSSIDVAGMDASVTTNTK
DIYNTFVLDVASKCTVPRFGPYYAKNMEVFEAGNRQSQVRYVNAAWQACALEAANSQTSTSYESEIFGQVKNAEGTYPSG
RADTSTHHTVLLQGLVRGNELKRASDGKNSCLATIKILGDDIMEIFQGSESDTYDHAVSNASILNESGFATTAELSQNSI
VLLQQLVVNGTFWGFADRISLWTREDTKDIGRLNLAMMELNALIDDLVFRVRRPEGLKMLGFFCGAICLRRFTLSVDNKL
YDSTYNNLSKYMTLTKYDKNPDSDSTLMSLILPLAWLFMPRGGEYPAYPFERRDGTFTEDESMFTARGAYKRRLLYDVSN
IGEMIQQNSMALDDDLLHEYGFTGALLLIDLNILDLIDEVKKEDISPVKVSELATSLEQLGKLGEREKSRRAASDLKIRG
HALSNDIVYGYGLQEKIQKSAMATKETTVQSKRVSSRLHDVIVAKTRDYKISTIPADALHLHEFEVEDVTVDLLPHAKHT
SYSSLAYNMSFGSDGWFAFALLGGLDRSANLLRLDVASIRGNYHKFSYDDPVFKQGYKIYKSDATLLNDFFTAISAGPKE
QGILLRAFAYYSLYGNVEYHYVLSPRQLFFLSDNPVSAERLVRIPPKYYVSTQCRALYNIFSYLHILRSIANNRGKRLKM
VLHPGLIAYVRGTSQGAILPEADNV
;
A
2 'polypeptide(L)'
;MFAIDPLKHSKLYEEYGLYLRPHQINQEIKPTTIKKKELAPTIRSIKYASLIHSMLAKHAARHNGTLINPRMYADMITLG
NTKVTVTKGTPKAQIDTLKMNGLTVVSKSRRNNKKKPVSDTTATIDENTDDIVTYKALTEMSTLIESFRLPSGLALIIFD
DEKYQSLIPNYINQLIAYTQPHIIPTWQGIADFSDTYLRSYFKRPFELTASNLAAPQKYNLSPMTRSIFNNTGREDAVIR
KLYGYGEYVFIRYEGCLITWTGIYGEVTMMVNLSKRDLGLDVGDDYLKEYKKLLFYGVITDAIPSGISARSTIMKISPHK
MMNPSGGALAVLSKFLEAVVSTNVINATLVVYAEKGAGKTSFLSTYAEQLSLASGQVVGHLSSDAYGRWLAKNKDVEEPS
FAYDYVLSLDTDDNESYYEQKASELLISHGISEVAQYELLSVRKKIKMMDEMNEVLIAQLENADTHSERNFYYMVSTGKT
TPRTLIVEGHFNAQDATIARTDTTVLLRTINDTTQAMRDRQRGGVVQLFLRDTYYRLLPALHTTVYPFEMLESIRRWKWV
H
;
B
3 'polypeptide(L)' PTVVQSRTDVFNEQFANEALHPMT C,D
#
loop_
_chem_comp.id
_chem_comp.type
_chem_comp.name
_chem_comp.formula
GTP non-polymer GUANOSINE-5'-TRIPHOSPHATE 'C10 H16 N5 O14 P3'
#
# COMPACT_ATOMS: atom_id res chain seq x y z
N THR A 5 -27.07 -6.42 -43.38
CA THR A 5 -26.71 -7.68 -42.74
C THR A 5 -25.96 -8.56 -43.73
N LYS A 6 -25.01 -9.36 -43.26
CA LYS A 6 -24.55 -9.37 -41.88
C LYS A 6 -23.17 -8.74 -41.81
N LEU A 7 -22.56 -8.71 -40.63
CA LEU A 7 -21.28 -8.01 -40.48
C LEU A 7 -20.20 -8.62 -41.38
N HIS A 8 -20.07 -9.94 -41.40
CA HIS A 8 -18.98 -10.53 -42.16
C HIS A 8 -19.16 -10.40 -43.66
N ASN A 9 -20.35 -10.05 -44.12
CA ASN A 9 -20.58 -9.78 -45.54
C ASN A 9 -20.51 -8.31 -45.89
N THR A 10 -20.28 -7.43 -44.93
CA THR A 10 -20.28 -6.00 -45.21
C THR A 10 -19.17 -5.63 -46.18
N ILE A 11 -19.36 -4.50 -46.86
CA ILE A 11 -18.31 -3.98 -47.73
C ILE A 11 -17.08 -3.62 -46.91
N PHE A 12 -17.30 -3.14 -45.68
CA PHE A 12 -16.16 -2.85 -44.80
C PHE A 12 -15.39 -4.11 -44.47
N SER A 13 -16.09 -5.23 -44.29
CA SER A 13 -15.42 -6.47 -43.94
C SER A 13 -14.39 -6.86 -44.99
N GLU A 14 -14.72 -6.70 -46.26
CA GLU A 14 -13.80 -7.11 -47.31
C GLU A 14 -12.72 -6.08 -47.62
N THR A 15 -13.06 -4.79 -47.73
CA THR A 15 -12.07 -3.78 -48.09
C THR A 15 -11.43 -3.07 -46.90
N ARG A 16 -11.98 -3.20 -45.69
CA ARG A 16 -11.46 -2.53 -44.50
C ARG A 16 -11.20 -1.05 -44.74
N LYS A 17 -12.04 -0.44 -45.56
CA LYS A 17 -11.99 0.99 -45.81
C LYS A 17 -13.38 1.56 -45.61
N PHE A 18 -13.44 2.88 -45.47
CA PHE A 18 -14.70 3.58 -45.37
C PHE A 18 -14.95 4.34 -46.66
N THR A 19 -15.91 3.85 -47.44
CA THR A 19 -16.49 4.60 -48.54
C THR A 19 -17.69 5.35 -48.01
N ARG A 20 -18.47 5.93 -48.91
CA ARG A 20 -19.71 6.57 -48.49
C ARG A 20 -20.77 5.53 -48.15
N GLU A 21 -20.85 4.47 -48.94
CA GLU A 21 -21.89 3.46 -48.75
C GLU A 21 -21.51 2.47 -47.65
N SER A 22 -20.22 2.13 -47.53
CA SER A 22 -19.81 1.12 -46.58
C SER A 22 -19.61 1.67 -45.18
N PHE A 23 -19.61 2.98 -45.01
CA PHE A 23 -19.58 3.56 -43.68
C PHE A 23 -20.98 3.58 -43.07
N LYS A 24 -22.00 3.87 -43.89
CA LYS A 24 -23.36 3.87 -43.40
C LYS A 24 -23.82 2.47 -43.02
N GLU A 25 -23.34 1.47 -43.75
CA GLU A 25 -23.73 0.09 -43.46
C GLU A 25 -23.18 -0.34 -42.12
N ILE A 26 -21.90 -0.06 -41.86
CA ILE A 26 -21.30 -0.42 -40.58
C ILE A 26 -21.77 0.52 -39.49
N GLU A 27 -22.24 1.71 -39.85
CA GLU A 27 -22.83 2.60 -38.86
C GLU A 27 -24.23 2.13 -38.48
N HIS A 28 -24.90 1.45 -39.40
CA HIS A 28 -26.25 0.96 -39.12
C HIS A 28 -26.20 -0.33 -38.31
N LEU A 29 -25.32 -1.27 -38.69
CA LEU A 29 -25.34 -2.58 -38.06
C LEU A 29 -24.87 -2.49 -36.62
N THR A 30 -23.99 -1.54 -36.31
CA THR A 30 -23.60 -1.32 -34.92
C THR A 30 -24.66 -0.55 -34.15
N ALA A 31 -25.46 0.27 -34.82
CA ALA A 31 -26.55 0.96 -34.13
C ALA A 31 -27.65 -0.01 -33.76
N ARG A 32 -27.78 -1.10 -34.51
CA ARG A 32 -28.81 -2.09 -34.20
C ARG A 32 -28.38 -3.00 -33.06
N LEU A 33 -27.08 -3.29 -32.94
CA LEU A 33 -26.62 -4.10 -31.82
C LEU A 33 -26.51 -3.31 -30.54
N ALA A 34 -26.08 -2.06 -30.60
CA ALA A 34 -25.94 -1.24 -29.41
C ALA A 34 -27.28 -0.88 -28.77
N ASN A 35 -28.40 -1.19 -29.43
CA ASN A 35 -29.70 -0.74 -28.97
C ASN A 35 -30.64 -1.90 -28.66
N ASP A 36 -31.04 -2.67 -29.67
CA ASP A 36 -31.98 -3.77 -29.49
C ASP A 36 -31.28 -4.91 -28.77
N ARG A 37 -31.91 -5.42 -27.70
CA ARG A 37 -31.40 -6.65 -27.11
C ARG A 37 -31.99 -7.88 -27.77
N VAL A 38 -32.93 -7.70 -28.69
CA VAL A 38 -33.38 -8.81 -29.52
C VAL A 38 -32.35 -9.07 -30.61
N ALA A 39 -31.76 -8.01 -31.16
CA ALA A 39 -30.79 -8.16 -32.23
C ALA A 39 -29.47 -8.70 -31.73
N ARG A 40 -29.14 -8.50 -30.45
CA ARG A 40 -27.91 -9.08 -29.92
C ARG A 40 -28.07 -10.57 -29.69
N HIS A 41 -29.20 -10.99 -29.11
CA HIS A 41 -29.45 -12.42 -28.98
C HIS A 41 -29.40 -13.11 -30.32
N ASP A 42 -29.92 -12.46 -31.36
CA ASP A 42 -29.94 -13.07 -32.68
C ASP A 42 -28.59 -12.94 -33.37
N PHE A 43 -27.74 -12.04 -32.89
CA PHE A 43 -26.39 -11.94 -33.45
C PHE A 43 -25.48 -13.04 -32.92
N LEU A 44 -25.48 -13.26 -31.60
CA LEU A 44 -24.58 -14.25 -31.01
C LEU A 44 -25.07 -15.67 -31.25
N PHE A 45 -26.36 -15.92 -31.01
CA PHE A 45 -26.91 -17.26 -30.87
C PHE A 45 -27.54 -17.78 -32.17
N ASN A 46 -27.36 -17.05 -33.27
CA ASN A 46 -28.10 -17.34 -34.49
C ASN A 46 -27.93 -18.78 -34.94
N THR A 47 -28.97 -19.30 -35.58
CA THR A 47 -29.03 -20.71 -35.96
C THR A 47 -28.13 -21.05 -37.14
N SER A 48 -27.82 -20.07 -38.00
CA SER A 48 -26.98 -20.35 -39.16
C SER A 48 -25.60 -20.84 -38.75
N ILE A 49 -25.18 -20.55 -37.52
CA ILE A 49 -23.89 -20.97 -37.00
C ILE A 49 -23.81 -22.49 -37.00
N VAL A 50 -22.77 -23.04 -37.64
CA VAL A 50 -22.59 -24.47 -37.64
C VAL A 50 -21.57 -24.85 -36.57
N LEU A 51 -21.96 -25.75 -35.68
CA LEU A 51 -21.09 -26.11 -34.57
C LEU A 51 -19.83 -26.81 -35.07
N ILE A 52 -18.79 -26.76 -34.24
CA ILE A 52 -17.51 -27.39 -34.54
C ILE A 52 -17.21 -28.41 -33.48
N SER A 53 -17.21 -29.69 -33.86
CA SER A 53 -16.72 -30.73 -32.97
C SER A 53 -15.21 -30.88 -32.99
N ASP A 54 -14.57 -30.66 -34.13
CA ASP A 54 -13.15 -30.92 -34.29
C ASP A 54 -12.58 -29.89 -35.25
N TYR A 55 -11.33 -29.48 -35.01
CA TYR A 55 -10.77 -28.38 -35.78
C TYR A 55 -9.27 -28.60 -35.93
N SER A 56 -8.69 -27.99 -36.96
CA SER A 56 -7.29 -28.20 -37.28
C SER A 56 -6.70 -26.92 -37.88
N GLY A 57 -5.46 -26.65 -37.56
CA GLY A 57 -4.80 -25.45 -38.06
C GLY A 57 -3.45 -25.29 -37.43
N GLU A 58 -2.92 -24.08 -37.52
CA GLU A 58 -1.54 -23.83 -37.11
C GLU A 58 -1.49 -23.15 -35.75
N ASP A 59 -0.48 -23.52 -34.96
CA ASP A 59 -0.29 -22.93 -33.65
C ASP A 59 0.43 -21.59 -33.84
N SER A 60 0.92 -21.01 -32.74
CA SER A 60 1.40 -19.63 -32.79
C SER A 60 2.60 -19.49 -33.72
N ASN A 61 3.43 -20.53 -33.84
CA ASN A 61 4.64 -20.48 -34.65
C ASN A 61 4.47 -21.09 -36.04
N GLY A 62 3.26 -21.52 -36.38
CA GLY A 62 3.03 -22.05 -37.71
C GLY A 62 2.96 -23.55 -37.81
N ASN A 63 3.39 -24.28 -36.78
CA ASN A 63 3.28 -25.72 -36.79
C ASN A 63 1.81 -26.13 -36.64
N GLN A 64 1.44 -27.25 -37.25
CA GLN A 64 0.03 -27.63 -37.29
C GLN A 64 -0.37 -28.36 -36.03
N LEU A 65 -1.61 -28.10 -35.58
CA LEU A 65 -2.10 -28.63 -34.32
C LEU A 65 -3.54 -29.07 -34.51
N GLN A 66 -3.96 -30.09 -33.76
CA GLN A 66 -5.31 -30.62 -33.84
C GLN A 66 -5.94 -30.69 -32.46
N ALA A 67 -7.06 -29.99 -32.29
CA ALA A 67 -7.76 -29.92 -31.02
C ALA A 67 -9.23 -30.24 -31.23
N THR A 68 -9.93 -30.47 -30.12
CA THR A 68 -11.33 -30.88 -30.15
C THR A 68 -12.09 -30.16 -29.06
N ILE A 69 -13.29 -29.66 -29.40
CA ILE A 69 -14.08 -28.93 -28.43
C ILE A 69 -14.79 -29.90 -27.50
N THR A 70 -14.48 -29.82 -26.21
CA THR A 70 -15.05 -30.70 -25.20
C THR A 70 -15.47 -29.86 -24.00
N ILE A 71 -16.76 -29.84 -23.72
CA ILE A 71 -17.32 -29.13 -22.57
C ILE A 71 -17.77 -30.16 -21.55
N PRO A 72 -17.29 -30.10 -20.31
CA PRO A 72 -17.58 -31.16 -19.36
C PRO A 72 -19.04 -31.16 -18.93
N ASN A 73 -19.50 -32.29 -18.43
CA ASN A 73 -20.88 -32.39 -17.96
C ASN A 73 -21.10 -31.59 -16.69
N GLU A 74 -20.05 -31.42 -15.89
CA GLU A 74 -20.21 -30.79 -14.59
C GLU A 74 -20.46 -29.30 -14.69
N ILE A 75 -20.11 -28.68 -15.81
CA ILE A 75 -20.52 -27.31 -16.07
C ILE A 75 -21.93 -27.24 -16.66
N ILE A 76 -22.26 -28.13 -17.61
CA ILE A 76 -23.56 -28.07 -18.27
C ILE A 76 -24.67 -28.54 -17.34
N ASN A 77 -24.42 -29.60 -16.57
CA ASN A 77 -25.39 -30.13 -15.61
C ASN A 77 -24.76 -30.02 -14.22
N PRO A 78 -24.82 -28.84 -13.62
CA PRO A 78 -24.09 -28.62 -12.36
C PRO A 78 -24.67 -29.43 -11.22
N LYS A 79 -23.84 -29.66 -10.20
CA LYS A 79 -24.32 -30.29 -8.99
C LYS A 79 -25.23 -29.35 -8.24
N GLU A 80 -26.04 -29.89 -7.33
CA GLU A 80 -26.81 -29.05 -6.45
C GLU A 80 -25.89 -28.47 -5.38
N TYR A 81 -26.23 -27.27 -4.92
CA TYR A 81 -25.41 -26.60 -3.91
C TYR A 81 -25.23 -27.49 -2.69
N ASP A 82 -23.98 -27.72 -2.30
CA ASP A 82 -23.66 -28.57 -1.18
C ASP A 82 -23.16 -27.72 -0.03
N PRO A 83 -23.89 -27.63 1.09
CA PRO A 83 -23.46 -26.72 2.15
C PRO A 83 -22.12 -27.07 2.78
N SER A 84 -21.61 -28.27 2.55
CA SER A 84 -20.29 -28.62 3.07
C SER A 84 -19.15 -27.97 2.30
N ASP A 85 -19.45 -27.27 1.20
CA ASP A 85 -18.41 -26.56 0.48
C ASP A 85 -17.84 -25.42 1.31
N TYR A 86 -18.67 -24.75 2.10
CA TYR A 86 -18.27 -23.61 2.91
C TYR A 86 -18.58 -23.90 4.36
N PRO A 87 -17.82 -24.78 4.99
CA PRO A 87 -18.15 -25.20 6.35
C PRO A 87 -17.74 -24.16 7.37
N LEU A 88 -18.39 -24.22 8.53
CA LEU A 88 -18.07 -23.33 9.64
C LEU A 88 -17.28 -24.08 10.72
N ALA A 89 -16.85 -23.33 11.72
CA ALA A 89 -16.29 -23.93 12.94
C ALA A 89 -17.43 -24.40 13.84
N GLU A 90 -17.10 -25.30 14.77
CA GLU A 90 -18.10 -25.76 15.72
C GLU A 90 -18.81 -24.62 16.43
N ASP A 91 -18.05 -23.69 17.02
CA ASP A 91 -18.69 -22.56 17.69
C ASP A 91 -19.28 -21.60 16.68
N GLU A 92 -19.05 -21.83 15.38
CA GLU A 92 -19.59 -21.01 14.30
C GLU A 92 -19.14 -19.56 14.41
N SER A 93 -17.91 -19.35 14.84
CA SER A 93 -17.36 -18.02 14.98
C SER A 93 -16.57 -17.57 13.76
N PHE A 94 -16.38 -18.44 12.76
CA PHE A 94 -15.64 -18.12 11.55
C PHE A 94 -15.64 -19.38 10.69
N PHE A 95 -15.23 -19.21 9.43
CA PHE A 95 -15.10 -20.36 8.54
C PHE A 95 -14.07 -21.35 9.09
N LYS A 96 -14.30 -22.63 8.82
CA LYS A 96 -13.43 -23.68 9.31
C LYS A 96 -12.00 -23.44 8.87
N GLN A 97 -11.04 -23.86 9.71
CA GLN A 97 -9.64 -23.57 9.47
C GLN A 97 -9.19 -24.07 8.11
N GLY A 98 -9.00 -25.37 7.98
CA GLY A 98 -8.81 -25.92 6.66
C GLY A 98 -10.10 -25.88 5.89
N HIS A 99 -10.14 -25.18 4.77
CA HIS A 99 -11.26 -25.23 3.86
C HIS A 99 -10.73 -24.97 2.46
N LYS A 100 -11.27 -25.70 1.49
CA LYS A 100 -10.66 -25.71 0.16
C LYS A 100 -11.01 -24.48 -0.65
N TYR A 101 -12.26 -24.04 -0.56
CA TYR A 101 -12.84 -23.15 -1.55
C TYR A 101 -12.92 -21.74 -1.00
N ASP A 102 -12.11 -20.84 -1.55
CA ASP A 102 -12.18 -19.43 -1.22
C ASP A 102 -13.06 -18.62 -2.17
N TYR A 103 -13.46 -19.20 -3.30
CA TYR A 103 -14.18 -18.52 -4.37
C TYR A 103 -15.48 -19.27 -4.61
N LEU A 104 -16.21 -18.89 -5.65
CA LEU A 104 -17.40 -19.66 -6.02
C LEU A 104 -17.06 -21.10 -6.32
N VAL A 105 -18.00 -21.98 -6.03
CA VAL A 105 -17.97 -23.38 -6.41
C VAL A 105 -19.04 -23.54 -7.48
N THR A 106 -18.86 -24.51 -8.36
CA THR A 106 -19.81 -24.62 -9.47
C THR A 106 -20.99 -25.46 -9.03
N PHE A 107 -22.14 -24.81 -8.92
CA PHE A 107 -23.39 -25.46 -8.54
C PHE A 107 -24.51 -24.83 -9.34
N ARG A 108 -25.66 -25.49 -9.36
CA ARG A 108 -26.79 -24.96 -10.10
C ARG A 108 -27.24 -23.64 -9.49
N ALA A 109 -27.40 -22.63 -10.34
CA ALA A 109 -27.66 -21.28 -9.84
C ALA A 109 -28.96 -21.20 -9.06
N GLY A 110 -29.85 -22.17 -9.23
CA GLY A 110 -31.08 -22.20 -8.46
C GLY A 110 -31.02 -23.05 -7.20
N SER A 111 -29.92 -23.78 -7.00
CA SER A 111 -29.84 -24.64 -5.83
C SER A 111 -29.55 -23.85 -4.56
N LEU A 112 -29.10 -22.62 -4.68
CA LEU A 112 -28.77 -21.81 -3.51
C LEU A 112 -29.99 -20.98 -3.13
N THR A 113 -30.59 -21.33 -1.99
CA THR A 113 -31.69 -20.58 -1.41
C THR A 113 -31.50 -20.56 0.09
N ASN A 114 -31.90 -19.46 0.73
CA ASN A 114 -31.89 -19.38 2.19
C ASN A 114 -33.34 -19.49 2.67
N THR A 115 -33.67 -20.63 3.24
CA THR A 115 -34.97 -20.87 3.84
C THR A 115 -34.94 -20.63 5.35
N TYR A 116 -33.76 -20.33 5.89
CA TYR A 116 -33.60 -20.13 7.32
C TYR A 116 -34.32 -18.87 7.77
N GLU A 117 -34.60 -18.81 9.06
CA GLU A 117 -35.24 -17.64 9.63
C GLU A 117 -34.23 -16.50 9.76
N PRO A 118 -34.67 -15.26 9.59
CA PRO A 118 -33.73 -14.13 9.56
C PRO A 118 -32.92 -14.00 10.84
N LYS A 119 -31.78 -13.31 10.71
CA LYS A 119 -30.91 -12.98 11.84
C LYS A 119 -30.46 -14.23 12.59
N THR A 120 -30.23 -15.30 11.85
CA THR A 120 -29.63 -16.52 12.37
C THR A 120 -28.18 -16.54 11.91
N LYS A 121 -27.43 -17.56 12.33
CA LYS A 121 -26.08 -17.73 11.79
C LYS A 121 -26.12 -18.12 10.32
N MET A 122 -26.96 -19.08 9.96
CA MET A 122 -26.95 -19.60 8.60
C MET A 122 -27.65 -18.66 7.63
N TYR A 123 -28.65 -17.92 8.10
CA TYR A 123 -29.33 -16.98 7.22
C TYR A 123 -28.38 -15.89 6.75
N LYS A 124 -27.59 -15.32 7.67
CA LYS A 124 -26.62 -14.31 7.27
C LYS A 124 -25.61 -14.87 6.28
N LEU A 125 -25.20 -16.13 6.49
CA LEU A 125 -24.22 -16.74 5.61
C LEU A 125 -24.79 -16.90 4.20
N HIS A 126 -25.95 -17.53 4.06
CA HIS A 126 -26.53 -17.72 2.74
C HIS A 126 -26.99 -16.41 2.13
N ALA A 127 -27.13 -15.35 2.93
CA ALA A 127 -27.34 -14.03 2.36
C ALA A 127 -26.06 -13.50 1.75
N ALA A 128 -24.92 -13.88 2.29
CA ALA A 128 -23.64 -13.43 1.74
C ALA A 128 -23.25 -14.24 0.52
N LEU A 129 -23.43 -15.55 0.56
CA LEU A 129 -23.14 -16.37 -0.62
C LEU A 129 -24.05 -15.99 -1.78
N ASP A 130 -25.31 -15.68 -1.50
CA ASP A 130 -26.18 -15.15 -2.52
C ASP A 130 -25.69 -13.79 -3.00
N LYS A 131 -25.00 -13.06 -2.14
CA LYS A 131 -24.39 -11.80 -2.55
C LYS A 131 -23.07 -12.03 -3.27
N LEU A 132 -22.48 -13.21 -3.10
CA LEU A 132 -21.21 -13.50 -3.76
C LEU A 132 -21.42 -13.72 -5.25
N MET A 133 -22.35 -14.60 -5.61
CA MET A 133 -22.51 -14.99 -7.00
C MET A 133 -23.28 -13.95 -7.81
N HIS A 134 -24.21 -13.24 -7.18
CA HIS A 134 -24.99 -12.23 -7.87
C HIS A 134 -24.31 -10.88 -7.99
N VAL A 135 -23.48 -10.50 -7.03
CA VAL A 135 -22.87 -9.17 -7.00
C VAL A 135 -21.41 -9.22 -7.45
N LYS A 136 -20.57 -9.96 -6.72
CA LYS A 136 -19.14 -9.96 -6.98
C LYS A 136 -18.80 -10.34 -8.42
N GLN A 137 -19.66 -11.15 -9.07
CA GLN A 137 -19.37 -11.52 -10.45
C GLN A 137 -19.62 -10.39 -11.43
N ARG A 138 -20.14 -9.26 -10.99
CA ARG A 138 -20.39 -8.16 -11.91
C ARG A 138 -19.18 -7.26 -11.90
N LYS A 139 -18.36 -7.36 -12.95
CA LYS A 139 -17.27 -6.42 -13.22
C LYS A 139 -17.27 -6.21 -14.73
N SER A 140 -17.56 -4.99 -15.16
CA SER A 140 -17.56 -4.67 -16.58
C SER A 140 -17.08 -3.25 -16.75
N ARG A 141 -16.17 -3.04 -17.71
CA ARG A 141 -15.54 -1.73 -17.81
C ARG A 141 -16.43 -0.75 -18.55
N PHE A 142 -17.08 -1.18 -19.62
CA PHE A 142 -17.76 -0.25 -20.51
C PHE A 142 -19.27 -0.38 -20.50
N ALA A 143 -19.83 -1.51 -20.88
CA ALA A 143 -21.28 -1.62 -21.00
C ALA A 143 -21.77 -2.95 -20.46
N ASP A 144 -23.03 -3.28 -20.73
CA ASP A 144 -23.59 -4.55 -20.28
C ASP A 144 -22.70 -5.69 -20.71
N LEU A 145 -22.60 -6.71 -19.85
CA LEU A 145 -21.67 -7.81 -20.14
C LEU A 145 -21.95 -8.46 -21.48
N TRP A 146 -23.17 -8.35 -22.00
CA TRP A 146 -23.47 -8.91 -23.31
C TRP A 146 -23.02 -7.99 -24.43
N ARG A 147 -23.00 -6.68 -24.19
CA ARG A 147 -22.49 -5.76 -25.20
C ARG A 147 -20.98 -5.87 -25.32
N GLU A 148 -20.31 -6.30 -24.26
CA GLU A 148 -18.87 -6.51 -24.35
C GLU A 148 -18.56 -7.83 -25.04
N LEU A 149 -19.50 -8.76 -25.05
CA LEU A 149 -19.27 -10.01 -25.77
C LEU A 149 -19.53 -9.84 -27.26
N CYS A 150 -20.49 -9.00 -27.63
CA CYS A 150 -20.71 -8.74 -29.04
C CYS A 150 -19.53 -8.01 -29.65
N ALA A 151 -18.99 -7.01 -28.97
CA ALA A 151 -17.85 -6.27 -29.50
C ALA A 151 -16.68 -7.18 -29.83
N VAL A 152 -16.52 -8.26 -29.06
CA VAL A 152 -15.41 -9.18 -29.31
C VAL A 152 -15.71 -10.07 -30.50
N ILE A 153 -16.95 -10.55 -30.60
CA ILE A 153 -17.32 -11.42 -31.69
C ILE A 153 -17.60 -10.64 -32.97
N ALA A 154 -18.15 -9.43 -32.85
CA ALA A 154 -18.40 -8.63 -34.03
C ALA A 154 -17.12 -8.29 -34.76
N SER A 155 -16.04 -8.06 -34.00
CA SER A 155 -14.75 -7.78 -34.63
C SER A 155 -14.15 -9.03 -35.25
N LEU A 156 -14.45 -10.21 -34.69
CA LEU A 156 -13.93 -11.44 -35.27
C LEU A 156 -14.66 -11.79 -36.54
N ASP A 157 -15.94 -11.43 -36.66
CA ASP A 157 -16.65 -11.59 -37.92
C ASP A 157 -15.99 -10.75 -39.00
N VAL A 158 -15.79 -9.47 -38.71
CA VAL A 158 -15.25 -8.54 -39.69
C VAL A 158 -13.81 -8.87 -40.03
N TRP A 159 -13.03 -9.32 -39.05
CA TRP A 159 -11.61 -9.54 -39.31
C TRP A 159 -11.39 -10.75 -40.21
N TYR A 160 -11.96 -11.90 -39.84
CA TYR A 160 -11.74 -13.14 -40.57
C TYR A 160 -12.71 -13.36 -41.70
N GLN A 161 -13.69 -12.48 -41.88
CA GLN A 161 -14.64 -12.56 -42.99
C GLN A 161 -15.45 -13.85 -42.97
N THR A 162 -15.58 -14.48 -41.80
CA THR A 162 -16.39 -15.68 -41.66
C THR A 162 -17.11 -15.62 -40.32
N THR A 163 -18.18 -16.40 -40.23
CA THR A 163 -18.85 -16.69 -38.97
C THR A 163 -18.36 -18.00 -38.37
N ASN A 164 -17.52 -18.74 -39.09
CA ASN A 164 -17.11 -20.06 -38.65
C ASN A 164 -15.69 -19.98 -38.08
N TYR A 165 -15.63 -19.96 -36.76
CA TYR A 165 -14.42 -20.11 -35.98
C TYR A 165 -14.77 -20.73 -34.62
N PRO A 166 -13.81 -21.41 -33.99
CA PRO A 166 -14.16 -22.20 -32.81
C PRO A 166 -14.66 -21.40 -31.62
N LEU A 167 -14.23 -20.16 -31.45
CA LEU A 167 -14.66 -19.39 -30.28
C LEU A 167 -16.16 -19.18 -30.28
N ARG A 168 -16.77 -19.15 -31.46
CA ARG A 168 -18.19 -18.83 -31.53
C ARG A 168 -19.04 -20.02 -31.11
N THR A 169 -18.52 -21.24 -31.22
CA THR A 169 -19.28 -22.39 -30.77
C THR A 169 -19.38 -22.44 -29.25
N TYR A 170 -18.28 -22.14 -28.55
CA TYR A 170 -18.35 -22.05 -27.10
C TYR A 170 -19.41 -21.05 -26.67
N VAL A 171 -19.50 -19.92 -27.36
CA VAL A 171 -20.52 -18.93 -27.02
C VAL A 171 -21.90 -19.52 -27.20
N LYS A 172 -22.09 -20.37 -28.22
CA LYS A 172 -23.40 -20.96 -28.45
C LYS A 172 -23.63 -22.18 -27.58
N LEU A 173 -22.62 -23.03 -27.40
CA LEU A 173 -22.80 -24.22 -26.58
C LEU A 173 -23.04 -23.86 -25.12
N LEU A 174 -22.43 -22.80 -24.63
CA LEU A 174 -22.55 -22.42 -23.22
C LEU A 174 -23.76 -21.53 -22.97
N PHE A 175 -23.77 -20.35 -23.54
CA PHE A 175 -24.67 -19.30 -23.10
C PHE A 175 -26.02 -19.31 -23.81
N HIS A 176 -26.24 -20.24 -24.74
CA HIS A 176 -27.51 -20.27 -25.46
C HIS A 176 -28.43 -21.24 -24.75
N LYS A 177 -29.42 -20.69 -24.06
CA LYS A 177 -30.45 -21.45 -23.37
C LYS A 177 -31.78 -20.78 -23.70
N GLY A 178 -32.64 -21.48 -24.41
CA GLY A 178 -33.93 -20.91 -24.77
C GLY A 178 -33.80 -19.68 -25.67
N ASP A 179 -34.84 -18.87 -25.68
CA ASP A 179 -34.93 -17.71 -26.55
C ASP A 179 -34.52 -16.41 -25.86
N GLU A 180 -34.06 -16.48 -24.60
CA GLU A 180 -33.55 -15.31 -23.91
C GLU A 180 -32.19 -15.63 -23.30
N PHE A 181 -31.49 -14.57 -22.92
CA PHE A 181 -30.20 -14.75 -22.27
C PHE A 181 -30.38 -15.44 -20.92
N PRO A 182 -29.46 -16.30 -20.51
CA PRO A 182 -29.63 -17.01 -19.24
C PRO A 182 -29.64 -16.08 -18.05
N PHE A 183 -28.96 -14.95 -18.16
CA PHE A 183 -28.82 -14.01 -17.06
C PHE A 183 -28.55 -12.63 -17.64
N TYR A 184 -28.74 -11.62 -16.81
CA TYR A 184 -28.51 -10.25 -17.23
C TYR A 184 -28.24 -9.43 -15.98
N GLU A 185 -27.61 -8.29 -16.16
CA GLU A 185 -27.23 -7.43 -15.04
C GLU A 185 -28.10 -6.18 -15.06
N SER A 186 -28.66 -5.85 -13.90
CA SER A 186 -29.48 -4.67 -13.76
C SER A 186 -28.71 -3.60 -13.00
N PRO A 187 -28.43 -2.44 -13.60
CA PRO A 187 -27.62 -1.44 -12.91
C PRO A 187 -28.33 -0.80 -11.74
N SER A 188 -29.66 -0.83 -11.72
CA SER A 188 -30.41 -0.27 -10.60
C SER A 188 -30.16 -1.06 -9.33
N GLN A 189 -30.24 -2.38 -9.41
CA GLN A 189 -30.06 -3.26 -8.27
C GLN A 189 -28.61 -3.68 -8.07
N ASP A 190 -27.73 -3.39 -9.04
CA ASP A 190 -26.30 -3.74 -8.96
C ASP A 190 -26.11 -5.24 -8.78
N ARG A 191 -26.80 -6.04 -9.59
CA ARG A 191 -26.79 -7.49 -9.42
C ARG A 191 -26.93 -8.16 -10.79
N ILE A 192 -26.59 -9.44 -10.82
CA ILE A 192 -26.97 -10.31 -11.95
C ILE A 192 -28.28 -11.00 -11.61
N ILE A 193 -29.20 -10.97 -12.56
CA ILE A 193 -30.54 -11.54 -12.37
C ILE A 193 -30.66 -12.73 -13.30
N PHE A 194 -30.71 -13.93 -12.73
CA PHE A 194 -30.80 -15.15 -13.52
C PHE A 194 -32.21 -15.36 -14.05
N ASN A 195 -32.32 -15.49 -15.38
CA ASN A 195 -33.53 -15.98 -16.02
C ASN A 195 -33.67 -17.48 -15.90
N ASP A 196 -32.72 -18.23 -16.46
CA ASP A 196 -32.70 -19.68 -16.33
C ASP A 196 -31.99 -20.01 -15.03
N LYS A 197 -32.70 -20.64 -14.11
CA LYS A 197 -32.10 -20.97 -12.82
C LYS A 197 -31.24 -22.22 -12.91
N SER A 198 -31.42 -23.03 -13.95
CA SER A 198 -30.66 -24.24 -14.11
C SER A 198 -29.25 -24.00 -14.62
N VAL A 199 -28.96 -22.78 -15.07
CA VAL A 199 -27.64 -22.48 -15.61
C VAL A 199 -26.61 -22.55 -14.49
N ALA A 200 -25.36 -22.83 -14.86
CA ALA A 200 -24.31 -22.91 -13.87
C ALA A 200 -24.10 -21.55 -13.21
N SER A 201 -23.62 -21.58 -11.97
CA SER A 201 -23.42 -20.34 -11.23
C SER A 201 -22.18 -19.59 -11.70
N ILE A 202 -21.23 -20.30 -12.33
CA ILE A 202 -19.95 -19.68 -12.71
C ILE A 202 -19.96 -19.10 -14.11
N LEU A 203 -21.00 -19.36 -14.90
CA LEU A 203 -21.02 -18.84 -16.27
C LEU A 203 -20.95 -17.32 -16.37
N PRO A 204 -21.53 -16.53 -15.47
CA PRO A 204 -21.38 -15.08 -15.59
C PRO A 204 -19.92 -14.63 -15.68
N THR A 205 -18.97 -15.46 -15.24
CA THR A 205 -17.57 -15.10 -15.41
C THR A 205 -16.97 -15.67 -16.68
N PHE A 206 -17.72 -16.50 -17.41
CA PHE A 206 -17.22 -16.96 -18.70
C PHE A 206 -17.61 -16.03 -19.82
N VAL A 207 -18.53 -15.09 -19.57
CA VAL A 207 -18.74 -14.03 -20.54
C VAL A 207 -17.51 -13.15 -20.64
N TYR A 208 -16.83 -12.95 -19.52
CA TYR A 208 -15.61 -12.15 -19.49
C TYR A 208 -14.41 -12.94 -19.97
N THR A 209 -14.46 -14.27 -19.80
CA THR A 209 -13.35 -15.12 -20.21
C THR A 209 -13.36 -15.36 -21.72
N CYS A 210 -14.55 -15.44 -22.32
CA CYS A 210 -14.61 -15.47 -23.78
C CYS A 210 -14.18 -14.14 -24.39
N CYS A 211 -14.27 -13.06 -23.61
CA CYS A 211 -13.82 -11.77 -24.10
C CYS A 211 -12.31 -11.66 -24.07
N GLN A 212 -11.68 -12.21 -23.02
CA GLN A 212 -10.23 -12.12 -22.91
C GLN A 212 -9.55 -13.14 -23.80
N VAL A 213 -10.25 -14.21 -24.16
CA VAL A 213 -9.73 -15.11 -25.19
C VAL A 213 -9.94 -14.49 -26.56
N GLY A 214 -11.12 -13.95 -26.83
CA GLY A 214 -11.36 -13.30 -28.11
C GLY A 214 -10.46 -12.10 -28.33
N THR A 215 -10.04 -11.45 -27.25
CA THR A 215 -9.08 -10.37 -27.37
C THR A 215 -7.70 -10.92 -27.71
N ALA A 216 -7.42 -12.16 -27.33
CA ALA A 216 -6.12 -12.73 -27.59
C ALA A 216 -6.00 -13.21 -29.04
N ILE A 217 -7.11 -13.55 -29.69
CA ILE A 217 -7.05 -13.90 -31.10
C ILE A 217 -6.86 -12.66 -31.96
N MET A 218 -7.66 -11.62 -31.72
CA MET A 218 -7.46 -10.36 -32.42
C MET A 218 -6.06 -9.83 -32.18
N SER A 219 -5.57 -9.94 -30.95
CA SER A 219 -4.22 -9.55 -30.58
C SER A 219 -3.14 -10.31 -31.33
N GLY A 220 -3.42 -11.49 -31.83
CA GLY A 220 -2.42 -12.21 -32.58
C GLY A 220 -1.56 -13.13 -31.75
N ILE A 221 -1.86 -13.27 -30.46
CA ILE A 221 -1.18 -14.24 -29.63
C ILE A 221 -1.70 -15.63 -29.99
N LEU A 222 -2.95 -15.90 -29.66
CA LEU A 222 -3.55 -17.19 -29.94
C LEU A 222 -4.04 -17.25 -31.39
N THR A 223 -4.12 -18.46 -31.92
CA THR A 223 -4.85 -18.73 -33.14
C THR A 223 -6.15 -19.44 -32.79
N HIS A 224 -6.94 -19.75 -33.81
CA HIS A 224 -8.23 -20.38 -33.56
C HIS A 224 -8.06 -21.79 -32.99
N VAL A 225 -6.94 -22.44 -33.31
CA VAL A 225 -6.69 -23.78 -32.75
C VAL A 225 -6.27 -23.66 -31.30
N GLU A 226 -5.43 -22.68 -30.99
CA GLU A 226 -5.04 -22.46 -29.61
C GLU A 226 -6.18 -21.89 -28.79
N SER A 227 -7.18 -21.30 -29.46
CA SER A 227 -8.37 -20.83 -28.75
C SER A 227 -9.14 -22.00 -28.15
N ILE A 228 -9.08 -23.16 -28.79
CA ILE A 228 -9.75 -24.34 -28.26
C ILE A 228 -9.00 -24.86 -27.04
N VAL A 229 -7.68 -25.02 -27.17
CA VAL A 229 -6.87 -25.51 -26.06
C VAL A 229 -6.99 -24.57 -24.87
N ALA A 230 -7.13 -23.27 -25.13
CA ALA A 230 -7.26 -22.31 -24.05
C ALA A 230 -8.62 -22.42 -23.37
N MET A 231 -9.69 -22.46 -24.16
CA MET A 231 -11.03 -22.50 -23.59
C MET A 231 -11.37 -23.86 -23.01
N ASN A 232 -10.69 -24.93 -23.43
CA ASN A 232 -10.93 -26.21 -22.79
C ASN A 232 -10.26 -26.29 -21.44
N HIS A 233 -9.18 -25.54 -21.25
CA HIS A 233 -8.50 -25.53 -19.97
C HIS A 233 -9.33 -24.79 -18.93
N PHE A 234 -9.91 -23.65 -19.32
CA PHE A 234 -10.78 -22.91 -18.42
C PHE A 234 -12.00 -23.72 -18.03
N LEU A 235 -12.66 -24.35 -19.01
CA LEU A 235 -13.78 -25.23 -18.69
C LEU A 235 -13.34 -26.42 -17.85
N HIS A 236 -12.13 -26.93 -18.08
CA HIS A 236 -11.61 -27.93 -17.16
C HIS A 236 -11.36 -27.34 -15.78
N CYS A 237 -10.73 -26.16 -15.73
CA CYS A 237 -10.42 -25.56 -14.44
C CYS A 237 -11.65 -25.27 -13.62
N ALA A 238 -12.83 -25.19 -14.23
CA ALA A 238 -14.01 -24.96 -13.40
C ALA A 238 -14.73 -26.29 -13.14
N LYS A 239 -14.21 -26.98 -12.14
CA LYS A 239 -14.90 -27.91 -11.29
C LYS A 239 -13.95 -28.16 -10.11
N ASP A 240 -14.44 -28.16 -8.88
CA ASP A 240 -15.68 -27.53 -8.52
C ASP A 240 -15.51 -26.02 -8.56
N SER A 241 -14.31 -25.55 -8.23
CA SER A 241 -14.03 -24.12 -8.11
C SER A 241 -13.14 -23.68 -9.26
N TYR A 242 -13.59 -22.65 -9.98
CA TYR A 242 -12.89 -22.20 -11.19
C TYR A 242 -11.62 -21.44 -10.85
N ILE A 243 -11.72 -20.46 -9.96
CA ILE A 243 -10.57 -19.60 -9.69
C ILE A 243 -9.58 -20.31 -8.77
N ASP A 244 -10.04 -21.28 -7.99
CA ASP A 244 -9.13 -21.98 -7.10
C ASP A 244 -8.17 -22.88 -7.87
N GLU A 245 -8.59 -23.36 -9.05
CA GLU A 245 -7.69 -24.21 -9.84
C GLU A 245 -6.69 -23.37 -10.64
N LYS A 246 -7.11 -22.20 -11.12
CA LYS A 246 -6.18 -21.34 -11.83
C LYS A 246 -5.02 -20.94 -10.93
N LEU A 247 -5.32 -20.48 -9.72
CA LEU A 247 -4.27 -20.05 -8.81
C LEU A 247 -3.35 -21.20 -8.44
N LYS A 248 -3.87 -22.42 -8.42
CA LYS A 248 -3.03 -23.57 -8.10
C LYS A 248 -2.13 -23.94 -9.27
N ILE A 249 -2.63 -23.81 -10.50
CA ILE A 249 -1.84 -24.12 -11.69
C ILE A 249 -0.92 -22.98 -12.12
N LYS A 250 -1.29 -21.73 -11.84
CA LYS A 250 -0.73 -20.59 -12.57
C LYS A 250 0.79 -20.61 -12.61
N GLY A 251 1.44 -20.93 -11.51
CA GLY A 251 2.90 -20.96 -11.50
C GLY A 251 3.46 -22.10 -12.32
N ILE A 252 2.94 -23.30 -12.09
CA ILE A 252 3.34 -24.51 -12.80
C ILE A 252 3.31 -24.30 -14.32
N GLY A 253 2.28 -23.62 -14.80
CA GLY A 253 2.04 -23.56 -16.24
C GLY A 253 2.91 -22.60 -17.00
N ARG A 254 3.41 -21.55 -16.35
CA ARG A 254 4.19 -20.51 -17.00
C ARG A 254 5.69 -20.66 -16.84
N SER A 255 6.16 -21.63 -16.06
CA SER A 255 7.57 -21.68 -15.72
C SER A 255 8.40 -22.57 -16.64
N TRP A 256 7.80 -23.11 -17.70
CA TRP A 256 8.52 -24.02 -18.58
C TRP A 256 9.47 -23.32 -19.52
N TYR A 257 9.30 -22.01 -19.73
CA TYR A 257 10.08 -21.32 -20.75
C TYR A 257 11.58 -21.41 -20.47
N GLN A 258 11.96 -21.59 -19.21
CA GLN A 258 13.36 -21.74 -18.86
C GLN A 258 13.94 -22.99 -19.49
N GLU A 259 13.16 -24.07 -19.48
CA GLU A 259 13.61 -25.33 -20.06
C GLU A 259 13.49 -25.33 -21.57
N ALA A 260 12.47 -24.67 -22.11
CA ALA A 260 12.30 -24.66 -23.56
C ALA A 260 13.38 -23.84 -24.22
N LEU A 261 13.88 -22.81 -23.55
CA LEU A 261 14.90 -21.95 -24.08
C LEU A 261 16.30 -22.47 -23.80
N HIS A 262 16.43 -23.49 -22.96
CA HIS A 262 17.68 -24.21 -22.81
C HIS A 262 17.94 -25.11 -24.00
N ASN A 263 16.90 -25.72 -24.56
CA ASN A 263 17.09 -26.65 -25.66
C ASN A 263 17.37 -25.92 -26.96
N VAL A 264 16.93 -24.66 -27.06
CA VAL A 264 17.27 -23.82 -28.20
C VAL A 264 18.78 -23.67 -28.35
N CYS A 265 19.51 -23.70 -27.25
CA CYS A 265 20.96 -23.53 -27.23
C CYS A 265 21.27 -22.17 -27.82
N GLN A 266 22.05 -22.06 -28.89
CA GLN A 266 22.51 -20.76 -29.35
C GLN A 266 21.36 -19.90 -29.84
N ALA A 267 21.43 -18.60 -29.54
CA ALA A 267 20.50 -17.61 -30.05
C ALA A 267 21.22 -16.28 -30.18
N THR A 268 20.90 -15.55 -31.24
CA THR A 268 21.49 -14.23 -31.47
C THR A 268 20.53 -13.15 -30.99
N VAL A 269 21.05 -12.22 -30.21
CA VAL A 269 20.24 -11.25 -29.51
C VAL A 269 20.88 -9.88 -29.60
N PRO A 270 20.14 -8.79 -29.41
CA PRO A 270 20.77 -7.47 -29.42
C PRO A 270 21.63 -7.24 -28.18
N VAL A 271 22.48 -6.21 -28.27
CA VAL A 271 23.38 -5.84 -27.19
C VAL A 271 23.13 -4.38 -26.86
N TRP A 272 22.93 -4.08 -25.58
CA TRP A 272 22.57 -2.76 -25.13
C TRP A 272 23.72 -2.15 -24.35
N SER A 273 23.82 -0.83 -24.38
CA SER A 273 24.78 -0.15 -23.54
C SER A 273 24.07 0.45 -22.33
N GLN A 274 24.86 1.09 -21.46
CA GLN A 274 24.29 1.70 -20.27
C GLN A 274 23.25 2.75 -20.63
N PHE A 275 23.41 3.36 -21.79
CA PHE A 275 22.81 4.65 -22.16
C PHE A 275 21.51 4.50 -22.92
N ASN A 276 20.94 3.29 -22.92
CA ASN A 276 19.67 3.01 -23.60
C ASN A 276 19.80 3.05 -25.12
N GLU A 277 20.85 2.42 -25.66
CA GLU A 277 21.06 2.36 -27.09
C GLU A 277 21.49 0.96 -27.49
N VAL A 278 21.17 0.59 -28.72
CA VAL A 278 21.58 -0.71 -29.25
C VAL A 278 22.90 -0.54 -29.97
N ILE A 279 23.96 -1.12 -29.42
CA ILE A 279 25.31 -0.97 -29.97
C ILE A 279 25.73 -2.13 -30.84
N GLY A 280 24.90 -3.16 -30.98
CA GLY A 280 25.28 -4.30 -31.78
C GLY A 280 24.47 -5.53 -31.40
N HIS A 281 24.83 -6.64 -32.01
CA HIS A 281 24.20 -7.93 -31.72
C HIS A 281 25.29 -8.94 -31.40
N ARG A 282 24.87 -10.07 -30.84
CA ARG A 282 25.79 -11.03 -30.27
C ARG A 282 25.17 -12.43 -30.35
N THR A 283 26.03 -13.43 -30.54
CA THR A 283 25.61 -14.82 -30.61
C THR A 283 26.05 -15.49 -29.31
N LYS A 284 25.09 -15.82 -28.45
CA LYS A 284 25.40 -16.45 -27.19
C LYS A 284 24.74 -17.82 -27.10
N SER A 285 25.27 -18.66 -26.23
CA SER A 285 24.67 -19.97 -25.98
C SER A 285 23.77 -19.87 -24.76
N THR A 286 22.52 -20.29 -24.93
CA THR A 286 21.52 -20.15 -23.88
C THR A 286 21.46 -21.33 -22.94
N SER A 287 22.37 -22.30 -23.09
CA SER A 287 22.36 -23.45 -22.19
C SER A 287 22.57 -23.00 -20.75
N GLU A 288 21.70 -23.48 -19.88
CA GLU A 288 21.68 -23.06 -18.49
C GLU A 288 22.75 -23.78 -17.67
N PRO A 289 23.12 -23.23 -16.52
CA PRO A 289 24.09 -23.92 -15.65
C PRO A 289 23.51 -25.20 -15.08
N HIS A 290 24.40 -26.02 -14.52
CA HIS A 290 23.98 -27.31 -13.99
C HIS A 290 22.99 -27.17 -12.85
N PHE A 291 23.15 -26.15 -12.01
CA PHE A 291 22.25 -25.98 -10.88
C PHE A 291 20.88 -25.49 -11.29
N VAL A 292 20.74 -24.89 -12.47
CA VAL A 292 19.43 -24.61 -13.04
C VAL A 292 18.84 -25.85 -13.68
N SER A 293 19.68 -26.61 -14.40
CA SER A 293 19.19 -27.80 -15.11
C SER A 293 18.64 -28.85 -14.16
N SER A 294 19.10 -28.86 -12.90
CA SER A 294 18.62 -29.86 -11.96
C SER A 294 17.18 -29.58 -11.55
N THR A 295 16.71 -28.35 -11.71
CA THR A 295 15.34 -28.02 -11.37
C THR A 295 14.36 -28.40 -12.47
N PHE A 296 14.85 -28.74 -13.66
CA PHE A 296 13.93 -29.11 -14.75
C PHE A 296 13.32 -30.47 -14.51
N ILE A 297 13.97 -31.32 -13.71
CA ILE A 297 13.43 -32.64 -13.44
C ILE A 297 12.23 -32.55 -12.52
N SER A 298 12.31 -31.69 -11.51
CA SER A 298 11.23 -31.57 -10.54
C SER A 298 10.01 -30.90 -11.15
N LEU A 299 10.22 -30.07 -12.18
CA LEU A 299 9.08 -29.41 -12.80
C LEU A 299 8.36 -30.33 -13.79
N ARG A 300 9.10 -31.17 -14.52
CA ARG A 300 8.45 -32.13 -15.41
C ARG A 300 7.50 -33.02 -14.62
N ALA A 301 7.94 -33.51 -13.47
CA ALA A 301 7.10 -34.39 -12.67
C ALA A 301 5.92 -33.64 -12.08
N LYS A 302 6.07 -32.34 -11.87
CA LYS A 302 4.97 -31.56 -11.33
C LYS A 302 3.98 -31.15 -12.42
N ARG A 303 4.49 -30.73 -13.59
CA ARG A 303 3.61 -30.34 -14.67
C ARG A 303 2.79 -31.51 -15.19
N ALA A 304 3.33 -32.73 -15.06
CA ALA A 304 2.60 -33.89 -15.54
C ALA A 304 1.42 -34.22 -14.63
N GLU A 305 1.61 -34.06 -13.32
CA GLU A 305 0.55 -34.42 -12.37
C GLU A 305 -0.61 -33.44 -12.43
N LEU A 306 -0.32 -32.15 -12.29
CA LEU A 306 -1.34 -31.15 -12.02
C LEU A 306 -2.06 -30.67 -13.27
N LEU A 307 -1.39 -30.61 -14.41
CA LEU A 307 -1.94 -29.92 -15.58
C LEU A 307 -2.92 -30.80 -16.34
N TYR A 308 -3.90 -30.13 -16.95
CA TYR A 308 -4.86 -30.80 -17.80
C TYR A 308 -4.15 -31.47 -18.97
N PRO A 309 -4.41 -32.76 -19.23
CA PRO A 309 -3.53 -33.51 -20.13
C PRO A 309 -3.49 -32.99 -21.55
N GLU A 310 -4.47 -32.20 -21.98
CA GLU A 310 -4.36 -31.58 -23.30
C GLU A 310 -3.44 -30.37 -23.26
N PHE A 311 -3.44 -29.63 -22.16
CA PHE A 311 -2.58 -28.45 -22.03
C PHE A 311 -1.16 -28.84 -21.71
N ASN A 312 -0.96 -29.88 -20.91
CA ASN A 312 0.39 -30.40 -20.69
C ASN A 312 1.01 -30.89 -22.00
N ALA A 313 0.19 -31.42 -22.91
CA ALA A 313 0.73 -31.88 -24.18
C ALA A 313 1.05 -30.71 -25.10
N TYR A 314 0.54 -29.52 -24.79
CA TYR A 314 0.91 -28.33 -25.56
C TYR A 314 2.25 -27.79 -25.08
N ILE A 315 2.50 -27.84 -23.77
CA ILE A 315 3.79 -27.42 -23.23
C ILE A 315 4.90 -28.35 -23.71
N ASN A 316 4.69 -29.66 -23.60
CA ASN A 316 5.67 -30.62 -24.10
C ASN A 316 5.95 -30.40 -25.58
N ARG A 317 5.01 -29.81 -26.29
CA ARG A 317 5.20 -29.51 -27.70
C ARG A 317 6.03 -28.25 -27.91
N ALA A 318 5.89 -27.28 -27.02
CA ALA A 318 6.62 -26.04 -27.14
C ALA A 318 8.08 -26.16 -26.70
N ILE A 319 8.42 -27.18 -25.93
CA ILE A 319 9.82 -27.41 -25.59
C ILE A 319 10.57 -28.09 -26.73
N GLN A 320 9.91 -28.98 -27.45
CA GLN A 320 10.50 -29.66 -28.61
C GLN A 320 10.52 -28.76 -29.84
N LEU A 321 9.34 -28.35 -30.31
CA LEU A 321 9.25 -27.67 -31.60
C LEU A 321 9.81 -26.26 -31.58
N SER A 322 10.17 -25.72 -30.42
CA SER A 322 10.78 -24.39 -30.42
C SER A 322 12.16 -24.47 -31.06
N LYS A 323 12.39 -23.59 -32.03
CA LYS A 323 13.62 -23.60 -32.80
C LYS A 323 14.58 -22.49 -32.41
N THR A 324 14.19 -21.23 -32.58
CA THR A 324 15.00 -20.10 -32.16
C THR A 324 14.39 -19.50 -30.90
N GLN A 325 14.95 -18.40 -30.44
CA GLN A 325 14.45 -17.76 -29.23
C GLN A 325 13.12 -17.06 -29.47
N ASN A 326 12.89 -16.53 -30.66
CA ASN A 326 11.59 -15.95 -30.96
C ASN A 326 10.48 -16.98 -30.87
N ASP A 327 10.78 -18.23 -31.23
CA ASP A 327 9.76 -19.27 -31.16
C ASP A 327 9.38 -19.57 -29.72
N VAL A 328 10.33 -19.44 -28.80
CA VAL A 328 10.01 -19.61 -27.39
C VAL A 328 9.17 -18.44 -26.91
N ALA A 329 9.43 -17.25 -27.44
CA ALA A 329 8.67 -16.08 -27.04
C ALA A 329 7.21 -16.20 -27.45
N ASN A 330 6.97 -16.78 -28.63
CA ASN A 330 5.60 -16.85 -29.16
C ASN A 330 4.78 -17.90 -28.43
N TYR A 331 5.43 -18.95 -27.93
CA TYR A 331 4.70 -19.94 -27.14
C TYR A 331 4.44 -19.43 -25.73
N TYR A 332 5.38 -18.67 -25.16
CA TYR A 332 5.19 -18.18 -23.80
C TYR A 332 4.15 -17.07 -23.76
N ALA A 333 3.92 -16.40 -24.89
CA ALA A 333 2.80 -15.47 -24.96
C ALA A 333 1.47 -16.22 -25.02
N ALA A 334 1.44 -17.37 -25.68
CA ALA A 334 0.21 -18.16 -25.74
C ALA A 334 -0.03 -18.91 -24.46
N CYS A 335 0.99 -19.58 -23.92
CA CYS A 335 0.80 -20.32 -22.67
C CYS A 335 0.49 -19.40 -21.52
N ARG A 336 0.77 -18.10 -21.67
CA ARG A 336 0.38 -17.16 -20.63
C ARG A 336 -1.08 -16.76 -20.76
N ALA A 337 -1.60 -16.69 -21.98
CA ALA A 337 -3.01 -16.39 -22.19
C ALA A 337 -3.90 -17.61 -22.01
N MET A 338 -3.33 -18.81 -21.94
CA MET A 338 -4.08 -20.00 -21.62
C MET A 338 -4.31 -20.17 -20.12
N THR A 339 -3.44 -19.64 -19.28
CA THR A 339 -3.59 -19.74 -17.84
C THR A 339 -4.23 -18.51 -17.20
N ASN A 340 -4.51 -17.46 -17.97
CA ASN A 340 -4.99 -16.21 -17.38
C ASN A 340 -6.12 -15.67 -18.23
N ASP A 341 -7.31 -15.55 -17.64
CA ASP A 341 -8.46 -14.95 -18.32
C ASP A 341 -8.63 -13.47 -18.01
N GLY A 342 -7.70 -12.86 -17.28
CA GLY A 342 -7.65 -11.42 -17.15
C GLY A 342 -8.59 -10.81 -16.14
N THR A 343 -9.58 -11.56 -15.66
CA THR A 343 -10.56 -10.99 -14.74
C THR A 343 -9.91 -10.69 -13.39
N PHE A 344 -10.45 -9.69 -12.70
CA PHE A 344 -10.08 -9.42 -11.32
C PHE A 344 -10.69 -10.48 -10.41
N LEU A 345 -9.92 -10.93 -9.43
CA LEU A 345 -10.32 -12.04 -8.57
C LEU A 345 -11.05 -11.48 -7.35
N ALA A 346 -12.25 -11.97 -7.11
CA ALA A 346 -13.10 -11.48 -6.02
C ALA A 346 -13.70 -12.63 -5.23
N THR A 347 -13.82 -12.42 -3.92
CA THR A 347 -14.44 -13.37 -3.00
C THR A 347 -15.30 -12.58 -2.02
N LEU A 348 -15.81 -13.27 -1.02
CA LEU A 348 -16.19 -12.59 0.21
C LEU A 348 -14.94 -12.34 1.02
N THR A 349 -14.73 -11.09 1.41
CA THR A 349 -13.46 -10.69 2.00
C THR A 349 -13.14 -11.45 3.28
N GLU A 350 -14.12 -12.15 3.86
CA GLU A 350 -13.79 -13.03 4.98
C GLU A 350 -13.60 -14.48 4.56
N LEU A 351 -13.80 -14.82 3.28
CA LEU A 351 -13.32 -16.10 2.79
C LEU A 351 -11.83 -16.03 2.46
N SER A 352 -11.40 -14.95 1.82
CA SER A 352 -10.01 -14.83 1.39
C SER A 352 -9.13 -14.26 2.50
N LEU A 353 -9.73 -13.90 3.63
CA LEU A 353 -8.97 -13.29 4.71
C LEU A 353 -7.96 -14.26 5.30
N ASP A 354 -8.30 -15.53 5.39
CA ASP A 354 -7.41 -16.53 5.97
C ASP A 354 -6.10 -16.61 5.20
N ALA A 355 -6.15 -17.02 3.94
CA ALA A 355 -4.93 -17.30 3.19
C ALA A 355 -4.14 -16.05 2.83
N ALA A 356 -4.64 -14.86 3.13
CA ALA A 356 -3.92 -13.64 2.76
C ALA A 356 -3.24 -12.99 3.95
N VAL A 357 -4.03 -12.53 4.92
CA VAL A 357 -3.56 -11.68 6.00
C VAL A 357 -3.23 -12.48 7.27
N PHE A 358 -3.26 -13.82 7.22
CA PHE A 358 -2.99 -14.61 8.40
C PHE A 358 -1.51 -14.93 8.47
N PRO A 359 -0.83 -14.65 9.58
CA PRO A 359 0.63 -14.82 9.62
C PRO A 359 1.05 -16.28 9.60
N ARG A 360 2.33 -16.51 9.33
CA ARG A 360 2.88 -17.85 9.24
C ARG A 360 4.36 -17.87 9.61
N ILE A 361 4.79 -18.98 10.22
CA ILE A 361 6.16 -19.17 10.67
C ILE A 361 6.87 -20.14 9.72
N GLU A 362 8.09 -19.81 9.34
CA GLU A 362 8.80 -20.53 8.30
C GLU A 362 10.27 -20.64 8.68
N GLN A 363 10.92 -21.73 8.26
CA GLN A 363 12.36 -21.88 8.41
C GLN A 363 12.81 -21.77 9.86
N HIS A 364 13.57 -20.74 10.18
CA HIS A 364 14.18 -20.56 11.49
C HIS A 364 13.46 -19.50 12.31
N LEU A 365 13.46 -19.67 13.63
CA LEU A 365 12.92 -18.67 14.54
C LEU A 365 13.95 -17.58 14.75
N VAL A 366 13.54 -16.32 14.59
CA VAL A 366 14.41 -15.19 14.84
C VAL A 366 14.50 -14.96 16.35
N THR A 367 15.65 -14.46 16.80
CA THR A 367 15.94 -14.32 18.22
C THR A 367 16.24 -12.86 18.55
N ARG A 368 16.21 -12.56 19.85
CA ARG A 368 16.27 -11.18 20.30
C ARG A 368 17.71 -10.67 20.36
N PRO A 369 17.90 -9.37 20.22
CA PRO A 369 19.20 -8.78 20.50
C PRO A 369 19.38 -8.61 22.00
N ALA A 370 20.64 -8.52 22.41
CA ALA A 370 20.92 -8.24 23.81
C ALA A 370 20.61 -6.78 24.14
N VAL A 371 19.95 -6.56 25.27
CA VAL A 371 19.47 -5.24 25.63
C VAL A 371 20.55 -4.56 26.46
N LEU A 372 21.21 -3.56 25.88
CA LEU A 372 22.28 -2.84 26.54
C LEU A 372 21.78 -1.73 27.45
N MET A 373 20.62 -1.15 27.14
CA MET A 373 20.05 -0.06 27.91
C MET A 373 18.55 -0.15 27.82
N SER A 374 17.85 0.15 28.91
CA SER A 374 16.42 -0.04 28.96
C SER A 374 15.75 1.03 29.80
N ASN A 375 14.49 1.26 29.49
CA ASN A 375 13.60 2.15 30.22
C ASN A 375 13.25 1.53 31.58
N THR A 376 12.75 2.37 32.49
CA THR A 376 12.28 1.88 33.78
C THR A 376 11.11 0.92 33.68
N ARG A 377 10.41 0.87 32.54
CA ARG A 377 9.43 -0.18 32.30
C ARG A 377 10.09 -1.43 31.75
N HIS A 378 11.41 -1.42 31.61
CA HIS A 378 12.19 -2.46 30.92
C HIS A 378 11.86 -2.50 29.44
N GLU A 379 11.34 -1.39 28.91
CA GLU A 379 11.29 -1.20 27.47
C GLU A 379 12.69 -0.88 26.97
N SER A 380 13.06 -1.47 25.84
CA SER A 380 14.43 -1.33 25.36
C SER A 380 14.66 0.08 24.82
N LEU A 381 15.84 0.62 25.10
CA LEU A 381 16.32 1.84 24.49
C LEU A 381 17.38 1.61 23.43
N LYS A 382 18.53 1.03 23.77
CA LYS A 382 19.50 0.67 22.75
C LYS A 382 19.89 -0.79 22.95
N GLN A 383 20.17 -1.48 21.84
CA GLN A 383 20.32 -2.92 21.84
C GLN A 383 21.20 -3.36 20.68
N LYS A 384 21.72 -4.57 20.77
CA LYS A 384 22.73 -5.05 19.84
C LYS A 384 22.64 -6.57 19.73
N TYR A 385 22.97 -7.10 18.56
CA TYR A 385 22.85 -8.53 18.30
C TYR A 385 24.14 -9.27 18.59
N THR A 386 23.98 -10.49 19.13
CA THR A 386 25.14 -11.33 19.42
C THR A 386 25.74 -11.93 18.15
N ASN A 387 24.91 -12.53 17.31
CA ASN A 387 25.31 -13.07 16.02
C ASN A 387 24.03 -13.44 15.27
N GLY A 388 24.16 -13.98 14.07
CA GLY A 388 23.00 -14.37 13.29
C GLY A 388 22.65 -13.32 12.25
N VAL A 389 21.42 -13.45 11.73
CA VAL A 389 20.96 -12.51 10.71
C VAL A 389 20.93 -11.09 11.26
N GLY A 390 20.76 -10.95 12.57
CA GLY A 390 20.74 -9.62 13.14
C GLY A 390 22.06 -8.91 12.98
N SER A 391 23.15 -9.57 13.39
CA SER A 391 24.45 -8.94 13.33
C SER A 391 24.88 -8.66 11.90
N ILE A 392 24.56 -9.57 10.98
CA ILE A 392 24.84 -9.33 9.56
C ILE A 392 24.08 -8.11 9.07
N ALA A 393 22.79 -8.03 9.39
CA ALA A 393 22.01 -6.89 8.95
C ALA A 393 22.48 -5.58 9.55
N GLN A 394 22.99 -5.62 10.79
CA GLN A 394 23.41 -4.38 11.42
C GLN A 394 24.80 -3.97 10.96
N SER A 395 25.68 -4.93 10.65
CA SER A 395 27.02 -4.60 10.22
C SER A 395 27.01 -3.72 8.98
N TYR A 396 25.91 -3.72 8.24
CA TYR A 396 25.73 -2.77 7.15
C TYR A 396 24.99 -1.52 7.60
N LEU A 397 23.76 -1.69 8.10
CA LEU A 397 22.91 -0.55 8.43
C LEU A 397 23.51 0.34 9.52
N SER A 398 24.38 -0.21 10.37
CA SER A 398 24.91 0.61 11.46
C SER A 398 25.89 1.66 10.96
N SER A 399 26.26 1.63 9.69
CA SER A 399 27.18 2.62 9.15
C SER A 399 26.48 3.89 8.75
N PHE A 400 25.14 3.87 8.69
CA PHE A 400 24.37 5.03 8.29
C PHE A 400 23.84 5.84 9.46
N THR A 401 24.08 5.42 10.70
CA THR A 401 23.36 6.02 11.82
C THR A 401 23.79 7.46 12.03
N ASP A 402 25.08 7.76 11.92
CA ASP A 402 25.53 9.12 12.21
C ASP A 402 25.36 10.03 11.00
N GLU A 403 25.13 9.46 9.81
CA GLU A 403 24.79 10.29 8.66
C GLU A 403 23.32 10.66 8.66
N ILE A 404 22.46 9.80 9.20
CA ILE A 404 21.03 10.08 9.23
C ILE A 404 20.70 11.02 10.38
N ALA A 405 21.28 10.81 11.55
CA ALA A 405 21.02 11.68 12.68
C ALA A 405 21.35 13.13 12.36
N LYS A 406 22.26 13.37 11.42
CA LYS A 406 22.48 14.72 10.93
C LYS A 406 21.25 15.24 10.21
N ARG A 407 20.62 14.39 9.41
CA ARG A 407 19.48 14.82 8.61
C ARG A 407 18.18 14.82 9.41
N VAL A 408 18.09 13.98 10.44
CA VAL A 408 16.88 13.95 11.25
C VAL A 408 16.87 15.09 12.25
N ASN A 409 18.02 15.72 12.49
CA ASN A 409 18.04 16.93 13.31
C ASN A 409 17.61 18.15 12.51
N GLY A 410 17.91 18.18 11.22
CA GLY A 410 17.60 19.37 10.43
C GLY A 410 16.11 19.57 10.24
N ARG A 411 15.34 18.48 10.32
CA ARG A 411 13.90 18.59 10.16
C ARG A 411 13.26 19.21 11.39
N HIS A 412 12.07 19.74 11.21
CA HIS A 412 11.23 20.13 12.33
C HIS A 412 10.02 19.21 12.33
N HIS A 413 9.94 18.35 13.34
CA HIS A 413 8.98 17.26 13.32
C HIS A 413 7.57 17.67 13.72
N ASP A 414 7.42 18.61 14.66
CA ASP A 414 6.09 19.14 14.92
C ASP A 414 5.52 19.80 13.68
N GLU A 415 6.33 20.63 13.02
CA GLU A 415 5.91 21.23 11.75
C GLU A 415 5.74 20.17 10.67
N ALA A 416 6.39 19.02 10.83
CA ALA A 416 6.23 17.95 9.86
C ALA A 416 4.87 17.28 10.03
N TRP A 417 4.37 17.20 11.26
CA TRP A 417 3.11 16.52 11.49
C TRP A 417 1.92 17.42 11.18
N LEU A 418 2.03 18.72 11.44
CA LEU A 418 0.98 19.64 10.99
C LEU A 418 0.79 19.55 9.48
N ASN A 419 1.89 19.36 8.75
CA ASN A 419 1.80 19.26 7.31
C ASN A 419 1.09 17.98 6.89
N PHE A 420 1.11 16.96 7.74
CA PHE A 420 0.33 15.76 7.45
C PHE A 420 -1.14 15.97 7.73
N LEU A 421 -1.47 16.54 8.89
CA LEU A 421 -2.87 16.75 9.25
C LEU A 421 -3.54 17.76 8.32
N THR A 422 -2.78 18.74 7.84
CA THR A 422 -3.37 19.79 7.00
C THR A 422 -3.57 19.32 5.58
N THR A 423 -2.56 18.69 4.99
CA THR A 423 -2.56 18.34 3.58
C THR A 423 -3.29 17.04 3.27
N SER A 424 -3.86 16.39 4.29
CA SER A 424 -4.62 15.18 4.05
C SER A 424 -5.98 15.27 4.75
N ARG A 449 -5.23 27.98 8.89
CA ARG A 449 -4.21 27.16 9.52
C ARG A 449 -4.24 27.26 11.04
N ILE A 450 -4.39 28.49 11.54
CA ILE A 450 -4.43 28.72 12.98
C ILE A 450 -5.43 27.80 13.65
N VAL A 451 -6.47 27.38 12.93
CA VAL A 451 -7.39 26.38 13.44
C VAL A 451 -6.65 25.08 13.74
N MET A 452 -5.71 24.70 12.87
CA MET A 452 -5.08 23.40 13.01
C MET A 452 -4.07 23.37 14.14
N GLN A 453 -3.59 24.53 14.58
CA GLN A 453 -2.68 24.53 15.72
C GLN A 453 -3.43 24.37 17.03
N ALA A 454 -4.68 24.84 17.08
CA ALA A 454 -5.52 24.56 18.24
C ALA A 454 -5.86 23.09 18.31
N VAL A 455 -5.97 22.43 17.15
CA VAL A 455 -6.24 21.00 17.12
C VAL A 455 -5.01 20.23 17.60
N PHE A 456 -3.84 20.59 17.10
CA PHE A 456 -2.61 19.91 17.47
C PHE A 456 -2.29 20.13 18.94
N ALA A 457 -2.65 21.30 19.48
CA ALA A 457 -2.39 21.58 20.88
C ALA A 457 -3.35 20.83 21.78
N ARG A 458 -4.59 20.64 21.35
CA ARG A 458 -5.53 19.86 22.13
C ARG A 458 -5.33 18.36 21.97
N GLU A 459 -5.18 17.87 20.74
CA GLU A 459 -5.08 16.44 20.49
C GLU A 459 -3.72 15.84 20.86
N TYR A 460 -2.62 16.39 20.32
CA TYR A 460 -1.34 15.71 20.31
C TYR A 460 -0.35 16.15 21.38
N ARG A 461 -0.67 17.09 22.24
CA ARG A 461 0.24 17.47 23.32
C ARG A 461 -0.04 16.71 24.61
N THR A 462 -1.09 15.93 24.65
CA THR A 462 -1.46 15.24 25.86
C THR A 462 -0.86 13.84 25.89
N PRO A 463 -0.39 13.36 27.05
CA PRO A 463 -0.07 11.94 27.15
C PRO A 463 -1.24 11.04 26.83
N GLU A 464 -2.46 11.53 27.00
CA GLU A 464 -3.65 10.76 26.62
C GLU A 464 -3.66 10.43 25.13
N ARG A 465 -2.85 11.12 24.33
CA ARG A 465 -2.82 10.81 22.90
C ARG A 465 -2.21 9.44 22.66
N ILE A 466 -1.10 9.16 23.34
CA ILE A 466 -0.49 7.84 23.27
C ILE A 466 -1.47 6.76 23.70
N PHE A 467 -2.38 7.08 24.61
CA PHE A 467 -3.33 6.09 25.10
C PHE A 467 -4.44 5.85 24.09
N LYS A 468 -4.87 6.89 23.37
CA LYS A 468 -5.94 6.72 22.38
C LYS A 468 -5.49 5.84 21.23
N SER A 469 -4.23 5.95 20.81
CA SER A 469 -3.74 5.20 19.66
C SER A 469 -3.41 3.76 20.00
N LEU A 470 -3.18 3.42 21.27
CA LEU A 470 -3.01 2.02 21.62
C LEU A 470 -4.35 1.31 21.68
N LYS A 471 -5.42 2.06 21.91
CA LYS A 471 -6.73 1.46 22.11
C LYS A 471 -7.50 1.35 20.81
N ALA A 472 -6.99 1.95 19.75
CA ALA A 472 -7.72 2.01 18.50
C ALA A 472 -7.53 0.73 17.70
N PRO A 473 -8.58 0.19 17.08
CA PRO A 473 -8.41 -0.96 16.19
C PRO A 473 -7.83 -0.55 14.85
N ILE A 474 -7.36 -1.55 14.11
CA ILE A 474 -6.79 -1.34 12.79
C ILE A 474 -7.75 -1.97 11.78
N LYS A 475 -8.29 -1.16 10.87
CA LYS A 475 -9.20 -1.68 9.87
C LYS A 475 -8.43 -2.45 8.81
N LEU A 476 -9.14 -3.32 8.09
CA LEU A 476 -8.55 -4.15 7.07
C LEU A 476 -8.96 -3.63 5.69
N VAL A 477 -8.00 -3.08 4.95
CA VAL A 477 -8.23 -2.58 3.61
C VAL A 477 -7.71 -3.59 2.62
N GLU A 478 -8.52 -3.93 1.63
CA GLU A 478 -8.11 -4.85 0.57
C GLU A 478 -8.24 -4.18 -0.77
N ARG A 479 -7.40 -4.61 -1.71
CA ARG A 479 -7.39 -4.07 -3.07
C ARG A 479 -7.27 -5.24 -4.04
N GLN A 480 -8.22 -5.35 -4.95
CA GLN A 480 -8.23 -6.45 -5.90
C GLN A 480 -7.15 -6.28 -6.95
N GLN A 481 -6.76 -7.41 -7.56
CA GLN A 481 -5.75 -7.42 -8.60
C GLN A 481 -5.94 -8.64 -9.47
N SER A 482 -5.46 -8.55 -10.71
CA SER A 482 -5.65 -9.61 -11.67
C SER A 482 -4.66 -10.75 -11.45
N ASP A 483 -5.10 -11.96 -11.77
CA ASP A 483 -4.39 -13.24 -11.65
C ASP A 483 -3.61 -13.36 -10.35
N ARG A 484 -4.20 -12.88 -9.26
CA ARG A 484 -3.63 -13.09 -7.94
C ARG A 484 -4.75 -12.94 -6.93
N ARG A 485 -4.56 -13.53 -5.76
CA ARG A 485 -5.55 -13.47 -4.70
C ARG A 485 -5.74 -12.02 -4.26
N GLN A 486 -6.89 -11.76 -3.62
CA GLN A 486 -7.10 -10.45 -3.02
C GLN A 486 -6.00 -10.14 -2.02
N ARG A 487 -5.50 -8.91 -2.08
CA ARG A 487 -4.34 -8.48 -1.31
C ARG A 487 -4.76 -7.51 -0.23
N ALA A 488 -4.27 -7.73 0.98
CA ALA A 488 -4.54 -6.84 2.09
C ALA A 488 -3.46 -5.78 2.17
N ILE A 489 -3.86 -4.52 2.14
CA ILE A 489 -2.96 -3.38 2.26
C ILE A 489 -3.42 -2.53 3.41
N SER A 490 -2.53 -1.66 3.88
CA SER A 490 -2.81 -0.82 5.03
C SER A 490 -3.14 0.60 4.57
N GLY A 491 -4.27 1.12 5.03
CA GLY A 491 -4.66 2.48 4.72
C GLY A 491 -4.13 3.46 5.75
N LEU A 492 -4.43 4.74 5.52
CA LEU A 492 -3.93 5.81 6.36
C LEU A 492 -4.87 6.01 7.55
N ASP A 493 -4.31 5.93 8.75
CA ASP A 493 -5.00 6.27 9.98
C ASP A 493 -4.36 7.53 10.56
N ASN A 494 -5.15 8.28 11.32
CA ASN A 494 -4.57 9.41 12.02
C ASN A 494 -3.90 8.99 13.32
N ASP A 495 -4.54 8.09 14.08
CA ASP A 495 -4.05 7.68 15.38
C ASP A 495 -2.97 6.61 15.34
N ARG A 496 -3.10 5.61 14.48
CA ARG A 496 -2.12 4.54 14.42
C ARG A 496 -0.87 4.97 13.66
N LEU A 497 -1.03 5.87 12.69
CA LEU A 497 0.12 6.32 11.92
C LEU A 497 1.00 7.27 12.73
N PHE A 498 0.46 7.81 13.82
CA PHE A 498 1.22 8.73 14.65
C PHE A 498 2.25 8.02 15.51
N LEU A 499 2.00 6.76 15.89
CA LEU A 499 3.00 6.03 16.66
C LEU A 499 4.23 5.73 15.81
N SER A 500 4.02 5.30 14.57
CA SER A 500 5.09 4.91 13.67
C SER A 500 5.59 6.05 12.80
N PHE A 501 5.10 7.27 13.01
CA PHE A 501 5.55 8.38 12.19
C PHE A 501 7.02 8.68 12.42
N MET A 502 7.45 8.62 13.68
CA MET A 502 8.85 8.93 13.98
C MET A 502 9.82 7.88 13.46
N PRO A 503 9.59 6.57 13.62
CA PRO A 503 10.49 5.60 12.97
C PRO A 503 10.52 5.74 11.46
N TYR A 504 9.37 6.01 10.83
CA TYR A 504 9.33 6.23 9.40
C TYR A 504 10.24 7.38 8.97
N THR A 505 10.15 8.52 9.68
CA THR A 505 10.98 9.66 9.32
C THR A 505 12.46 9.30 9.35
N ILE A 506 12.87 8.53 10.36
CA ILE A 506 14.26 8.10 10.44
C ILE A 506 14.55 7.05 9.37
N GLY A 507 13.58 6.22 9.04
CA GLY A 507 13.85 5.11 8.14
C GLY A 507 14.01 5.53 6.69
N LYS A 508 13.19 6.46 6.23
CA LYS A 508 13.21 6.85 4.83
C LYS A 508 14.45 7.64 4.45
N GLN A 509 15.29 8.01 5.42
CA GLN A 509 16.45 8.81 5.09
C GLN A 509 17.49 8.01 4.34
N ILE A 510 17.39 6.68 4.36
CA ILE A 510 18.35 5.84 3.65
C ILE A 510 18.14 5.90 2.15
N TYR A 511 16.95 6.28 1.70
CA TYR A 511 16.67 6.28 0.28
C TYR A 511 17.57 7.24 -0.48
N GLU A 512 18.05 8.28 0.18
CA GLU A 512 18.94 9.23 -0.45
C GLU A 512 20.41 8.82 -0.36
N LEU A 513 20.73 7.85 0.50
CA LEU A 513 22.10 7.43 0.73
C LEU A 513 22.47 6.18 -0.05
N ASN A 514 21.54 5.67 -0.88
CA ASN A 514 21.77 4.38 -1.54
C ASN A 514 21.22 4.38 -2.95
N ASP A 515 21.70 3.41 -3.73
CA ASP A 515 21.11 3.01 -5.00
C ASP A 515 20.20 1.79 -4.85
N ASN A 516 20.11 1.23 -3.65
CA ASN A 516 19.60 -0.12 -3.47
C ASN A 516 18.10 -0.27 -3.68
N ALA A 517 17.37 0.82 -3.91
CA ALA A 517 15.94 0.74 -4.10
C ALA A 517 15.49 1.76 -5.12
N ALA A 518 14.46 1.43 -5.90
CA ALA A 518 13.95 2.38 -6.89
C ALA A 518 12.68 3.02 -6.35
N GLN A 519 12.83 4.25 -5.87
CA GLN A 519 11.71 5.11 -5.52
C GLN A 519 11.45 6.18 -6.59
N GLY A 520 12.26 6.23 -7.64
CA GLY A 520 12.22 7.33 -8.56
C GLY A 520 10.92 7.44 -9.33
N LYS A 521 10.78 8.56 -10.04
CA LYS A 521 9.66 8.71 -10.96
C LYS A 521 9.81 7.76 -12.13
N GLN A 522 8.69 7.19 -12.57
CA GLN A 522 8.71 6.25 -13.67
C GLN A 522 8.37 6.96 -14.97
N ALA A 523 9.22 6.76 -15.97
CA ALA A 523 9.04 7.42 -17.26
C ALA A 523 7.98 6.77 -18.12
N GLY A 524 7.88 5.44 -18.08
CA GLY A 524 6.95 4.72 -18.92
C GLY A 524 7.55 4.22 -20.22
N ASN A 525 8.68 4.74 -20.64
CA ASN A 525 9.37 4.34 -21.85
C ASN A 525 10.17 3.06 -21.59
N ALA A 526 11.01 2.69 -22.55
CA ALA A 526 12.05 1.71 -22.28
C ALA A 526 13.14 2.28 -21.39
N PHE A 527 13.08 3.58 -21.08
CA PHE A 527 13.98 4.16 -20.09
C PHE A 527 13.81 3.48 -18.74
N ASP A 528 12.64 2.91 -18.50
CA ASP A 528 12.36 2.32 -17.19
C ASP A 528 13.07 0.99 -17.01
N ILE A 529 13.01 0.12 -18.02
CA ILE A 529 13.66 -1.18 -17.97
C ILE A 529 15.07 -1.08 -18.52
N GLY A 530 15.50 0.13 -18.85
CA GLY A 530 16.76 0.30 -19.54
C GLY A 530 17.95 -0.21 -18.75
N GLU A 531 17.80 -0.38 -17.43
CA GLU A 531 18.92 -0.85 -16.64
C GLU A 531 18.97 -2.37 -16.54
N MET A 532 17.87 -3.07 -16.85
CA MET A 532 17.93 -4.52 -16.92
C MET A 532 18.05 -5.03 -18.34
N LEU A 533 17.99 -4.14 -19.33
CA LEU A 533 18.37 -4.52 -20.69
C LEU A 533 19.87 -4.45 -20.86
N TYR A 534 20.55 -3.78 -19.94
CA TYR A 534 22.01 -3.72 -19.98
C TYR A 534 22.62 -4.99 -19.40
N TRP A 535 22.06 -5.49 -18.29
CA TRP A 535 22.68 -6.62 -17.61
C TRP A 535 22.31 -7.97 -18.22
N THR A 536 21.20 -8.07 -18.95
CA THR A 536 20.91 -9.29 -19.68
C THR A 536 21.77 -9.41 -20.93
N SER A 537 22.35 -8.32 -21.40
CA SER A 537 23.27 -8.35 -22.52
C SER A 537 24.72 -8.57 -22.11
N GLN A 538 25.03 -8.44 -20.83
CA GLN A 538 26.39 -8.60 -20.35
C GLN A 538 26.81 -10.07 -20.33
N ARG A 539 28.12 -10.27 -20.23
CA ARG A 539 28.72 -11.58 -20.28
C ARG A 539 29.10 -12.05 -18.87
N ASN A 540 29.01 -13.37 -18.66
CA ASN A 540 29.32 -13.98 -17.37
C ASN A 540 28.42 -13.44 -16.25
N VAL A 541 27.11 -13.43 -16.49
CA VAL A 541 26.17 -12.84 -15.55
C VAL A 541 25.21 -13.91 -15.06
N LEU A 542 24.93 -13.87 -13.76
CA LEU A 542 23.90 -14.71 -13.15
C LEU A 542 22.82 -13.79 -12.61
N LEU A 543 21.57 -14.08 -12.94
CA LEU A 543 20.47 -13.15 -12.71
C LEU A 543 19.47 -13.75 -11.73
N SER A 544 19.36 -13.14 -10.56
CA SER A 544 18.46 -13.58 -9.51
C SER A 544 17.28 -12.61 -9.39
N SER A 545 16.08 -13.17 -9.33
CA SER A 545 14.88 -12.37 -9.13
C SER A 545 13.98 -13.09 -8.14
N ILE A 546 13.73 -12.46 -6.99
CA ILE A 546 12.90 -13.03 -5.93
C ILE A 546 11.55 -12.35 -5.94
N ASP A 547 10.49 -13.13 -5.73
CA ASP A 547 9.15 -12.58 -5.58
C ASP A 547 8.86 -12.38 -4.10
N VAL A 548 8.81 -11.12 -3.68
CA VAL A 548 8.66 -10.78 -2.27
C VAL A 548 7.22 -10.44 -1.92
N ALA A 549 6.30 -10.57 -2.88
CA ALA A 549 4.92 -10.14 -2.67
C ALA A 549 4.30 -10.79 -1.44
N GLY A 550 4.58 -12.07 -1.21
CA GLY A 550 4.03 -12.77 -0.07
C GLY A 550 4.84 -12.71 1.19
N MET A 551 5.70 -11.69 1.33
CA MET A 551 6.60 -11.63 2.47
C MET A 551 5.90 -11.14 3.73
N ASP A 552 5.01 -10.16 3.60
CA ASP A 552 4.54 -9.44 4.78
C ASP A 552 3.88 -10.37 5.80
N ALA A 553 3.48 -11.58 5.38
CA ALA A 553 3.06 -12.58 6.35
C ALA A 553 4.24 -13.24 7.02
N SER A 554 5.29 -13.54 6.27
CA SER A 554 6.46 -14.20 6.82
C SER A 554 7.16 -13.36 7.88
N VAL A 555 7.01 -12.04 7.84
CA VAL A 555 7.56 -11.19 8.89
C VAL A 555 6.87 -11.52 10.20
N THR A 556 7.67 -11.74 11.24
CA THR A 556 7.15 -12.07 12.56
C THR A 556 7.44 -10.91 13.51
N THR A 557 7.10 -11.10 14.78
CA THR A 557 7.35 -10.04 15.75
C THR A 557 8.84 -9.88 16.02
N ASN A 558 9.57 -10.99 16.08
CA ASN A 558 11.01 -10.93 16.28
C ASN A 558 11.75 -10.46 15.03
N THR A 559 11.12 -10.49 13.87
CA THR A 559 11.80 -10.05 12.66
C THR A 559 11.84 -8.53 12.56
N LYS A 560 10.77 -7.85 12.98
CA LYS A 560 10.77 -6.40 13.00
C LYS A 560 11.86 -5.85 13.92
N ASP A 561 12.34 -6.65 14.85
CA ASP A 561 13.33 -6.16 15.81
C ASP A 561 14.69 -5.97 15.16
N ILE A 562 14.86 -6.37 13.90
CA ILE A 562 16.08 -6.03 13.17
C ILE A 562 16.03 -4.58 12.69
N TYR A 563 14.83 -4.08 12.44
CA TYR A 563 14.68 -2.68 12.05
C TYR A 563 14.73 -1.76 13.26
N ASN A 564 14.26 -2.24 14.42
CA ASN A 564 14.24 -1.40 15.61
C ASN A 564 15.66 -1.09 16.08
N THR A 565 16.58 -2.05 15.97
CA THR A 565 17.95 -1.79 16.36
C THR A 565 18.60 -0.75 15.46
N PHE A 566 18.10 -0.61 14.24
CA PHE A 566 18.59 0.44 13.36
C PHE A 566 18.02 1.79 13.74
N VAL A 567 16.74 1.85 14.10
CA VAL A 567 16.12 3.12 14.44
C VAL A 567 16.55 3.58 15.82
N LEU A 568 16.64 2.68 16.79
CA LEU A 568 17.01 3.10 18.14
C LEU A 568 18.47 3.52 18.21
N ASP A 569 19.29 3.08 17.26
CA ASP A 569 20.68 3.56 17.22
C ASP A 569 20.77 4.92 16.55
N VAL A 570 19.85 5.23 15.63
CA VAL A 570 19.83 6.55 15.03
C VAL A 570 19.15 7.55 15.95
N ALA A 571 18.13 7.10 16.67
CA ALA A 571 17.39 8.00 17.55
C ALA A 571 18.20 8.38 18.78
N SER A 572 19.17 7.54 19.16
CA SER A 572 20.01 7.89 20.29
C SER A 572 20.93 9.04 19.97
N LYS A 573 21.35 9.16 18.71
CA LYS A 573 22.17 10.28 18.27
C LYS A 573 21.34 11.52 17.96
N CYS A 574 20.20 11.34 17.30
CA CYS A 574 19.31 12.44 16.99
C CYS A 574 18.80 13.11 18.26
N THR A 575 18.86 14.45 18.28
CA THR A 575 18.32 15.22 19.40
C THR A 575 17.23 16.16 18.92
N VAL A 576 15.98 15.85 19.25
CA VAL A 576 14.86 16.74 18.97
C VAL A 576 14.27 17.20 20.29
N PRO A 577 14.15 18.50 20.52
CA PRO A 577 13.67 18.97 21.82
C PRO A 577 12.27 18.48 22.17
N ARG A 578 11.32 18.58 21.24
CA ARG A 578 9.97 18.08 21.47
C ARG A 578 9.37 17.52 20.20
N PHE A 579 8.76 16.35 20.33
CA PHE A 579 7.77 15.85 19.37
C PHE A 579 6.59 15.42 20.23
N GLY A 580 5.50 16.16 20.14
CA GLY A 580 4.40 16.00 21.07
C GLY A 580 3.84 14.59 21.08
N PRO A 581 3.47 14.08 22.26
CA PRO A 581 3.58 14.64 23.61
C PRO A 581 4.84 14.21 24.36
N TYR A 582 6.03 14.42 23.81
CA TYR A 582 7.26 13.94 24.43
C TYR A 582 8.19 15.11 24.65
N TYR A 583 8.90 15.10 25.78
CA TYR A 583 9.84 16.16 26.08
C TYR A 583 11.24 15.57 26.23
N ALA A 584 12.25 16.39 25.96
CA ALA A 584 13.61 16.01 26.28
C ALA A 584 13.86 16.25 27.75
N LYS A 585 14.25 15.20 28.47
CA LYS A 585 14.32 15.27 29.92
C LYS A 585 15.30 14.21 30.41
N ASN A 586 15.71 14.36 31.65
CA ASN A 586 16.56 13.35 32.29
C ASN A 586 15.70 12.20 32.75
N MET A 587 15.97 11.01 32.22
CA MET A 587 15.13 9.84 32.44
C MET A 587 15.92 8.78 33.19
N GLU A 588 15.28 8.15 34.17
CA GLU A 588 15.91 7.02 34.84
C GLU A 588 16.03 5.85 33.88
N VAL A 589 17.19 5.21 33.90
CA VAL A 589 17.59 4.28 32.85
C VAL A 589 18.37 3.15 33.51
N PHE A 590 18.12 1.93 33.06
CA PHE A 590 18.89 0.77 33.49
C PHE A 590 19.87 0.40 32.40
N GLU A 591 21.06 -0.04 32.80
CA GLU A 591 22.08 -0.46 31.86
C GLU A 591 22.57 -1.85 32.19
N ALA A 592 23.26 -2.46 31.23
CA ALA A 592 23.80 -3.79 31.44
C ALA A 592 25.11 -3.70 32.22
N GLY A 593 25.17 -4.38 33.36
CA GLY A 593 26.33 -4.32 34.22
C GLY A 593 26.18 -3.44 35.43
N ASN A 594 25.25 -2.49 35.40
CA ASN A 594 24.99 -1.61 36.54
C ASN A 594 23.72 -2.06 37.24
N ARG A 595 23.78 -2.21 38.56
CA ARG A 595 22.67 -2.79 39.30
C ARG A 595 21.61 -1.75 39.64
N GLN A 596 21.94 -0.47 39.54
CA GLN A 596 21.00 0.58 39.89
C GLN A 596 20.70 1.46 38.69
N SER A 597 19.56 2.14 38.75
CA SER A 597 19.10 2.93 37.63
C SER A 597 19.98 4.16 37.44
N GLN A 598 20.50 4.30 36.23
CA GLN A 598 21.29 5.46 35.86
C GLN A 598 20.37 6.61 35.48
N VAL A 599 20.95 7.72 35.03
CA VAL A 599 20.18 8.85 34.53
C VAL A 599 20.86 9.38 33.27
N ARG A 600 20.13 9.43 32.17
CA ARG A 600 20.62 9.95 30.91
C ARG A 600 19.68 11.06 30.43
N TYR A 601 20.17 11.84 29.48
CA TYR A 601 19.35 12.85 28.84
C TYR A 601 18.77 12.22 27.59
N VAL A 602 17.47 11.95 27.61
CA VAL A 602 16.83 11.17 26.56
C VAL A 602 15.90 12.08 25.77
N ASN A 603 16.27 12.32 24.51
CA ASN A 603 15.58 13.27 23.65
C ASN A 603 14.25 12.73 23.16
N ALA A 604 13.41 13.64 22.66
CA ALA A 604 12.03 13.29 22.36
C ALA A 604 11.90 12.36 21.16
N ALA A 605 12.97 12.20 20.39
CA ALA A 605 12.90 11.24 19.28
C ALA A 605 13.07 9.83 19.78
N TRP A 606 13.95 9.63 20.75
CA TRP A 606 14.28 8.29 21.20
C TRP A 606 13.45 7.90 22.42
N GLN A 607 12.58 8.80 22.87
CA GLN A 607 11.41 8.39 23.62
C GLN A 607 10.30 7.91 22.70
N ALA A 608 10.16 8.55 21.55
CA ALA A 608 9.04 8.26 20.66
C ALA A 608 9.29 7.01 19.83
N CYS A 609 10.56 6.74 19.50
CA CYS A 609 10.90 5.51 18.79
C CYS A 609 10.96 4.30 19.72
N ALA A 610 11.20 4.54 21.01
CA ALA A 610 11.28 3.43 21.96
C ALA A 610 9.89 2.97 22.37
N LEU A 611 8.91 3.87 22.35
CA LEU A 611 7.55 3.49 22.68
C LEU A 611 6.83 2.86 21.49
N GLU A 612 7.29 3.13 20.27
CA GLU A 612 6.65 2.53 19.12
C GLU A 612 7.04 1.08 18.97
N ALA A 613 8.27 0.73 19.37
CA ALA A 613 8.71 -0.65 19.27
C ALA A 613 8.17 -1.48 20.42
N ALA A 614 8.19 -0.93 21.64
CA ALA A 614 7.79 -1.72 22.80
C ALA A 614 6.30 -1.99 22.82
N ASN A 615 5.49 -1.08 22.27
CA ASN A 615 4.06 -1.31 22.16
C ASN A 615 3.75 -1.62 20.69
N SER A 616 3.50 -2.89 20.42
CA SER A 616 3.26 -3.35 19.06
C SER A 616 1.98 -4.17 19.05
N GLN A 617 0.93 -3.65 18.42
CA GLN A 617 -0.25 -4.44 18.12
C GLN A 617 -0.44 -4.37 16.61
N THR A 618 -0.14 -5.48 15.95
CA THR A 618 -0.20 -5.57 14.51
C THR A 618 -1.57 -5.94 13.97
N SER A 619 -2.32 -6.75 14.71
CA SER A 619 -3.44 -7.49 14.12
C SER A 619 -4.57 -6.58 13.70
N THR A 620 -4.95 -6.68 12.43
CA THR A 620 -6.08 -5.96 11.88
C THR A 620 -7.39 -6.60 12.33
N SER A 621 -8.47 -5.83 12.24
CA SER A 621 -9.80 -6.33 12.55
C SER A 621 -10.76 -5.93 11.43
N TYR A 622 -11.30 -6.92 10.76
CA TYR A 622 -12.37 -6.72 9.78
C TYR A 622 -13.71 -7.03 10.43
N GLU A 623 -14.72 -6.23 10.14
CA GLU A 623 -16.05 -6.40 10.71
C GLU A 623 -16.93 -7.03 9.63
N SER A 624 -17.29 -8.29 9.84
CA SER A 624 -18.05 -9.05 8.85
C SER A 624 -19.53 -9.11 9.21
N GLU A 625 -20.37 -8.94 8.19
CA GLU A 625 -21.81 -8.98 8.42
C GLU A 625 -22.26 -10.34 8.92
N ILE A 626 -21.52 -11.40 8.57
CA ILE A 626 -21.84 -12.75 9.02
C ILE A 626 -21.44 -12.90 10.48
N PHE A 627 -20.14 -12.83 10.75
CA PHE A 627 -19.59 -13.25 12.03
C PHE A 627 -19.41 -12.10 13.01
N GLY A 628 -19.84 -10.90 12.67
CA GLY A 628 -19.51 -9.83 13.58
C GLY A 628 -18.10 -9.31 13.31
N GLN A 629 -17.38 -8.98 14.38
CA GLN A 629 -16.02 -8.47 14.26
C GLN A 629 -15.03 -9.62 14.32
N VAL A 630 -14.28 -9.79 13.25
CA VAL A 630 -13.24 -10.82 13.15
C VAL A 630 -11.90 -10.13 13.31
N LYS A 631 -10.99 -10.76 14.05
CA LYS A 631 -9.70 -10.18 14.37
C LYS A 631 -8.58 -11.10 13.93
N ASN A 632 -7.61 -10.57 13.21
CA ASN A 632 -6.51 -11.38 12.70
C ASN A 632 -5.54 -11.74 13.82
N ALA A 633 -4.72 -12.76 13.55
CA ALA A 633 -3.62 -13.11 14.45
C ALA A 633 -2.53 -12.04 14.40
N GLU A 634 -1.63 -12.10 15.39
CA GLU A 634 -0.81 -10.94 15.72
C GLU A 634 0.35 -10.72 14.75
N GLY A 635 0.71 -11.73 13.96
CA GLY A 635 2.01 -11.71 13.31
C GLY A 635 2.22 -10.61 12.28
N THR A 636 1.36 -10.54 11.25
CA THR A 636 1.70 -9.90 9.98
C THR A 636 1.07 -8.52 9.83
N TYR A 637 1.88 -7.55 9.42
CA TYR A 637 1.40 -6.20 9.14
C TYR A 637 1.48 -5.95 7.63
N PRO A 638 0.38 -5.57 6.99
CA PRO A 638 0.41 -5.43 5.52
C PRO A 638 1.31 -4.30 5.05
N SER A 639 1.65 -4.36 3.76
CA SER A 639 2.73 -3.59 3.16
C SER A 639 2.29 -2.30 2.49
N GLY A 640 1.03 -1.90 2.61
CA GLY A 640 0.51 -0.84 1.75
C GLY A 640 1.20 0.51 1.92
N ARG A 641 1.26 1.03 3.15
CA ARG A 641 1.66 2.40 3.38
C ARG A 641 3.15 2.63 3.17
N ALA A 642 3.50 3.91 3.06
CA ALA A 642 4.89 4.31 2.92
C ALA A 642 5.71 3.96 4.16
N ASP A 643 5.05 3.81 5.31
CA ASP A 643 5.81 3.62 6.54
C ASP A 643 6.33 2.20 6.66
N THR A 644 5.51 1.21 6.28
CA THR A 644 5.94 -0.18 6.33
C THR A 644 6.46 -0.67 4.99
N SER A 645 6.50 0.18 3.98
CA SER A 645 7.30 -0.11 2.80
C SER A 645 8.77 0.20 3.02
N THR A 646 9.08 1.17 3.88
CA THR A 646 10.48 1.38 4.25
C THR A 646 10.97 0.28 5.17
N HIS A 647 10.11 -0.24 6.03
CA HIS A 647 10.51 -1.37 6.86
C HIS A 647 10.94 -2.56 6.02
N HIS A 648 10.18 -2.85 4.96
CA HIS A 648 10.52 -3.98 4.11
C HIS A 648 11.66 -3.65 3.15
N THR A 649 11.85 -2.38 2.83
CA THR A 649 12.93 -2.00 1.93
C THR A 649 14.26 -1.97 2.66
N VAL A 650 14.27 -1.42 3.88
CA VAL A 650 15.51 -1.33 4.65
C VAL A 650 15.95 -2.71 5.10
N LEU A 651 14.99 -3.58 5.42
CA LEU A 651 15.35 -4.87 5.99
C LEU A 651 16.00 -5.77 4.95
N LEU A 652 15.56 -5.67 3.69
CA LEU A 652 16.09 -6.55 2.66
C LEU A 652 17.48 -6.13 2.24
N GLN A 653 17.68 -4.85 1.92
CA GLN A 653 19.02 -4.39 1.59
C GLN A 653 19.97 -4.55 2.75
N GLY A 654 19.46 -4.49 3.98
CA GLY A 654 20.30 -4.73 5.14
C GLY A 654 20.80 -6.15 5.19
N LEU A 655 19.97 -7.12 4.79
CA LEU A 655 20.37 -8.51 4.81
C LEU A 655 21.25 -8.86 3.62
N VAL A 656 20.89 -8.35 2.44
CA VAL A 656 21.57 -8.82 1.22
C VAL A 656 22.89 -8.10 1.04
N ARG A 657 22.95 -6.81 1.37
CA ARG A 657 24.22 -6.09 1.27
C ARG A 657 25.11 -6.40 2.46
N GLY A 658 24.51 -6.54 3.64
CA GLY A 658 25.28 -6.91 4.82
C GLY A 658 25.88 -8.30 4.72
N ASN A 659 25.23 -9.19 3.96
CA ASN A 659 25.80 -10.50 3.71
C ASN A 659 27.05 -10.38 2.84
N GLU A 660 27.08 -9.38 1.95
CA GLU A 660 28.24 -9.21 1.09
C GLU A 660 29.46 -8.79 1.91
N LEU A 661 29.25 -8.05 3.00
CA LEU A 661 30.37 -7.68 3.86
C LEU A 661 30.81 -8.86 4.71
N LYS A 662 29.88 -9.77 5.03
CA LYS A 662 30.23 -10.94 5.82
C LYS A 662 31.08 -11.92 5.05
N ARG A 663 30.90 -11.99 3.73
CA ARG A 663 31.75 -12.87 2.92
C ARG A 663 33.19 -12.40 2.93
N ALA A 664 33.41 -11.10 2.72
CA ALA A 664 34.78 -10.58 2.71
C ALA A 664 35.45 -10.81 4.07
N SER A 665 34.68 -10.90 5.14
CA SER A 665 35.25 -11.22 6.44
C SER A 665 35.62 -12.70 6.52
N ASP A 666 35.00 -13.54 5.71
CA ASP A 666 35.34 -14.96 5.65
C ASP A 666 36.40 -15.25 4.61
N GLY A 667 36.95 -14.24 3.95
CA GLY A 667 37.96 -14.44 2.95
C GLY A 667 37.44 -14.75 1.57
N LYS A 668 36.13 -14.92 1.43
CA LYS A 668 35.53 -15.22 0.13
C LYS A 668 35.33 -13.96 -0.70
N ASN A 669 35.31 -14.14 -2.01
CA ASN A 669 35.07 -13.04 -2.93
C ASN A 669 33.59 -12.66 -2.94
N SER A 670 33.31 -11.43 -3.40
CA SER A 670 31.94 -10.93 -3.53
C SER A 670 31.71 -10.45 -4.96
N CYS A 671 30.87 -11.17 -5.70
CA CYS A 671 30.65 -10.92 -7.12
C CYS A 671 29.37 -10.11 -7.39
N LEU A 672 28.63 -9.76 -6.36
CA LEU A 672 27.35 -9.06 -6.56
C LEU A 672 27.61 -7.68 -7.17
N ALA A 673 26.94 -7.40 -8.28
CA ALA A 673 27.05 -6.09 -8.91
C ALA A 673 26.05 -5.11 -8.31
N THR A 674 24.77 -5.30 -8.60
CA THR A 674 23.74 -4.37 -8.19
C THR A 674 22.58 -5.09 -7.50
N ILE A 675 21.80 -4.32 -6.76
CA ILE A 675 20.54 -4.77 -6.17
C ILE A 675 19.52 -3.65 -6.35
N LYS A 676 18.35 -4.02 -6.83
CA LYS A 676 17.22 -3.10 -6.87
C LYS A 676 16.07 -3.74 -6.11
N ILE A 677 15.62 -3.06 -5.06
CA ILE A 677 14.46 -3.52 -4.32
C ILE A 677 13.26 -2.82 -4.94
N LEU A 678 12.46 -3.59 -5.67
CA LEU A 678 11.27 -3.06 -6.32
C LEU A 678 10.11 -3.21 -5.35
N GLY A 679 8.88 -2.99 -5.81
CA GLY A 679 7.78 -3.15 -4.90
C GLY A 679 7.57 -4.59 -4.47
N ASP A 680 7.31 -5.47 -5.43
CA ASP A 680 7.12 -6.89 -5.17
C ASP A 680 8.34 -7.75 -5.45
N ASP A 681 9.47 -7.16 -5.83
CA ASP A 681 10.60 -7.93 -6.33
C ASP A 681 11.90 -7.48 -5.67
N ILE A 682 12.88 -8.39 -5.67
CA ILE A 682 14.27 -8.07 -5.40
C ILE A 682 15.07 -8.59 -6.56
N MET A 683 15.80 -7.71 -7.23
CA MET A 683 16.55 -8.06 -8.42
C MET A 683 18.04 -7.96 -8.14
N GLU A 684 18.72 -9.10 -8.06
CA GLU A 684 20.17 -9.11 -7.92
C GLU A 684 20.79 -9.54 -9.23
N ILE A 685 21.98 -9.00 -9.51
CA ILE A 685 22.76 -9.35 -10.68
C ILE A 685 24.17 -9.65 -10.22
N PHE A 686 24.60 -10.89 -10.40
CA PHE A 686 25.95 -11.31 -10.09
C PHE A 686 26.74 -11.46 -11.39
N GLN A 687 28.02 -11.09 -11.34
CA GLN A 687 28.89 -11.21 -12.51
C GLN A 687 30.21 -11.82 -12.07
N GLY A 688 30.56 -12.95 -12.65
CA GLY A 688 31.81 -13.61 -12.31
C GLY A 688 31.82 -15.01 -12.86
N SER A 689 32.78 -15.80 -12.38
CA SER A 689 32.86 -17.19 -12.79
C SER A 689 31.62 -17.94 -12.31
N GLU A 690 31.32 -19.04 -12.99
CA GLU A 690 30.13 -19.81 -12.64
C GLU A 690 30.24 -20.40 -11.26
N SER A 691 31.45 -20.63 -10.77
CA SER A 691 31.63 -21.15 -9.42
C SER A 691 31.34 -20.09 -8.38
N ASP A 692 31.80 -18.86 -8.62
CA ASP A 692 31.65 -17.80 -7.63
C ASP A 692 30.22 -17.29 -7.58
N THR A 693 29.64 -16.99 -8.75
CA THR A 693 28.29 -16.44 -8.77
C THR A 693 27.27 -17.38 -8.17
N TYR A 694 27.49 -18.69 -8.27
CA TYR A 694 26.54 -19.61 -7.66
C TYR A 694 26.74 -19.68 -6.16
N ASP A 695 27.99 -19.78 -5.71
CA ASP A 695 28.25 -19.91 -4.27
C ASP A 695 27.79 -18.66 -3.53
N HIS A 696 27.79 -17.51 -4.19
CA HIS A 696 27.32 -16.29 -3.54
C HIS A 696 25.79 -16.20 -3.61
N ALA A 697 25.22 -16.61 -4.74
CA ALA A 697 23.77 -16.55 -4.88
C ALA A 697 23.07 -17.53 -3.95
N VAL A 698 23.79 -18.59 -3.53
CA VAL A 698 23.23 -19.56 -2.62
C VAL A 698 23.26 -19.03 -1.19
N SER A 699 24.34 -18.34 -0.82
CA SER A 699 24.44 -17.87 0.55
C SER A 699 23.53 -16.68 0.80
N ASN A 700 23.14 -15.95 -0.25
CA ASN A 700 22.10 -14.95 -0.07
C ASN A 700 20.73 -15.61 0.07
N ALA A 701 20.61 -16.85 -0.40
CA ALA A 701 19.34 -17.57 -0.24
C ALA A 701 19.21 -18.11 1.16
N SER A 702 20.33 -18.54 1.76
CA SER A 702 20.26 -19.12 3.10
C SER A 702 20.09 -18.06 4.16
N ILE A 703 20.53 -16.82 3.88
CA ILE A 703 20.37 -15.75 4.87
C ILE A 703 18.95 -15.22 4.92
N LEU A 704 18.18 -15.35 3.85
CA LEU A 704 16.77 -15.03 3.95
C LEU A 704 15.98 -16.16 4.59
N ASN A 705 16.56 -17.36 4.63
CA ASN A 705 15.94 -18.44 5.38
C ASN A 705 16.20 -18.29 6.87
N GLU A 706 17.46 -18.03 7.25
CA GLU A 706 17.79 -17.88 8.66
C GLU A 706 17.04 -16.73 9.31
N SER A 707 16.53 -15.80 8.50
CA SER A 707 15.73 -14.69 8.98
C SER A 707 14.24 -15.00 8.97
N GLY A 708 13.85 -16.17 8.48
CA GLY A 708 12.49 -16.60 8.60
C GLY A 708 11.64 -16.48 7.36
N PHE A 709 12.22 -16.11 6.23
CA PHE A 709 11.47 -16.02 4.99
C PHE A 709 11.66 -17.30 4.20
N ALA A 710 10.56 -17.90 3.76
CA ALA A 710 10.61 -18.98 2.81
C ALA A 710 10.42 -18.38 1.42
N THR A 711 11.49 -18.35 0.63
CA THR A 711 11.49 -17.80 -0.70
C THR A 711 12.47 -18.58 -1.55
N THR A 712 12.15 -18.70 -2.83
CA THR A 712 13.04 -19.31 -3.80
C THR A 712 13.29 -18.34 -4.93
N ALA A 713 14.53 -17.89 -5.07
CA ALA A 713 14.90 -17.07 -6.22
C ALA A 713 14.82 -17.90 -7.49
N GLU A 714 14.53 -17.24 -8.60
CA GLU A 714 14.64 -17.88 -9.90
C GLU A 714 16.02 -17.53 -10.43
N LEU A 715 16.92 -18.51 -10.43
CA LEU A 715 18.26 -18.28 -10.91
C LEU A 715 18.33 -18.59 -12.39
N SER A 716 18.72 -17.60 -13.17
CA SER A 716 18.73 -17.79 -14.61
C SER A 716 19.89 -17.03 -15.20
N GLN A 717 20.55 -17.65 -16.17
CA GLN A 717 21.59 -16.98 -16.93
C GLN A 717 21.08 -15.84 -17.78
N ASN A 718 20.19 -16.12 -18.72
CA ASN A 718 19.78 -15.11 -19.69
C ASN A 718 18.42 -14.45 -19.48
N SER A 719 17.62 -14.83 -18.48
CA SER A 719 16.32 -14.21 -18.32
C SER A 719 16.16 -13.67 -16.90
N ILE A 720 15.42 -12.58 -16.78
CA ILE A 720 15.18 -11.98 -15.48
C ILE A 720 13.71 -11.58 -15.36
N VAL A 721 13.04 -12.06 -14.32
CA VAL A 721 11.59 -12.07 -14.25
C VAL A 721 11.14 -11.02 -13.25
N LEU A 722 10.10 -10.28 -13.61
CA LEU A 722 9.48 -9.33 -12.70
C LEU A 722 7.98 -9.42 -12.87
N LEU A 723 7.24 -8.50 -12.25
CA LEU A 723 5.82 -8.38 -12.57
C LEU A 723 5.66 -7.63 -13.88
N GLN A 724 4.69 -8.10 -14.67
CA GLN A 724 4.18 -7.43 -15.87
C GLN A 724 5.27 -7.12 -16.88
N GLN A 725 6.41 -7.78 -16.76
CA GLN A 725 7.52 -7.65 -17.69
C GLN A 725 8.35 -8.92 -17.62
N LEU A 726 8.95 -9.28 -18.76
CA LEU A 726 9.98 -10.31 -18.77
C LEU A 726 11.05 -9.88 -19.76
N VAL A 727 12.29 -9.77 -19.26
CA VAL A 727 13.40 -9.27 -20.06
C VAL A 727 14.38 -10.41 -20.28
N VAL A 728 14.48 -10.88 -21.53
CA VAL A 728 15.26 -12.06 -21.86
C VAL A 728 16.28 -11.66 -22.91
N ASN A 729 17.57 -11.76 -22.57
CA ASN A 729 18.66 -11.52 -23.50
C ASN A 729 18.55 -10.17 -24.20
N GLY A 730 18.41 -9.12 -23.40
CA GLY A 730 18.32 -7.80 -23.97
C GLY A 730 17.07 -7.52 -24.75
N THR A 731 16.05 -8.37 -24.64
CA THR A 731 14.77 -8.16 -25.30
C THR A 731 13.71 -7.95 -24.24
N PHE A 732 12.47 -7.80 -24.69
CA PHE A 732 11.35 -7.45 -23.83
C PHE A 732 10.18 -8.35 -24.17
N TRP A 733 9.67 -9.08 -23.19
CA TRP A 733 8.48 -9.91 -23.36
C TRP A 733 7.38 -9.30 -22.51
N GLY A 734 6.40 -8.67 -23.14
CA GLY A 734 5.36 -8.02 -22.40
C GLY A 734 4.22 -8.96 -22.06
N PHE A 735 3.59 -8.69 -20.92
CA PHE A 735 2.48 -9.52 -20.43
C PHE A 735 1.20 -8.77 -20.76
N ALA A 736 0.46 -9.28 -21.75
CA ALA A 736 -0.75 -8.60 -22.19
C ALA A 736 -1.99 -9.07 -21.45
N ASP A 737 -1.89 -10.14 -20.68
CA ASP A 737 -3.02 -10.60 -19.90
C ASP A 737 -3.25 -9.76 -18.65
N ARG A 738 -2.31 -8.88 -18.31
CA ARG A 738 -2.47 -8.02 -17.15
C ARG A 738 -3.12 -6.69 -17.49
N ILE A 739 -3.44 -6.44 -18.75
CA ILE A 739 -4.27 -5.31 -19.13
C ILE A 739 -5.66 -5.85 -19.46
N SER A 740 -6.62 -5.58 -18.59
CA SER A 740 -7.96 -6.13 -18.73
C SER A 740 -8.86 -5.08 -19.33
N LEU A 741 -9.25 -5.27 -20.59
CA LEU A 741 -10.10 -4.29 -21.25
C LEU A 741 -11.53 -4.37 -20.76
N TRP A 742 -11.99 -5.57 -20.41
CA TRP A 742 -13.42 -5.81 -20.27
C TRP A 742 -13.92 -5.77 -18.83
N THR A 743 -13.05 -5.60 -17.85
CA THR A 743 -13.45 -5.68 -16.44
C THR A 743 -12.78 -4.54 -15.67
N ARG A 744 -13.26 -4.33 -14.45
CA ARG A 744 -12.70 -3.30 -13.58
C ARG A 744 -12.71 -3.82 -12.15
N GLU A 745 -11.79 -3.27 -11.34
CA GLU A 745 -11.83 -3.50 -9.91
C GLU A 745 -12.83 -2.58 -9.21
N ASP A 746 -13.07 -1.40 -9.75
CA ASP A 746 -13.86 -0.40 -9.04
C ASP A 746 -15.35 -0.66 -9.16
N THR A 747 -15.81 -1.06 -10.35
CA THR A 747 -17.24 -1.07 -10.68
C THR A 747 -17.85 0.31 -10.43
N LYS A 748 -17.14 1.35 -10.88
CA LYS A 748 -17.58 2.73 -10.83
C LYS A 748 -18.38 3.11 -12.08
N ASP A 749 -18.71 2.12 -12.91
CA ASP A 749 -19.33 2.37 -14.21
C ASP A 749 -20.52 3.32 -14.09
N ILE A 750 -20.50 4.36 -14.93
CA ILE A 750 -21.58 5.35 -15.01
C ILE A 750 -21.74 5.66 -16.50
N GLY A 751 -22.57 6.64 -16.85
CA GLY A 751 -22.84 6.98 -18.22
C GLY A 751 -21.88 7.99 -18.83
N ARG A 752 -20.66 8.06 -18.31
CA ARG A 752 -19.70 9.09 -18.71
C ARG A 752 -18.93 8.60 -19.93
N LEU A 753 -19.16 9.25 -21.07
CA LEU A 753 -18.52 8.79 -22.31
C LEU A 753 -17.11 9.33 -22.46
N ASN A 754 -16.89 10.62 -22.14
CA ASN A 754 -15.56 11.18 -22.32
C ASN A 754 -14.53 10.49 -21.44
N LEU A 755 -14.88 10.25 -20.18
CA LEU A 755 -13.93 9.57 -19.29
C LEU A 755 -13.74 8.13 -19.70
N ALA A 756 -14.80 7.49 -20.20
CA ALA A 756 -14.69 6.10 -20.64
C ALA A 756 -13.88 6.00 -21.92
N MET A 757 -14.17 6.84 -22.90
CA MET A 757 -13.42 6.78 -24.16
C MET A 757 -11.98 7.18 -23.97
N MET A 758 -11.70 8.01 -22.96
CA MET A 758 -10.32 8.31 -22.60
C MET A 758 -9.69 7.12 -21.88
N GLU A 759 -10.48 6.34 -21.16
CA GLU A 759 -9.95 5.18 -20.46
C GLU A 759 -9.62 4.07 -21.44
N LEU A 760 -10.28 4.06 -22.60
CA LEU A 760 -10.00 3.03 -23.60
C LEU A 760 -8.74 3.37 -24.38
N ASN A 761 -8.49 4.66 -24.64
CA ASN A 761 -7.25 5.04 -25.31
C ASN A 761 -6.05 4.77 -24.43
N ALA A 762 -6.26 4.74 -23.11
CA ALA A 762 -5.16 4.46 -22.20
C ALA A 762 -4.82 2.98 -22.20
N LEU A 763 -5.83 2.12 -22.34
CA LEU A 763 -5.58 0.68 -22.35
C LEU A 763 -5.02 0.24 -23.70
N ILE A 764 -5.64 0.68 -24.80
CA ILE A 764 -5.16 0.32 -26.13
C ILE A 764 -3.71 0.76 -26.31
N ASP A 765 -3.35 1.95 -25.86
CA ASP A 765 -1.96 2.38 -25.93
C ASP A 765 -1.07 1.47 -25.09
N ASP A 766 -1.60 0.92 -24.00
CA ASP A 766 -0.77 0.18 -23.08
C ASP A 766 -0.48 -1.23 -23.59
N LEU A 767 -1.24 -1.68 -24.58
CA LEU A 767 -1.03 -3.02 -25.14
C LEU A 767 -0.19 -3.03 -26.40
N VAL A 768 0.24 -1.86 -26.90
CA VAL A 768 0.77 -1.80 -28.26
C VAL A 768 2.03 -2.65 -28.40
N PHE A 769 2.96 -2.56 -27.46
CA PHE A 769 4.18 -3.36 -27.59
C PHE A 769 4.11 -4.68 -26.83
N ARG A 770 2.99 -4.99 -26.19
CA ARG A 770 2.80 -6.27 -25.53
C ARG A 770 2.07 -7.26 -26.42
N VAL A 771 1.76 -6.87 -27.64
CA VAL A 771 0.86 -7.62 -28.50
C VAL A 771 1.56 -7.88 -29.81
N ARG A 772 1.28 -9.02 -30.43
CA ARG A 772 1.98 -9.38 -31.66
C ARG A 772 1.40 -8.74 -32.90
N ARG A 773 0.14 -8.32 -32.89
CA ARG A 773 -0.51 -7.78 -34.08
C ARG A 773 -1.33 -6.56 -33.69
N PRO A 774 -0.71 -5.38 -33.62
CA PRO A 774 -1.46 -4.18 -33.24
C PRO A 774 -2.53 -3.79 -34.24
N GLU A 775 -2.44 -4.30 -35.47
CA GLU A 775 -3.49 -4.02 -36.45
C GLU A 775 -4.81 -4.63 -36.02
N GLY A 776 -4.77 -5.59 -35.10
CA GLY A 776 -5.99 -6.20 -34.62
C GLY A 776 -6.57 -5.51 -33.41
N LEU A 777 -5.76 -4.78 -32.65
CA LEU A 777 -6.29 -4.01 -31.55
C LEU A 777 -7.02 -2.77 -32.04
N LYS A 778 -6.78 -2.37 -33.29
CA LYS A 778 -7.49 -1.21 -33.80
C LYS A 778 -8.91 -1.59 -34.22
N MET A 779 -9.09 -2.81 -34.72
CA MET A 779 -10.43 -3.25 -35.10
C MET A 779 -11.22 -3.68 -33.87
N LEU A 780 -10.53 -4.18 -32.85
CA LEU A 780 -11.22 -4.61 -31.64
C LEU A 780 -11.59 -3.42 -30.78
N GLY A 781 -10.78 -2.36 -30.82
CA GLY A 781 -11.11 -1.17 -30.06
C GLY A 781 -12.14 -0.31 -30.77
N PHE A 782 -12.34 -0.56 -32.05
CA PHE A 782 -13.35 0.18 -32.81
C PHE A 782 -14.75 -0.35 -32.52
N PHE A 783 -14.91 -1.67 -32.45
CA PHE A 783 -16.21 -2.23 -32.11
C PHE A 783 -16.51 -2.18 -30.63
N CYS A 784 -15.54 -1.85 -29.79
CA CYS A 784 -15.87 -1.52 -28.41
C CYS A 784 -16.56 -0.17 -28.33
N GLY A 785 -15.96 0.85 -28.95
CA GLY A 785 -16.57 2.17 -28.94
C GLY A 785 -17.75 2.29 -29.89
N ALA A 786 -17.89 1.35 -30.82
CA ALA A 786 -19.04 1.35 -31.70
C ALA A 786 -20.26 0.74 -31.03
N ILE A 787 -20.07 -0.31 -30.26
CA ILE A 787 -21.19 -0.98 -29.58
C ILE A 787 -21.31 -0.55 -28.13
N CYS A 788 -20.28 -0.80 -27.33
CA CYS A 788 -20.40 -0.59 -25.89
C CYS A 788 -20.61 0.87 -25.52
N LEU A 789 -19.82 1.78 -26.10
CA LEU A 789 -19.78 3.17 -25.67
C LEU A 789 -20.70 4.08 -26.47
N ARG A 790 -21.56 3.51 -27.31
CA ARG A 790 -22.29 4.31 -28.28
C ARG A 790 -23.41 5.15 -27.67
N ARG A 791 -24.44 4.53 -27.11
CA ARG A 791 -25.64 5.29 -26.74
C ARG A 791 -25.43 6.14 -25.50
N PHE A 792 -26.16 7.25 -25.44
CA PHE A 792 -26.10 8.21 -24.33
C PHE A 792 -27.49 8.77 -24.11
N THR A 793 -27.89 8.91 -22.84
CA THR A 793 -29.26 9.27 -22.51
C THR A 793 -29.32 10.57 -21.71
N LEU A 794 -30.25 11.44 -22.12
CA LEU A 794 -30.49 12.71 -21.47
C LEU A 794 -31.98 12.86 -21.19
N SER A 795 -32.31 13.71 -20.22
CA SER A 795 -33.68 13.86 -19.75
C SER A 795 -34.19 15.24 -20.12
N VAL A 796 -35.09 15.30 -21.09
CA VAL A 796 -35.68 16.56 -21.52
C VAL A 796 -36.83 16.93 -20.59
N ASP A 797 -37.11 18.23 -20.52
CA ASP A 797 -38.32 18.71 -19.87
C ASP A 797 -39.54 18.41 -20.73
N ASN A 798 -40.71 18.42 -20.10
CA ASN A 798 -41.93 18.02 -20.79
C ASN A 798 -42.32 18.97 -21.90
N LYS A 799 -42.17 20.29 -21.68
CA LYS A 799 -42.67 21.26 -22.65
C LYS A 799 -41.74 21.38 -23.85
N LEU A 800 -40.45 21.13 -23.66
CA LEU A 800 -39.44 21.28 -24.71
C LEU A 800 -39.15 19.98 -25.44
N TYR A 801 -39.88 18.91 -25.14
CA TYR A 801 -39.45 17.59 -25.59
C TYR A 801 -39.51 17.47 -27.11
N ASP A 802 -40.68 17.74 -27.70
CA ASP A 802 -40.80 17.56 -29.14
C ASP A 802 -40.02 18.62 -29.89
N SER A 803 -39.66 19.72 -29.24
CA SER A 803 -38.82 20.73 -29.88
C SER A 803 -37.37 20.29 -29.93
N THR A 804 -36.94 19.46 -28.97
CA THR A 804 -35.56 18.97 -28.98
C THR A 804 -35.38 17.88 -30.03
N TYR A 805 -36.29 16.90 -30.05
CA TYR A 805 -36.16 15.79 -30.98
C TYR A 805 -36.18 16.24 -32.42
N ASN A 806 -36.84 17.36 -32.72
CA ASN A 806 -36.95 17.82 -34.09
C ASN A 806 -35.67 18.48 -34.57
N ASN A 807 -34.98 19.18 -33.67
CA ASN A 807 -33.79 19.92 -34.04
C ASN A 807 -32.56 19.01 -34.13
N LEU A 808 -32.42 18.07 -33.19
CA LEU A 808 -31.24 17.22 -33.18
C LEU A 808 -31.31 16.15 -34.25
N SER A 809 -32.52 15.77 -34.68
CA SER A 809 -32.65 14.68 -35.64
C SER A 809 -32.08 15.06 -36.99
N LYS A 810 -31.89 16.35 -37.27
CA LYS A 810 -31.27 16.76 -38.52
C LYS A 810 -29.83 16.26 -38.63
N TYR A 811 -29.23 15.90 -37.51
CA TYR A 811 -27.84 15.50 -37.41
C TYR A 811 -27.65 14.18 -36.72
N MET A 812 -28.06 14.08 -35.45
CA MET A 812 -27.98 12.89 -34.64
C MET A 812 -29.28 12.12 -34.71
N THR A 813 -29.17 10.79 -34.68
CA THR A 813 -30.35 9.92 -34.63
C THR A 813 -30.72 9.67 -33.19
N LEU A 814 -32.02 9.71 -32.90
CA LEU A 814 -32.53 9.67 -31.54
C LEU A 814 -33.60 8.60 -31.42
N THR A 815 -33.95 8.24 -30.19
CA THR A 815 -35.03 7.32 -29.90
C THR A 815 -35.91 7.91 -28.81
N LYS A 816 -37.18 8.15 -29.13
CA LYS A 816 -38.10 8.74 -28.19
C LYS A 816 -38.69 7.68 -27.26
N TYR A 817 -38.98 8.09 -26.03
CA TYR A 817 -39.67 7.25 -25.07
C TYR A 817 -41.01 7.88 -24.70
N ASP A 818 -41.93 7.02 -24.26
CA ASP A 818 -43.25 7.47 -23.83
C ASP A 818 -43.12 8.46 -22.69
N LYS A 819 -44.04 9.42 -22.65
CA LYS A 819 -44.06 10.43 -21.60
C LYS A 819 -44.82 9.88 -20.39
N ASN A 820 -44.21 10.04 -19.21
CA ASN A 820 -44.82 9.56 -17.97
C ASN A 820 -45.53 10.71 -17.27
N PRO A 821 -46.83 10.62 -17.02
CA PRO A 821 -47.53 11.73 -16.35
C PRO A 821 -47.09 11.94 -14.91
N ASP A 822 -46.39 10.98 -14.31
CA ASP A 822 -46.01 11.07 -12.91
C ASP A 822 -44.73 11.87 -12.68
N SER A 823 -44.12 12.42 -13.72
CA SER A 823 -42.90 13.20 -13.55
C SER A 823 -42.97 14.45 -14.40
N ASP A 824 -42.10 15.41 -14.09
CA ASP A 824 -42.04 16.67 -14.83
C ASP A 824 -41.04 16.65 -15.96
N SER A 825 -40.34 15.53 -16.16
CA SER A 825 -39.36 15.41 -17.23
C SER A 825 -39.49 14.04 -17.87
N THR A 826 -38.91 13.90 -19.05
CA THR A 826 -38.95 12.66 -19.82
C THR A 826 -37.56 12.31 -20.32
N LEU A 827 -37.23 11.02 -20.22
CA LEU A 827 -35.98 10.52 -20.76
C LEU A 827 -36.09 10.32 -22.26
N MET A 828 -34.97 10.51 -22.96
CA MET A 828 -34.85 10.12 -24.35
C MET A 828 -33.41 9.76 -24.62
N SER A 829 -33.21 8.73 -25.45
CA SER A 829 -31.88 8.18 -25.68
C SER A 829 -31.27 8.75 -26.95
N LEU A 830 -29.97 8.98 -26.89
CA LEU A 830 -29.23 9.57 -28.00
C LEU A 830 -28.09 8.62 -28.36
N ILE A 831 -28.14 8.05 -29.56
CA ILE A 831 -27.04 7.23 -30.04
C ILE A 831 -26.12 8.11 -30.87
N LEU A 832 -24.83 8.04 -30.58
CA LEU A 832 -23.89 9.00 -31.14
C LEU A 832 -23.73 8.77 -32.64
N PRO A 833 -23.42 9.83 -33.39
CA PRO A 833 -22.96 9.62 -34.77
C PRO A 833 -21.61 8.93 -34.75
N LEU A 834 -21.46 7.92 -35.61
CA LEU A 834 -20.34 7.00 -35.46
C LEU A 834 -19.00 7.72 -35.59
N ALA A 835 -18.98 8.82 -36.34
CA ALA A 835 -17.72 9.53 -36.53
C ALA A 835 -17.25 10.24 -35.27
N TRP A 836 -18.07 10.27 -34.20
CA TRP A 836 -17.64 10.92 -32.97
C TRP A 836 -16.41 10.27 -32.38
N LEU A 837 -16.20 8.98 -32.66
CA LEU A 837 -15.02 8.31 -32.15
C LEU A 837 -13.74 8.93 -32.68
N PHE A 838 -13.79 9.49 -33.89
CA PHE A 838 -12.59 9.96 -34.57
C PHE A 838 -12.36 11.46 -34.42
N MET A 839 -13.20 12.17 -33.65
CA MET A 839 -13.16 13.62 -33.72
C MET A 839 -12.18 14.19 -32.71
N PRO A 840 -11.60 15.36 -32.99
CA PRO A 840 -10.47 15.83 -32.18
C PRO A 840 -10.77 16.12 -30.73
N ARG A 841 -11.81 16.89 -30.43
CA ARG A 841 -12.05 17.30 -29.05
C ARG A 841 -13.04 16.38 -28.35
N GLY A 842 -13.71 15.50 -29.08
CA GLY A 842 -14.46 14.43 -28.49
C GLY A 842 -13.55 13.23 -28.34
N GLY A 843 -14.16 12.05 -28.26
CA GLY A 843 -13.38 10.83 -28.32
C GLY A 843 -12.57 10.80 -29.61
N GLU A 844 -11.32 10.37 -29.50
CA GLU A 844 -10.39 10.43 -30.62
C GLU A 844 -9.60 9.14 -30.69
N TYR A 845 -9.66 8.48 -31.84
CA TYR A 845 -9.19 7.13 -32.03
C TYR A 845 -8.64 6.98 -33.43
N PRO A 846 -7.62 6.15 -33.64
CA PRO A 846 -7.03 6.01 -34.97
C PRO A 846 -8.06 5.67 -36.04
N ALA A 847 -8.04 6.45 -37.12
CA ALA A 847 -9.04 6.32 -38.17
C ALA A 847 -8.71 5.22 -39.15
N TYR A 848 -9.76 4.70 -39.79
CA TYR A 848 -9.63 3.92 -41.01
C TYR A 848 -9.63 4.85 -42.22
N PRO A 849 -9.17 4.36 -43.36
CA PRO A 849 -9.18 5.20 -44.57
C PRO A 849 -10.61 5.58 -44.95
N PHE A 850 -10.84 6.88 -45.10
CA PHE A 850 -12.07 7.37 -45.68
C PHE A 850 -11.85 7.60 -47.17
N GLU A 851 -12.90 7.97 -47.88
CA GLU A 851 -12.83 8.14 -49.31
C GLU A 851 -13.04 9.60 -49.67
N ARG A 852 -12.06 10.19 -50.34
CA ARG A 852 -12.20 11.54 -50.83
C ARG A 852 -13.18 11.57 -52.00
N ARG A 853 -13.41 12.77 -52.55
CA ARG A 853 -14.17 12.82 -53.80
C ARG A 853 -13.37 12.22 -54.94
N ASP A 854 -12.05 12.28 -54.86
CA ASP A 854 -11.17 11.84 -55.93
C ASP A 854 -11.25 10.35 -56.16
N GLY A 855 -11.77 9.60 -55.19
CA GLY A 855 -11.64 8.16 -55.16
C GLY A 855 -10.47 7.67 -54.35
N THR A 856 -9.48 8.52 -54.10
CA THR A 856 -8.35 8.14 -53.26
C THR A 856 -8.77 8.10 -51.80
N PHE A 857 -8.03 7.35 -51.01
CA PHE A 857 -8.32 7.16 -49.60
C PHE A 857 -7.24 7.81 -48.75
N THR A 858 -7.63 8.28 -47.56
CA THR A 858 -6.66 8.79 -46.61
C THR A 858 -5.86 7.64 -46.02
N GLU A 859 -4.70 7.96 -45.47
CA GLU A 859 -3.83 6.91 -44.94
C GLU A 859 -4.46 6.24 -43.72
N ASP A 860 -4.34 4.92 -43.67
CA ASP A 860 -4.82 4.17 -42.52
C ASP A 860 -3.91 4.49 -41.36
N GLU A 861 -4.48 4.99 -40.28
CA GLU A 861 -3.69 5.48 -39.17
C GLU A 861 -3.21 4.33 -38.30
N SER A 862 -2.03 4.50 -37.73
CA SER A 862 -1.44 3.49 -36.87
C SER A 862 -1.77 3.77 -35.41
N MET A 863 -1.24 2.92 -34.53
CA MET A 863 -1.31 3.17 -33.11
C MET A 863 -0.33 4.24 -32.67
N PHE A 864 0.51 4.73 -33.57
CA PHE A 864 1.51 5.74 -33.27
C PHE A 864 1.04 7.14 -33.59
N THR A 865 -0.20 7.30 -34.04
CA THR A 865 -0.71 8.62 -34.37
C THR A 865 -0.85 9.48 -33.13
N ALA A 866 -0.72 10.78 -33.30
CA ALA A 866 -0.69 11.72 -32.20
C ALA A 866 -2.08 12.30 -31.99
N ARG A 867 -2.63 12.10 -30.78
CA ARG A 867 -3.94 12.64 -30.47
C ARG A 867 -3.84 14.12 -30.13
N GLY A 868 -4.96 14.69 -29.69
CA GLY A 868 -5.02 16.09 -29.36
C GLY A 868 -5.37 16.94 -30.58
N ALA A 869 -4.81 18.14 -30.60
CA ALA A 869 -5.15 19.10 -31.66
C ALA A 869 -4.72 18.60 -33.03
N TYR A 870 -3.88 17.57 -33.09
CA TYR A 870 -3.44 17.05 -34.39
C TYR A 870 -4.58 16.36 -35.12
N LYS A 871 -5.63 15.96 -34.41
CA LYS A 871 -6.70 15.20 -35.05
C LYS A 871 -7.59 16.07 -35.91
N ARG A 872 -7.47 17.40 -35.84
CA ARG A 872 -8.26 18.23 -36.73
C ARG A 872 -7.80 18.13 -38.16
N ARG A 873 -6.65 17.53 -38.43
CA ARG A 873 -6.17 17.44 -39.80
C ARG A 873 -7.03 16.47 -40.60
N LEU A 874 -7.74 15.57 -39.92
CA LEU A 874 -8.54 14.59 -40.64
C LEU A 874 -9.66 15.24 -41.43
N LEU A 875 -10.11 16.42 -41.00
CA LEU A 875 -11.15 17.13 -41.74
C LEU A 875 -10.58 17.69 -43.03
N TYR A 876 -9.40 18.29 -42.97
CA TYR A 876 -8.79 18.85 -44.16
C TYR A 876 -8.22 17.76 -45.05
N ASP A 877 -7.92 16.60 -44.49
CA ASP A 877 -7.30 15.53 -45.27
C ASP A 877 -8.35 14.81 -46.12
N VAL A 878 -9.56 14.67 -45.60
CA VAL A 878 -10.66 14.11 -46.38
C VAL A 878 -11.18 15.14 -47.38
N SER A 879 -10.73 16.38 -47.26
CA SER A 879 -11.35 17.49 -47.98
C SER A 879 -11.11 17.57 -49.51
N ASN A 880 -9.88 17.47 -50.05
CA ASN A 880 -8.63 17.11 -49.41
C ASN A 880 -7.62 18.25 -49.38
N ILE A 881 -6.41 17.97 -48.89
CA ILE A 881 -5.37 18.99 -48.87
C ILE A 881 -4.71 19.16 -50.24
N GLY A 882 -4.44 18.07 -50.95
CA GLY A 882 -3.76 18.17 -52.23
C GLY A 882 -4.46 19.07 -53.22
N GLU A 883 -5.79 19.10 -53.19
CA GLU A 883 -6.56 20.01 -54.02
C GLU A 883 -6.62 21.41 -53.44
N MET A 884 -6.48 21.54 -52.12
CA MET A 884 -6.51 22.86 -51.51
C MET A 884 -5.23 23.64 -51.77
N ILE A 885 -4.09 22.95 -51.86
CA ILE A 885 -2.84 23.64 -52.16
C ILE A 885 -2.85 24.14 -53.60
N GLN A 886 -3.31 23.31 -54.53
CA GLN A 886 -3.32 23.72 -55.94
C GLN A 886 -4.32 24.84 -56.20
N GLN A 887 -5.51 24.75 -55.62
CA GLN A 887 -6.53 25.76 -55.83
C GLN A 887 -6.40 26.93 -54.86
N ASN A 888 -5.41 26.90 -53.98
CA ASN A 888 -5.15 28.00 -53.04
C ASN A 888 -6.38 28.31 -52.19
N SER A 889 -7.12 27.27 -51.82
CA SER A 889 -8.31 27.41 -51.00
C SER A 889 -8.05 26.85 -49.61
N MET A 890 -8.39 27.63 -48.59
CA MET A 890 -8.39 27.15 -47.22
C MET A 890 -9.76 26.68 -46.78
N ALA A 891 -10.74 26.68 -47.69
CA ALA A 891 -12.12 26.38 -47.34
C ALA A 891 -12.32 24.87 -47.19
N LEU A 892 -12.83 24.46 -46.04
CA LEU A 892 -13.11 23.07 -45.78
C LEU A 892 -14.30 22.59 -46.62
N ASP A 893 -14.38 21.29 -46.84
CA ASP A 893 -15.44 20.70 -47.66
C ASP A 893 -16.58 20.29 -46.76
N ASP A 894 -17.70 21.01 -46.86
CA ASP A 894 -18.80 20.81 -45.93
C ASP A 894 -19.70 19.64 -46.33
N ASP A 895 -19.68 19.26 -47.60
CA ASP A 895 -20.68 18.31 -48.10
C ASP A 895 -20.32 16.87 -47.77
N LEU A 896 -19.05 16.48 -47.93
CA LEU A 896 -18.64 15.13 -47.56
C LEU A 896 -18.74 14.92 -46.06
N LEU A 897 -18.15 15.82 -45.28
CA LEU A 897 -18.11 15.65 -43.83
C LEU A 897 -19.51 15.50 -43.26
N HIS A 898 -20.50 16.11 -43.93
CA HIS A 898 -21.88 15.92 -43.52
C HIS A 898 -22.39 14.55 -43.93
N GLU A 899 -21.80 13.95 -44.96
CA GLU A 899 -22.24 12.64 -45.41
C GLU A 899 -21.66 11.53 -44.54
N TYR A 900 -20.39 11.63 -44.15
CA TYR A 900 -19.83 10.70 -43.18
C TYR A 900 -20.29 10.97 -41.76
N GLY A 901 -21.02 12.05 -41.52
CA GLY A 901 -21.47 12.34 -40.18
C GLY A 901 -20.49 13.09 -39.32
N PHE A 902 -19.56 13.84 -39.91
CA PHE A 902 -18.66 14.65 -39.11
C PHE A 902 -19.37 15.88 -38.56
N THR A 903 -20.35 16.40 -39.30
CA THR A 903 -21.04 17.61 -38.85
C THR A 903 -21.83 17.35 -37.58
N GLY A 904 -22.68 16.33 -37.59
CA GLY A 904 -23.44 16.01 -36.39
C GLY A 904 -22.53 15.63 -35.23
N ALA A 905 -21.35 15.08 -35.55
CA ALA A 905 -20.41 14.69 -34.52
C ALA A 905 -19.72 15.90 -33.92
N LEU A 906 -19.46 16.92 -34.74
CA LEU A 906 -18.85 18.15 -34.24
C LEU A 906 -19.88 19.04 -33.55
N LEU A 907 -21.13 19.00 -34.00
CA LEU A 907 -22.18 19.74 -33.32
C LEU A 907 -22.41 19.17 -31.92
N LEU A 908 -22.40 17.84 -31.79
CA LEU A 908 -22.52 17.22 -30.48
C LEU A 908 -21.41 17.69 -29.56
N ILE A 909 -20.20 17.87 -30.10
CA ILE A 909 -19.08 18.31 -29.28
C ILE A 909 -19.21 19.78 -28.93
N ASP A 910 -19.79 20.58 -29.82
CA ASP A 910 -19.91 22.01 -29.55
C ASP A 910 -20.88 22.30 -28.43
N LEU A 911 -21.95 21.52 -28.32
CA LEU A 911 -22.97 21.78 -27.31
C LEU A 911 -22.48 21.54 -25.89
N ASN A 912 -21.38 20.81 -25.73
CA ASN A 912 -20.86 20.44 -24.40
C ASN A 912 -21.92 19.72 -23.59
N ILE A 913 -22.57 18.75 -24.22
CA ILE A 913 -23.52 17.91 -23.50
C ILE A 913 -22.82 16.83 -22.70
N LEU A 914 -21.80 16.21 -23.28
CA LEU A 914 -21.15 15.08 -22.63
C LEU A 914 -20.41 15.53 -21.37
N ASP A 915 -20.19 14.57 -20.47
CA ASP A 915 -19.62 14.91 -19.17
C ASP A 915 -18.18 15.37 -19.30
N LEU A 916 -17.82 16.34 -18.47
CA LEU A 916 -16.48 16.91 -18.46
C LEU A 916 -15.50 15.96 -17.78
N ILE A 917 -14.21 16.17 -18.05
CA ILE A 917 -13.14 15.42 -17.41
C ILE A 917 -12.26 16.41 -16.64
N ASP A 918 -12.05 16.12 -15.36
CA ASP A 918 -11.18 16.95 -14.54
C ASP A 918 -9.74 16.85 -15.01
N GLU A 919 -8.93 17.83 -14.61
CA GLU A 919 -7.50 17.71 -14.84
C GLU A 919 -6.88 16.69 -13.88
N VAL A 920 -7.57 16.37 -12.80
CA VAL A 920 -7.06 15.38 -11.85
C VAL A 920 -7.21 13.97 -12.42
N LYS A 921 -8.36 13.67 -13.04
CA LYS A 921 -8.53 12.37 -13.67
C LYS A 921 -7.52 12.18 -14.79
N LYS A 922 -7.21 13.25 -15.53
CA LYS A 922 -6.16 13.19 -16.53
C LYS A 922 -4.81 12.82 -15.92
N GLU A 923 -4.56 13.26 -14.68
CA GLU A 923 -3.29 12.93 -14.03
C GLU A 923 -3.10 11.44 -13.86
N ASP A 924 -4.18 10.66 -13.94
CA ASP A 924 -4.04 9.20 -14.02
C ASP A 924 -4.20 8.81 -15.48
N ILE A 925 -3.07 8.49 -16.11
CA ILE A 925 -3.09 8.08 -17.51
C ILE A 925 -3.26 6.58 -17.59
N SER A 926 -3.09 5.90 -16.46
CA SER A 926 -3.16 4.45 -16.29
C SER A 926 -2.19 3.66 -17.18
N PRO A 927 -0.92 4.02 -17.27
CA PRO A 927 0.11 2.98 -17.39
C PRO A 927 0.37 2.37 -16.04
N VAL A 928 0.64 1.07 -16.02
CA VAL A 928 0.87 0.36 -14.76
C VAL A 928 2.38 0.32 -14.53
N LYS A 929 2.82 0.97 -13.46
CA LYS A 929 4.24 1.20 -13.22
C LYS A 929 4.96 -0.13 -12.93
N VAL A 930 6.28 -0.12 -13.13
CA VAL A 930 7.07 -1.33 -12.96
C VAL A 930 7.35 -1.61 -11.50
N SER A 931 7.68 -0.60 -10.71
CA SER A 931 7.90 -0.75 -9.28
C SER A 931 6.83 0.04 -8.55
N GLU A 932 6.11 -0.65 -7.67
CA GLU A 932 5.10 0.01 -6.85
C GLU A 932 5.65 0.53 -5.54
N LEU A 933 6.96 0.41 -5.31
CA LEU A 933 7.56 0.96 -4.10
C LEU A 933 7.45 2.48 -4.09
N ALA A 934 7.45 3.11 -5.25
CA ALA A 934 7.27 4.54 -5.32
C ALA A 934 5.81 4.94 -5.18
N THR A 935 4.89 4.06 -5.59
CA THR A 935 3.48 4.33 -5.37
C THR A 935 3.16 4.46 -3.90
N SER A 936 3.81 3.64 -3.06
CA SER A 936 3.59 3.70 -1.63
C SER A 936 4.17 4.98 -1.04
N LEU A 937 5.45 5.23 -1.32
CA LEU A 937 6.14 6.34 -0.67
C LEU A 937 5.62 7.69 -1.13
N GLU A 938 4.86 7.71 -2.24
CA GLU A 938 4.33 8.97 -2.74
C GLU A 938 3.19 9.47 -1.87
N GLN A 939 2.55 8.58 -1.10
CA GLN A 939 1.38 8.95 -0.33
C GLN A 939 1.73 9.93 0.79
N LEU A 940 2.65 9.55 1.67
CA LEU A 940 2.87 10.26 2.91
C LEU A 940 4.03 11.25 2.85
N GLY A 941 4.79 11.27 1.75
CA GLY A 941 6.01 12.05 1.70
C GLY A 941 5.82 13.41 1.03
N LYS A 942 6.90 14.20 1.08
CA LYS A 942 6.97 15.49 0.42
C LYS A 942 5.88 16.43 0.95
N LEU A 943 5.83 16.53 2.28
CA LEU A 943 4.76 17.28 2.94
C LEU A 943 4.99 18.78 2.91
N GLY A 944 6.25 19.22 3.06
CA GLY A 944 6.52 20.64 3.08
C GLY A 944 6.22 21.32 1.77
N GLU A 945 6.28 20.58 0.66
CA GLU A 945 5.93 21.14 -0.64
C GLU A 945 4.42 21.20 -0.84
N ARG A 946 3.71 20.15 -0.42
CA ARG A 946 2.26 20.17 -0.56
C ARG A 946 1.62 21.12 0.43
N GLU A 947 2.35 21.53 1.47
CA GLU A 947 1.86 22.57 2.37
C GLU A 947 2.13 23.95 1.80
N LYS A 948 3.34 24.18 1.27
CA LYS A 948 3.66 25.50 0.77
C LYS A 948 2.81 25.86 -0.44
N SER A 949 2.54 24.89 -1.30
CA SER A 949 1.59 25.09 -2.38
C SER A 949 0.15 25.17 -1.91
N ARG A 950 -0.13 24.75 -0.67
CA ARG A 950 -1.45 24.96 -0.10
C ARG A 950 -1.58 26.36 0.49
N ARG A 951 -0.55 26.85 1.18
CA ARG A 951 -0.53 28.24 1.62
C ARG A 951 -0.73 29.17 0.44
N ALA A 952 -0.04 28.90 -0.67
CA ALA A 952 -0.08 29.80 -1.81
C ALA A 952 -1.47 29.90 -2.39
N ALA A 953 -2.13 28.76 -2.64
CA ALA A 953 -3.45 28.79 -3.25
C ALA A 953 -4.47 29.51 -2.39
N SER A 954 -4.39 29.35 -1.07
CA SER A 954 -5.31 30.06 -0.18
C SER A 954 -4.99 31.54 -0.13
N ASP A 955 -3.74 31.89 0.17
CA ASP A 955 -3.33 33.29 0.19
C ASP A 955 -3.60 33.98 -1.14
N LEU A 956 -3.62 33.24 -2.23
CA LEU A 956 -3.95 33.81 -3.53
C LEU A 956 -5.45 33.94 -3.70
N LYS A 957 -6.22 32.99 -3.15
CA LYS A 957 -7.67 33.11 -3.15
C LYS A 957 -8.15 34.34 -2.40
N ILE A 958 -7.43 34.72 -1.34
CA ILE A 958 -7.80 35.91 -0.58
C ILE A 958 -7.59 37.16 -1.41
N ARG A 959 -6.49 37.22 -2.16
CA ARG A 959 -6.15 38.40 -2.93
C ARG A 959 -7.12 38.69 -4.06
N GLY A 960 -8.05 37.79 -4.34
CA GLY A 960 -9.05 37.99 -5.37
C GLY A 960 -8.91 37.14 -6.61
N HIS A 961 -7.82 36.39 -6.75
CA HIS A 961 -7.64 35.46 -7.87
C HIS A 961 -7.72 34.05 -7.31
N ALA A 962 -8.79 33.34 -7.66
CA ALA A 962 -8.98 32.00 -7.16
C ALA A 962 -8.58 30.98 -8.22
N LEU A 963 -7.94 29.90 -7.77
CA LEU A 963 -7.51 28.83 -8.65
C LEU A 963 -8.42 27.62 -8.47
N SER A 964 -8.67 26.92 -9.57
CA SER A 964 -9.41 25.67 -9.48
C SER A 964 -8.60 24.65 -8.70
N ASN A 965 -9.31 23.78 -7.98
CA ASN A 965 -8.61 22.84 -7.08
C ASN A 965 -7.76 21.85 -7.86
N ASP A 966 -8.13 21.54 -9.09
CA ASP A 966 -7.37 20.56 -9.85
C ASP A 966 -5.97 21.02 -10.18
N ILE A 967 -5.74 22.33 -10.24
CA ILE A 967 -4.43 22.85 -10.64
C ILE A 967 -3.47 22.89 -9.46
N VAL A 968 -3.96 23.18 -8.25
CA VAL A 968 -3.10 23.25 -7.09
C VAL A 968 -2.36 21.93 -6.91
N TYR A 969 -1.13 22.00 -6.39
CA TYR A 969 -0.20 20.89 -6.51
C TYR A 969 -0.65 19.66 -5.72
N GLY A 970 -0.89 19.81 -4.41
CA GLY A 970 -1.11 18.62 -3.59
C GLY A 970 -2.52 18.07 -3.64
N TYR A 971 -3.40 18.66 -4.46
CA TYR A 971 -4.82 18.32 -4.39
C TYR A 971 -5.10 16.93 -4.93
N GLY A 972 -4.25 16.42 -5.84
CA GLY A 972 -4.46 15.10 -6.39
C GLY A 972 -4.34 13.97 -5.38
N LEU A 973 -3.44 14.12 -4.41
CA LEU A 973 -3.30 13.13 -3.34
C LEU A 973 -4.30 13.32 -2.21
N GLN A 974 -4.87 14.53 -2.09
CA GLN A 974 -5.84 14.79 -1.02
C GLN A 974 -7.20 14.18 -1.35
N GLU A 975 -7.59 14.22 -2.62
CA GLU A 975 -8.88 13.69 -3.02
C GLU A 975 -8.92 12.17 -2.88
N LYS A 976 -7.86 11.49 -3.31
CA LYS A 976 -7.82 10.03 -3.23
C LYS A 976 -7.78 9.53 -1.79
N ILE A 977 -7.32 10.36 -0.85
CA ILE A 977 -7.36 9.98 0.56
C ILE A 977 -8.79 10.03 1.10
N GLN A 978 -9.47 11.16 0.89
CA GLN A 978 -10.77 11.39 1.49
C GLN A 978 -11.89 10.65 0.76
N LYS A 979 -11.86 10.62 -0.57
CA LYS A 979 -12.99 10.11 -1.32
C LYS A 979 -13.11 8.59 -1.19
N SER A 980 -11.98 7.88 -1.16
CA SER A 980 -12.01 6.43 -0.97
C SER A 980 -12.46 6.03 0.43
N ALA A 981 -12.48 6.96 1.37
CA ALA A 981 -12.88 6.67 2.74
C ALA A 981 -14.39 6.75 2.95
N MET A 982 -15.16 7.03 1.90
CA MET A 982 -16.60 7.09 1.99
C MET A 982 -17.22 5.81 1.44
N ALA A 983 -18.26 5.32 2.13
CA ALA A 983 -19.03 4.19 1.67
C ALA A 983 -20.31 4.60 0.96
N THR A 984 -20.57 5.90 0.82
CA THR A 984 -21.81 6.35 0.19
C THR A 984 -21.85 5.90 -1.26
N LYS A 985 -23.05 5.50 -1.70
CA LYS A 985 -23.21 4.89 -3.00
C LYS A 985 -22.78 5.83 -4.11
N GLU A 986 -21.87 5.37 -4.96
CA GLU A 986 -21.47 6.09 -6.16
C GLU A 986 -22.28 5.67 -7.38
N THR A 987 -23.26 4.79 -7.21
CA THR A 987 -24.05 4.28 -8.33
C THR A 987 -25.28 5.16 -8.49
N THR A 988 -25.30 5.95 -9.55
CA THR A 988 -26.44 6.77 -9.92
C THR A 988 -26.55 6.77 -11.43
N VAL A 989 -27.76 6.54 -11.93
CA VAL A 989 -27.98 6.61 -13.37
C VAL A 989 -27.64 8.01 -13.87
N GLN A 990 -26.87 8.07 -14.95
CA GLN A 990 -26.38 9.34 -15.47
C GLN A 990 -27.38 9.84 -16.50
N SER A 991 -28.07 10.92 -16.16
CA SER A 991 -29.03 11.55 -17.06
C SER A 991 -28.83 13.06 -16.98
N LYS A 992 -28.48 13.67 -18.10
CA LYS A 992 -28.28 15.11 -18.16
C LYS A 992 -29.59 15.78 -18.50
N ARG A 993 -29.87 16.90 -17.86
CA ARG A 993 -31.14 17.59 -18.03
C ARG A 993 -30.98 18.70 -19.05
N VAL A 994 -31.87 18.73 -20.04
CA VAL A 994 -31.94 19.86 -20.97
C VAL A 994 -32.97 20.83 -20.42
N SER A 995 -32.47 21.96 -19.91
CA SER A 995 -33.32 22.97 -19.30
C SER A 995 -33.71 24.01 -20.33
N SER A 996 -34.28 25.13 -19.87
CA SER A 996 -34.55 26.23 -20.79
C SER A 996 -33.26 26.76 -21.41
N ARG A 997 -32.16 26.75 -20.64
CA ARG A 997 -30.91 27.34 -21.14
C ARG A 997 -30.30 26.50 -22.25
N LEU A 998 -30.09 25.21 -21.99
CA LEU A 998 -29.39 24.38 -22.97
C LEU A 998 -30.25 24.15 -24.20
N HIS A 999 -31.56 24.01 -24.02
CA HIS A 999 -32.45 23.95 -25.18
C HIS A 999 -32.41 25.24 -25.98
N ASP A 1000 -32.16 26.36 -25.33
CA ASP A 1000 -32.01 27.62 -26.06
C ASP A 1000 -30.76 27.58 -26.93
N VAL A 1001 -29.70 26.92 -26.44
CA VAL A 1001 -28.47 26.81 -27.22
C VAL A 1001 -28.64 25.81 -28.35
N ILE A 1002 -29.37 24.72 -28.11
CA ILE A 1002 -29.57 23.72 -29.15
C ILE A 1002 -30.19 24.36 -30.40
N VAL A 1003 -31.26 25.12 -30.22
CA VAL A 1003 -31.96 25.72 -31.34
C VAL A 1003 -31.03 26.62 -32.15
N ALA A 1004 -30.24 27.44 -31.46
CA ALA A 1004 -29.27 28.30 -32.13
C ALA A 1004 -28.28 27.49 -32.96
N LYS A 1005 -27.48 26.64 -32.30
CA LYS A 1005 -26.38 25.97 -32.98
C LYS A 1005 -26.86 25.05 -34.09
N THR A 1006 -28.05 24.44 -33.95
CA THR A 1006 -28.44 23.40 -34.89
C THR A 1006 -29.09 23.94 -36.15
N ARG A 1007 -29.24 25.26 -36.29
CA ARG A 1007 -29.99 25.81 -37.41
C ARG A 1007 -29.10 25.97 -38.65
N ASP A 1008 -28.13 26.88 -38.57
CA ASP A 1008 -27.29 27.25 -39.71
C ASP A 1008 -25.96 26.49 -39.72
N TYR A 1009 -25.80 25.51 -38.84
CA TYR A 1009 -24.47 25.01 -38.47
C TYR A 1009 -23.64 24.58 -39.66
N LYS A 1010 -22.43 25.13 -39.76
CA LYS A 1010 -21.40 24.62 -40.63
C LYS A 1010 -20.09 24.64 -39.84
N ILE A 1011 -19.21 23.69 -40.17
CA ILE A 1011 -18.05 23.41 -39.33
C ILE A 1011 -17.20 24.66 -39.19
N SER A 1012 -16.71 24.91 -37.98
CA SER A 1012 -16.01 26.16 -37.68
C SER A 1012 -14.51 25.96 -37.82
N THR A 1013 -13.90 26.73 -38.72
CA THR A 1013 -12.47 26.76 -38.88
C THR A 1013 -11.89 27.89 -38.05
N ILE A 1014 -10.70 27.65 -37.51
CA ILE A 1014 -9.97 28.68 -36.76
C ILE A 1014 -8.76 29.04 -37.59
N PRO A 1015 -8.24 30.26 -37.42
CA PRO A 1015 -7.10 30.68 -38.25
C PRO A 1015 -5.89 29.77 -38.11
N ALA A 1016 -5.72 29.14 -36.95
CA ALA A 1016 -4.55 28.30 -36.71
C ALA A 1016 -4.62 26.98 -37.47
N ASP A 1017 -5.74 26.67 -38.10
CA ASP A 1017 -5.82 25.47 -38.92
C ASP A 1017 -5.03 25.59 -40.21
N ALA A 1018 -4.55 26.78 -40.53
CA ALA A 1018 -3.70 26.91 -41.71
C ALA A 1018 -2.43 26.09 -41.57
N LEU A 1019 -2.04 25.78 -40.33
CA LEU A 1019 -0.89 24.90 -40.11
C LEU A 1019 -1.21 23.46 -40.44
N HIS A 1020 -2.48 23.10 -40.57
CA HIS A 1020 -2.83 21.73 -40.89
C HIS A 1020 -2.78 21.44 -42.37
N LEU A 1021 -2.43 22.43 -43.20
CA LEU A 1021 -2.42 22.22 -44.64
C LEU A 1021 -0.97 22.03 -45.08
N HIS A 1022 -0.63 20.77 -45.33
CA HIS A 1022 0.63 20.40 -45.95
C HIS A 1022 0.50 18.98 -46.48
N GLU A 1023 1.34 18.64 -47.44
CA GLU A 1023 1.24 17.37 -48.14
C GLU A 1023 2.65 16.81 -48.34
N PHE A 1024 2.74 15.49 -48.34
CA PHE A 1024 4.00 14.80 -48.58
C PHE A 1024 3.88 13.96 -49.85
N GLU A 1025 4.76 14.23 -50.81
CA GLU A 1025 4.82 13.46 -52.04
C GLU A 1025 5.93 12.42 -51.94
N VAL A 1026 5.62 11.20 -52.35
CA VAL A 1026 6.60 10.13 -52.30
C VAL A 1026 7.57 10.27 -53.46
N GLU A 1027 8.86 10.27 -53.13
CA GLU A 1027 9.93 10.38 -54.11
C GLU A 1027 10.35 8.97 -54.52
N ASP A 1028 11.33 8.87 -55.42
CA ASP A 1028 11.83 7.58 -55.87
C ASP A 1028 13.08 7.10 -55.15
N VAL A 1029 13.56 7.83 -54.16
CA VAL A 1029 14.82 7.50 -53.51
C VAL A 1029 14.55 6.80 -52.19
N THR A 1030 15.17 5.63 -52.00
CA THR A 1030 15.10 4.92 -50.74
C THR A 1030 16.04 5.56 -49.73
N VAL A 1031 15.69 5.45 -48.46
CA VAL A 1031 16.41 6.14 -47.40
C VAL A 1031 17.30 5.15 -46.68
N ASP A 1032 18.49 5.61 -46.28
CA ASP A 1032 19.38 4.76 -45.49
C ASP A 1032 18.75 4.45 -44.15
N LEU A 1033 18.69 3.15 -43.82
CA LEU A 1033 18.20 2.72 -42.52
C LEU A 1033 19.27 2.89 -41.47
N LEU A 1034 18.84 3.05 -40.23
CA LEU A 1034 19.81 3.18 -39.15
C LEU A 1034 20.55 1.86 -38.96
N PRO A 1035 21.80 1.91 -38.49
CA PRO A 1035 22.58 0.67 -38.36
C PRO A 1035 22.01 -0.31 -37.37
N HIS A 1036 21.12 0.11 -36.48
CA HIS A 1036 20.52 -0.84 -35.54
C HIS A 1036 19.27 -1.48 -36.10
N ALA A 1037 18.94 -1.24 -37.37
CA ALA A 1037 17.93 -2.07 -38.02
C ALA A 1037 18.43 -3.48 -38.22
N LYS A 1038 19.75 -3.66 -38.27
CA LYS A 1038 20.31 -5.00 -38.43
C LYS A 1038 20.36 -5.74 -37.11
N HIS A 1039 20.71 -5.04 -36.02
CA HIS A 1039 20.94 -5.71 -34.75
C HIS A 1039 19.64 -6.21 -34.16
N THR A 1040 18.52 -5.59 -34.51
CA THR A 1040 17.22 -5.96 -34.01
C THR A 1040 16.49 -6.92 -34.92
N SER A 1041 17.12 -7.38 -36.00
CA SER A 1041 16.47 -8.24 -36.98
C SER A 1041 16.50 -9.70 -36.61
N TYR A 1042 17.29 -10.11 -35.63
CA TYR A 1042 17.45 -11.52 -35.33
C TYR A 1042 16.45 -11.99 -34.30
N SER A 1043 16.63 -11.59 -33.04
CA SER A 1043 15.63 -11.84 -32.01
C SER A 1043 14.99 -10.49 -31.68
N SER A 1044 13.66 -10.44 -31.74
CA SER A 1044 12.97 -9.16 -31.73
C SER A 1044 12.92 -8.55 -30.33
N LEU A 1045 12.76 -7.23 -30.28
CA LEU A 1045 12.79 -6.50 -29.01
C LEU A 1045 11.45 -6.49 -28.30
N ALA A 1046 10.38 -6.94 -28.95
CA ALA A 1046 9.04 -6.90 -28.39
C ALA A 1046 8.12 -7.60 -29.38
N TYR A 1047 6.93 -7.97 -28.91
CA TYR A 1047 6.06 -8.78 -29.75
C TYR A 1047 5.61 -8.02 -30.98
N ASN A 1048 5.32 -6.74 -30.85
CA ASN A 1048 4.76 -6.04 -32.00
C ASN A 1048 5.81 -5.73 -33.06
N MET A 1049 7.07 -5.54 -32.68
CA MET A 1049 8.12 -5.33 -33.67
C MET A 1049 8.90 -6.63 -33.83
N SER A 1050 8.67 -7.30 -34.94
CA SER A 1050 9.53 -8.34 -35.42
C SER A 1050 10.06 -7.94 -36.80
N PHE A 1051 10.93 -8.75 -37.37
CA PHE A 1051 11.57 -8.34 -38.61
C PHE A 1051 10.51 -8.13 -39.68
N GLY A 1052 10.52 -6.93 -40.28
CA GLY A 1052 9.57 -6.58 -41.31
C GLY A 1052 8.28 -5.96 -40.83
N SER A 1053 7.96 -6.07 -39.55
CA SER A 1053 6.68 -5.57 -39.07
C SER A 1053 6.65 -4.05 -39.08
N ASP A 1054 5.54 -3.50 -38.59
CA ASP A 1054 5.35 -2.05 -38.63
C ASP A 1054 6.10 -1.38 -37.48
N GLY A 1055 6.26 -2.08 -36.36
CA GLY A 1055 7.00 -1.51 -35.25
C GLY A 1055 8.50 -1.57 -35.45
N TRP A 1056 8.96 -2.58 -36.19
CA TRP A 1056 10.38 -2.67 -36.49
C TRP A 1056 10.82 -1.59 -37.47
N PHE A 1057 10.12 -1.47 -38.59
CA PHE A 1057 10.58 -0.56 -39.64
C PHE A 1057 10.47 0.88 -39.19
N ALA A 1058 9.52 1.20 -38.31
CA ALA A 1058 9.48 2.54 -37.73
C ALA A 1058 10.63 2.74 -36.76
N PHE A 1059 11.10 1.67 -36.14
CA PHE A 1059 12.25 1.78 -35.25
C PHE A 1059 13.54 1.84 -36.05
N ALA A 1060 13.53 1.33 -37.27
CA ALA A 1060 14.70 1.44 -38.13
C ALA A 1060 14.87 2.85 -38.67
N LEU A 1061 13.77 3.53 -38.98
CA LEU A 1061 13.79 4.89 -39.48
C LEU A 1061 14.07 5.89 -38.36
N LEU A 1062 13.19 5.95 -37.37
CA LEU A 1062 13.32 6.86 -36.24
C LEU A 1062 13.88 6.01 -35.10
N GLY A 1063 15.17 6.17 -34.81
CA GLY A 1063 15.78 5.41 -33.75
C GLY A 1063 15.39 5.97 -32.41
N GLY A 1064 14.91 5.13 -31.50
CA GLY A 1064 14.64 5.58 -30.16
C GLY A 1064 15.69 5.09 -29.20
N LEU A 1065 15.72 5.61 -27.99
CA LEU A 1065 14.96 6.79 -27.57
C LEU A 1065 15.95 7.80 -27.04
N ASP A 1066 15.53 9.06 -26.91
CA ASP A 1066 16.45 10.11 -26.50
C ASP A 1066 16.67 10.04 -24.99
N ARG A 1067 17.90 9.79 -24.57
CA ARG A 1067 18.17 9.66 -23.14
C ARG A 1067 18.18 11.01 -22.45
N SER A 1068 18.90 11.99 -23.00
CA SER A 1068 19.03 13.27 -22.32
C SER A 1068 17.71 14.04 -22.32
N ALA A 1069 16.76 13.65 -23.16
CA ALA A 1069 15.42 14.23 -23.09
C ALA A 1069 14.61 13.60 -21.97
N ASN A 1070 14.72 12.27 -21.81
CA ASN A 1070 13.97 11.59 -20.75
C ASN A 1070 14.53 11.89 -19.38
N LEU A 1071 15.83 12.21 -19.28
CA LEU A 1071 16.36 12.66 -18.01
C LEU A 1071 15.83 14.05 -17.65
N LEU A 1072 15.58 14.88 -18.66
CA LEU A 1072 15.12 16.24 -18.40
C LEU A 1072 13.67 16.24 -17.95
N ARG A 1073 12.85 15.34 -18.50
CA ARG A 1073 11.44 15.32 -18.12
C ARG A 1073 11.22 14.62 -16.79
N LEU A 1074 12.17 13.77 -16.37
CA LEU A 1074 12.07 13.17 -15.04
C LEU A 1074 12.61 14.08 -13.96
N ASP A 1075 13.40 15.09 -14.36
CA ASP A 1075 13.80 16.13 -13.42
C ASP A 1075 12.68 17.13 -13.18
N VAL A 1076 11.83 17.35 -14.18
CA VAL A 1076 10.64 18.18 -14.03
C VAL A 1076 9.52 17.43 -13.33
N ALA A 1077 9.32 16.17 -13.69
CA ALA A 1077 8.29 15.37 -13.03
C ALA A 1077 8.64 15.11 -11.57
N SER A 1078 9.85 15.46 -11.14
CA SER A 1078 10.23 15.23 -9.75
C SER A 1078 9.77 16.35 -8.84
N ILE A 1079 9.17 17.39 -9.40
CA ILE A 1079 8.60 18.47 -8.59
C ILE A 1079 7.08 18.41 -8.68
N ARG A 1080 6.54 18.67 -9.88
CA ARG A 1080 5.09 18.63 -10.05
C ARG A 1080 4.51 17.26 -9.75
N GLY A 1081 5.33 16.21 -9.72
CA GLY A 1081 4.85 14.87 -9.57
C GLY A 1081 4.54 14.15 -10.86
N ASN A 1082 4.27 14.90 -11.93
CA ASN A 1082 4.02 14.28 -13.23
C ASN A 1082 4.34 15.30 -14.31
N TYR A 1083 4.61 14.80 -15.50
CA TYR A 1083 4.99 15.63 -16.64
C TYR A 1083 3.84 15.72 -17.61
N HIS A 1084 3.53 16.94 -18.06
CA HIS A 1084 2.52 17.19 -19.07
C HIS A 1084 3.03 18.30 -19.98
N LYS A 1085 2.95 18.08 -21.29
CA LYS A 1085 3.54 19.01 -22.25
C LYS A 1085 2.76 20.31 -22.28
N PHE A 1086 3.46 21.41 -22.52
CA PHE A 1086 2.83 22.72 -22.45
C PHE A 1086 1.84 22.92 -23.57
N SER A 1087 0.74 23.59 -23.26
CA SER A 1087 -0.24 23.97 -24.26
C SER A 1087 -0.96 25.22 -23.80
N TYR A 1088 -1.36 26.05 -24.77
CA TYR A 1088 -2.10 27.26 -24.45
C TYR A 1088 -3.52 27.00 -24.02
N ASP A 1089 -4.03 25.78 -24.21
CA ASP A 1089 -5.33 25.39 -23.71
C ASP A 1089 -5.27 24.73 -22.34
N ASP A 1090 -4.07 24.40 -21.87
CA ASP A 1090 -3.92 23.78 -20.56
C ASP A 1090 -4.48 24.73 -19.50
N PRO A 1091 -5.41 24.27 -18.65
CA PRO A 1091 -5.95 25.18 -17.63
C PRO A 1091 -4.90 25.76 -16.69
N VAL A 1092 -3.70 25.18 -16.63
CA VAL A 1092 -2.63 25.80 -15.87
C VAL A 1092 -2.22 27.12 -16.51
N PHE A 1093 -2.11 27.13 -17.84
CA PHE A 1093 -1.76 28.36 -18.55
C PHE A 1093 -2.88 29.39 -18.45
N LYS A 1094 -4.10 28.98 -18.79
CA LYS A 1094 -5.20 29.94 -18.93
C LYS A 1094 -5.35 30.81 -17.70
N GLN A 1095 -5.44 30.19 -16.53
CA GLN A 1095 -5.56 30.96 -15.30
C GLN A 1095 -4.27 31.67 -14.95
N GLY A 1096 -3.14 31.14 -15.41
CA GLY A 1096 -1.88 31.83 -15.19
C GLY A 1096 -1.78 33.10 -16.01
N TYR A 1097 -2.41 33.13 -17.16
CA TYR A 1097 -2.38 34.33 -17.99
C TYR A 1097 -3.37 35.38 -17.50
N LYS A 1098 -4.41 34.95 -16.77
CA LYS A 1098 -5.32 35.93 -16.18
C LYS A 1098 -4.62 36.74 -15.10
N ILE A 1099 -3.80 36.08 -14.28
CA ILE A 1099 -3.01 36.78 -13.27
C ILE A 1099 -2.02 37.71 -13.94
N TYR A 1100 -1.27 37.18 -14.92
CA TYR A 1100 -0.29 37.97 -15.64
C TYR A 1100 -0.90 39.24 -16.22
N LYS A 1101 -2.10 39.12 -16.82
CA LYS A 1101 -2.68 40.24 -17.53
C LYS A 1101 -3.29 41.26 -16.58
N SER A 1102 -3.63 40.86 -15.35
CA SER A 1102 -4.23 41.78 -14.39
C SER A 1102 -3.24 42.25 -13.34
N ASP A 1103 -2.84 41.36 -12.42
CA ASP A 1103 -1.89 41.73 -11.36
C ASP A 1103 -0.65 40.86 -11.53
N ALA A 1104 0.45 41.49 -11.95
CA ALA A 1104 1.64 40.73 -12.28
C ALA A 1104 2.42 40.32 -11.04
N THR A 1105 2.27 41.05 -9.95
CA THR A 1105 3.05 40.78 -8.76
C THR A 1105 2.64 39.50 -8.04
N LEU A 1106 1.56 38.85 -8.47
CA LEU A 1106 1.13 37.61 -7.86
C LEU A 1106 1.65 36.37 -8.57
N LEU A 1107 2.49 36.52 -9.60
CA LEU A 1107 2.98 35.36 -10.32
C LEU A 1107 3.83 34.47 -9.43
N ASN A 1108 4.65 35.08 -8.57
CA ASN A 1108 5.46 34.28 -7.65
C ASN A 1108 4.58 33.44 -6.74
N ASP A 1109 3.46 34.00 -6.30
CA ASP A 1109 2.52 33.25 -5.46
C ASP A 1109 1.77 32.21 -6.29
N PHE A 1110 1.69 32.42 -7.60
CA PHE A 1110 1.04 31.43 -8.48
C PHE A 1110 1.98 30.28 -8.78
N PHE A 1111 3.26 30.57 -9.05
CA PHE A 1111 4.22 29.53 -9.39
C PHE A 1111 4.50 28.58 -8.24
N THR A 1112 4.32 29.03 -6.99
CA THR A 1112 4.43 28.12 -5.86
C THR A 1112 3.16 27.29 -5.66
N ALA A 1113 2.00 27.88 -5.94
CA ALA A 1113 0.74 27.14 -5.80
C ALA A 1113 0.76 25.86 -6.63
N ILE A 1114 1.27 25.92 -7.85
CA ILE A 1114 1.35 24.74 -8.71
C ILE A 1114 2.71 24.07 -8.65
N SER A 1115 3.66 24.64 -7.93
CA SER A 1115 5.00 24.07 -7.77
C SER A 1115 5.67 23.85 -9.11
N ALA A 1116 5.75 24.92 -9.90
CA ALA A 1116 6.52 24.86 -11.12
C ALA A 1116 8.00 25.10 -10.82
N GLY A 1117 8.84 24.19 -11.32
CA GLY A 1117 10.27 24.33 -11.14
C GLY A 1117 10.79 25.54 -11.86
N PRO A 1118 12.05 25.88 -11.58
CA PRO A 1118 12.66 27.04 -12.26
C PRO A 1118 12.73 26.89 -13.76
N LYS A 1119 12.59 25.67 -14.28
CA LYS A 1119 12.57 25.50 -15.73
C LYS A 1119 11.21 25.82 -16.33
N GLU A 1120 10.13 25.36 -15.68
CA GLU A 1120 8.79 25.65 -16.19
C GLU A 1120 8.41 27.11 -16.00
N GLN A 1121 9.03 27.81 -15.07
CA GLN A 1121 8.74 29.22 -14.92
C GLN A 1121 9.24 30.01 -16.12
N GLY A 1122 10.28 29.51 -16.79
CA GLY A 1122 10.75 30.13 -18.01
C GLY A 1122 9.85 29.84 -19.18
N ILE A 1123 9.35 28.61 -19.28
CA ILE A 1123 8.47 28.24 -20.39
C ILE A 1123 7.18 29.04 -20.33
N LEU A 1124 6.67 29.28 -19.12
CA LEU A 1124 5.43 30.04 -18.98
C LEU A 1124 5.67 31.52 -19.24
N LEU A 1125 6.65 32.13 -18.55
CA LEU A 1125 6.85 33.57 -18.66
C LEU A 1125 7.20 33.99 -20.09
N ARG A 1126 7.69 33.07 -20.92
CA ARG A 1126 7.83 33.37 -22.33
C ARG A 1126 6.49 33.27 -23.05
N ALA A 1127 5.76 32.19 -22.79
CA ALA A 1127 4.50 31.97 -23.50
C ALA A 1127 3.46 33.01 -23.14
N PHE A 1128 3.60 33.65 -21.98
CA PHE A 1128 2.73 34.78 -21.67
C PHE A 1128 2.99 35.94 -22.62
N ALA A 1129 4.25 36.13 -23.02
CA ALA A 1129 4.58 37.22 -23.93
C ALA A 1129 4.30 36.86 -25.37
N TYR A 1130 4.25 35.57 -25.70
CA TYR A 1130 3.82 35.16 -27.03
C TYR A 1130 2.30 35.17 -27.13
N TYR A 1131 1.61 34.74 -26.08
CA TYR A 1131 0.16 34.67 -26.14
C TYR A 1131 -0.47 36.05 -26.07
N SER A 1132 0.27 37.05 -25.59
CA SER A 1132 -0.24 38.42 -25.60
C SER A 1132 -0.26 38.97 -27.02
N LEU A 1133 0.84 38.80 -27.74
CA LEU A 1133 0.94 39.30 -29.10
C LEU A 1133 0.11 38.46 -30.07
N TYR A 1134 0.38 37.16 -30.12
CA TYR A 1134 -0.08 36.31 -31.21
C TYR A 1134 -1.32 35.49 -30.91
N GLY A 1135 -1.85 35.52 -29.70
CA GLY A 1135 -2.94 34.62 -29.45
C GLY A 1135 -2.46 33.18 -29.32
N ASN A 1136 -3.31 32.25 -29.76
CA ASN A 1136 -3.02 30.83 -29.64
C ASN A 1136 -2.53 30.31 -30.98
N VAL A 1137 -1.22 30.16 -31.11
CA VAL A 1137 -0.61 29.77 -32.38
C VAL A 1137 -0.04 28.36 -32.40
N GLU A 1138 0.05 27.63 -31.29
CA GLU A 1138 0.99 26.51 -31.27
C GLU A 1138 0.42 25.34 -32.05
N TYR A 1139 1.32 24.46 -32.52
CA TYR A 1139 0.91 23.26 -33.23
C TYR A 1139 1.03 22.13 -32.22
N HIS A 1140 -0.12 21.63 -31.79
CA HIS A 1140 -0.19 20.77 -30.61
C HIS A 1140 -0.54 19.34 -30.99
N TYR A 1141 0.08 18.39 -30.28
CA TYR A 1141 -0.09 16.97 -30.51
C TYR A 1141 0.20 16.25 -29.20
N VAL A 1142 -0.33 15.04 -29.07
CA VAL A 1142 -0.18 14.25 -27.85
C VAL A 1142 0.33 12.87 -28.24
N LEU A 1143 1.55 12.55 -27.85
CA LEU A 1143 2.08 11.20 -27.97
C LEU A 1143 2.43 10.68 -26.58
N SER A 1144 1.70 9.66 -26.14
CA SER A 1144 1.91 9.11 -24.82
C SER A 1144 3.25 8.38 -24.73
N PRO A 1145 3.88 8.37 -23.56
CA PRO A 1145 5.14 7.62 -23.42
C PRO A 1145 4.94 6.12 -23.49
N ARG A 1146 3.78 5.62 -23.08
CA ARG A 1146 3.51 4.20 -23.21
C ARG A 1146 3.21 3.83 -24.65
N GLN A 1147 2.64 4.77 -25.40
CA GLN A 1147 2.38 4.57 -26.83
C GLN A 1147 3.67 4.39 -27.59
N LEU A 1148 4.62 5.31 -27.43
CA LEU A 1148 5.93 5.22 -28.05
C LEU A 1148 6.86 4.71 -26.97
N PHE A 1149 7.22 3.44 -27.06
CA PHE A 1149 7.89 2.79 -25.94
C PHE A 1149 9.39 2.71 -26.21
N PHE A 1150 9.79 1.96 -27.22
CA PHE A 1150 11.16 2.04 -27.71
C PHE A 1150 11.40 3.20 -28.66
N LEU A 1151 10.37 3.68 -29.36
CA LEU A 1151 10.54 4.69 -30.40
C LEU A 1151 10.98 6.02 -29.80
N SER A 1152 11.51 6.88 -30.66
CA SER A 1152 12.12 8.13 -30.24
C SER A 1152 11.07 9.17 -29.88
N ASP A 1153 11.38 9.99 -28.89
CA ASP A 1153 10.47 11.04 -28.47
C ASP A 1153 10.71 12.33 -29.23
N ASN A 1154 11.83 12.43 -29.95
CA ASN A 1154 12.31 13.71 -30.46
C ASN A 1154 12.04 13.81 -31.94
N PRO A 1155 11.33 14.85 -32.39
CA PRO A 1155 10.97 14.93 -33.83
C PRO A 1155 12.15 15.15 -34.75
N VAL A 1156 13.31 15.55 -34.25
CA VAL A 1156 14.45 15.83 -35.12
C VAL A 1156 14.89 14.53 -35.80
N SER A 1157 14.45 13.40 -35.27
CA SER A 1157 14.87 12.12 -35.82
C SER A 1157 14.38 11.91 -37.24
N ALA A 1158 13.34 12.63 -37.65
CA ALA A 1158 12.79 12.52 -38.99
C ALA A 1158 13.39 13.55 -39.95
N GLU A 1159 14.39 14.31 -39.52
CA GLU A 1159 14.95 15.34 -40.37
C GLU A 1159 15.54 14.77 -41.66
N ARG A 1160 16.05 13.53 -41.61
CA ARG A 1160 16.70 12.91 -42.75
C ARG A 1160 15.74 12.21 -43.69
N LEU A 1161 14.49 12.04 -43.29
CA LEU A 1161 13.53 11.25 -44.03
C LEU A 1161 12.68 12.06 -45.00
N VAL A 1162 12.83 13.39 -45.02
CA VAL A 1162 12.01 14.26 -45.85
C VAL A 1162 12.90 15.31 -46.48
N ARG A 1163 12.69 15.59 -47.75
CA ARG A 1163 13.38 16.68 -48.43
C ARG A 1163 12.46 17.90 -48.46
N ILE A 1164 13.01 19.06 -48.15
CA ILE A 1164 12.28 20.32 -48.21
C ILE A 1164 12.76 21.05 -49.46
N PRO A 1165 11.87 21.38 -50.40
CA PRO A 1165 12.30 22.11 -51.59
C PRO A 1165 12.87 23.47 -51.21
N PRO A 1166 14.01 23.84 -51.77
CA PRO A 1166 14.78 24.96 -51.21
C PRO A 1166 14.04 26.29 -51.19
N LYS A 1167 12.94 26.41 -51.94
CA LYS A 1167 12.24 27.68 -51.98
C LYS A 1167 11.49 27.98 -50.68
N TYR A 1168 11.44 27.03 -49.74
CA TYR A 1168 10.83 27.33 -48.46
C TYR A 1168 11.83 27.81 -47.42
N TYR A 1169 13.13 27.75 -47.71
CA TYR A 1169 14.11 28.34 -46.81
C TYR A 1169 14.14 29.85 -46.95
N VAL A 1170 13.91 30.36 -48.16
CA VAL A 1170 13.88 31.79 -48.39
C VAL A 1170 12.75 32.44 -47.62
N SER A 1171 11.51 31.98 -47.86
CA SER A 1171 10.34 32.65 -47.31
C SER A 1171 10.22 32.45 -45.81
N THR A 1172 10.26 31.21 -45.34
CA THR A 1172 10.01 30.89 -43.94
C THR A 1172 11.29 30.41 -43.27
N GLN A 1173 11.55 30.92 -42.07
CA GLN A 1173 12.70 30.48 -41.28
C GLN A 1173 12.36 29.37 -40.31
N CYS A 1174 11.16 28.80 -40.35
CA CYS A 1174 10.83 27.76 -39.38
C CYS A 1174 11.22 26.40 -39.95
N ARG A 1175 12.37 25.93 -39.49
CA ARG A 1175 12.85 24.59 -39.84
C ARG A 1175 12.34 23.53 -38.86
N ALA A 1176 12.37 23.85 -37.57
CA ALA A 1176 11.99 22.86 -36.56
C ALA A 1176 10.50 22.60 -36.54
N LEU A 1177 9.71 23.44 -37.21
CA LEU A 1177 8.29 23.13 -37.37
C LEU A 1177 8.08 22.11 -38.48
N TYR A 1178 8.89 22.19 -39.54
CA TYR A 1178 8.75 21.22 -40.62
C TYR A 1178 9.18 19.83 -40.17
N ASN A 1179 9.93 19.74 -39.07
CA ASN A 1179 10.30 18.42 -38.57
C ASN A 1179 9.17 17.79 -37.77
N ILE A 1180 8.35 18.61 -37.12
CA ILE A 1180 7.19 18.06 -36.42
C ILE A 1180 6.11 17.64 -37.41
N PHE A 1181 5.98 18.37 -38.51
CA PHE A 1181 5.13 17.91 -39.60
C PHE A 1181 5.62 16.58 -40.14
N SER A 1182 6.94 16.46 -40.35
CA SER A 1182 7.51 15.25 -40.92
C SER A 1182 7.44 14.09 -39.93
N TYR A 1183 7.59 14.39 -38.64
CA TYR A 1183 7.66 13.35 -37.62
C TYR A 1183 6.30 12.71 -37.40
N LEU A 1184 5.24 13.50 -37.44
CA LEU A 1184 3.91 12.98 -37.17
C LEU A 1184 3.34 12.24 -38.37
N HIS A 1185 3.71 12.67 -39.57
CA HIS A 1185 3.25 11.97 -40.77
C HIS A 1185 3.96 10.65 -40.98
N ILE A 1186 5.17 10.49 -40.47
CA ILE A 1186 5.87 9.23 -40.64
C ILE A 1186 5.37 8.19 -39.66
N LEU A 1187 5.09 8.59 -38.41
CA LEU A 1187 4.50 7.64 -37.46
C LEU A 1187 3.13 7.20 -37.92
N ARG A 1188 2.37 8.10 -38.53
CA ARG A 1188 1.00 7.82 -38.93
C ARG A 1188 0.92 6.87 -40.12
N SER A 1189 1.89 6.92 -41.03
CA SER A 1189 1.84 6.16 -42.27
C SER A 1189 2.65 4.87 -42.24
N ILE A 1190 3.34 4.56 -41.13
CA ILE A 1190 4.28 3.43 -41.13
C ILE A 1190 3.68 2.13 -41.62
N ALA A 1191 2.37 1.94 -41.49
CA ALA A 1191 1.76 0.73 -42.03
C ALA A 1191 1.87 0.67 -43.54
N ASN A 1192 1.86 1.83 -44.20
CA ASN A 1192 1.92 1.91 -45.65
C ASN A 1192 3.31 2.24 -46.19
N ASN A 1193 4.31 2.37 -45.33
CA ASN A 1193 5.60 2.93 -45.74
C ASN A 1193 6.52 1.84 -46.27
N ARG A 1194 6.93 1.99 -47.52
CA ARG A 1194 7.86 1.07 -48.17
C ARG A 1194 9.30 1.58 -48.19
N GLY A 1195 9.58 2.72 -47.58
CA GLY A 1195 10.95 3.14 -47.40
C GLY A 1195 11.43 4.26 -48.30
N LYS A 1196 10.57 4.81 -49.14
CA LYS A 1196 10.97 5.90 -50.01
C LYS A 1196 10.97 7.23 -49.25
N ARG A 1197 11.81 8.16 -49.69
CA ARG A 1197 11.85 9.46 -49.04
C ARG A 1197 10.68 10.32 -49.51
N LEU A 1198 10.34 11.31 -48.71
CA LEU A 1198 9.20 12.17 -48.97
C LEU A 1198 9.65 13.53 -49.47
N LYS A 1199 8.68 14.40 -49.77
CA LYS A 1199 8.95 15.79 -50.09
C LYS A 1199 7.83 16.65 -49.50
N MET A 1200 8.20 17.70 -48.79
CA MET A 1200 7.22 18.57 -48.16
C MET A 1200 6.57 19.46 -49.20
N VAL A 1201 5.25 19.51 -49.17
CA VAL A 1201 4.46 20.39 -50.04
C VAL A 1201 3.61 21.26 -49.13
N LEU A 1202 3.84 22.56 -49.15
CA LEU A 1202 3.22 23.47 -48.22
C LEU A 1202 2.17 24.34 -48.90
N HIS A 1203 1.11 24.65 -48.17
CA HIS A 1203 0.04 25.47 -48.70
C HIS A 1203 0.48 26.94 -48.72
N PRO A 1204 0.10 27.71 -49.74
CA PRO A 1204 0.47 29.14 -49.76
C PRO A 1204 -0.03 29.90 -48.55
N GLY A 1205 -1.21 29.57 -48.05
CA GLY A 1205 -1.72 30.17 -46.83
C GLY A 1205 -1.05 29.69 -45.57
N LEU A 1206 -0.43 28.51 -45.60
CA LEU A 1206 0.40 28.08 -44.49
C LEU A 1206 1.65 28.93 -44.39
N ILE A 1207 2.34 29.14 -45.51
CA ILE A 1207 3.55 29.95 -45.51
C ILE A 1207 3.25 31.36 -45.04
N ALA A 1208 2.15 31.94 -45.52
CA ALA A 1208 1.84 33.31 -45.15
C ALA A 1208 1.40 33.42 -43.69
N TYR A 1209 0.93 32.31 -43.11
CA TYR A 1209 0.57 32.32 -41.70
C TYR A 1209 1.79 32.20 -40.81
N VAL A 1210 2.74 31.34 -41.21
CA VAL A 1210 3.92 31.09 -40.39
C VAL A 1210 4.81 32.32 -40.32
N ARG A 1211 4.92 33.09 -41.38
CA ARG A 1211 5.84 34.22 -41.42
C ARG A 1211 5.22 35.49 -40.87
N GLY A 1212 3.99 35.43 -40.37
CA GLY A 1212 3.42 36.50 -39.60
C GLY A 1212 3.48 36.29 -38.11
N THR A 1213 4.17 35.24 -37.68
CA THR A 1213 4.27 34.86 -36.29
C THR A 1213 5.66 34.30 -36.02
N SER A 1214 6.24 34.67 -34.89
CA SER A 1214 7.54 34.14 -34.51
C SER A 1214 7.44 32.64 -34.27
N GLN A 1215 8.50 31.93 -34.63
CA GLN A 1215 8.53 30.49 -34.42
C GLN A 1215 8.47 30.12 -32.94
N GLY A 1216 9.02 30.96 -32.08
CA GLY A 1216 8.95 30.70 -30.66
C GLY A 1216 7.55 30.66 -30.12
N ALA A 1217 6.61 31.34 -30.79
CA ALA A 1217 5.22 31.28 -30.38
C ALA A 1217 4.58 29.95 -30.72
N ILE A 1218 5.02 29.32 -31.80
CA ILE A 1218 4.49 28.02 -32.20
C ILE A 1218 5.07 26.89 -31.35
N LEU A 1219 6.34 26.98 -30.98
CA LEU A 1219 7.04 25.93 -30.25
C LEU A 1219 7.61 26.50 -28.95
N PRO A 1220 6.74 26.84 -27.99
CA PRO A 1220 7.26 27.46 -26.77
C PRO A 1220 8.06 26.53 -25.90
N GLU A 1221 7.82 25.23 -25.99
CA GLU A 1221 8.54 24.27 -25.16
C GLU A 1221 10.00 24.15 -25.56
N ALA A 1222 10.27 24.08 -26.87
CA ALA A 1222 11.61 23.81 -27.35
C ALA A 1222 12.50 25.04 -27.28
N ASP A 1223 13.82 24.80 -27.23
CA ASP A 1223 14.83 25.84 -27.21
C ASP A 1223 15.54 25.82 -28.56
N ASN A 1224 15.35 26.89 -29.34
CA ASN A 1224 15.91 26.96 -30.68
C ASN A 1224 17.36 27.41 -30.64
N PHE B 2 3.00 27.36 37.97
CA PHE B 2 2.80 25.93 37.78
C PHE B 2 1.76 25.65 36.72
N ALA B 3 1.82 24.46 36.13
CA ALA B 3 0.89 24.10 35.07
C ALA B 3 -0.52 23.89 35.62
N ILE B 4 -0.64 23.17 36.73
CA ILE B 4 -1.90 22.99 37.43
C ILE B 4 -1.88 23.88 38.67
N ASP B 5 -2.91 24.69 38.83
CA ASP B 5 -2.90 25.76 39.82
C ASP B 5 -2.82 25.18 41.22
N PRO B 6 -1.76 25.48 41.99
CA PRO B 6 -1.64 24.86 43.32
C PRO B 6 -2.72 25.27 44.28
N LEU B 7 -3.34 26.45 44.11
CA LEU B 7 -4.31 26.92 45.09
C LEU B 7 -5.66 26.22 44.93
N LYS B 8 -6.09 25.97 43.70
CA LYS B 8 -7.38 25.30 43.50
C LYS B 8 -7.27 23.79 43.67
N HIS B 9 -6.22 23.19 43.11
CA HIS B 9 -6.08 21.75 42.97
C HIS B 9 -5.27 21.10 44.08
N SER B 10 -5.05 21.83 45.18
CA SER B 10 -4.08 21.43 46.18
C SER B 10 -4.13 19.94 46.52
N LYS B 11 -5.34 19.36 46.58
CA LYS B 11 -5.45 17.93 46.86
C LYS B 11 -4.62 17.09 45.89
N LEU B 12 -4.39 17.60 44.67
CA LEU B 12 -3.50 16.91 43.76
C LEU B 12 -2.06 16.93 44.25
N TYR B 13 -1.60 18.07 44.76
CA TYR B 13 -0.24 18.18 45.26
C TYR B 13 -0.08 17.54 46.64
N GLU B 14 -1.17 17.38 47.38
CA GLU B 14 -1.11 16.67 48.65
C GLU B 14 -0.55 15.27 48.48
N GLU B 15 -0.77 14.66 47.31
CA GLU B 15 -0.29 13.31 47.06
C GLU B 15 1.23 13.25 47.07
N TYR B 16 1.89 14.16 46.36
CA TYR B 16 3.33 14.12 46.20
C TYR B 16 4.08 14.47 47.48
N GLY B 17 3.38 14.86 48.55
CA GLY B 17 4.04 15.31 49.75
C GLY B 17 4.20 16.81 49.84
N LEU B 18 3.60 17.56 48.93
CA LEU B 18 3.81 18.99 48.79
C LEU B 18 2.60 19.69 49.38
N TYR B 19 2.75 20.34 50.52
CA TYR B 19 1.68 21.12 51.10
C TYR B 19 2.02 22.60 51.04
N LEU B 20 1.00 23.41 50.81
CA LEU B 20 1.19 24.84 50.61
C LEU B 20 1.56 25.55 51.91
N ARG B 21 2.45 26.53 51.80
CA ARG B 21 2.75 27.37 52.93
C ARG B 21 1.51 28.19 53.30
N PRO B 22 1.46 28.75 54.50
CA PRO B 22 0.32 29.59 54.85
C PRO B 22 0.37 30.93 54.14
N HIS B 23 -0.82 31.50 53.91
CA HIS B 23 -0.96 32.84 53.34
C HIS B 23 -2.41 33.31 53.47
N ALA B 40 7.36 37.99 52.51
CA ALA B 40 6.81 36.90 51.73
C ALA B 40 6.78 37.24 50.25
N PRO B 41 7.95 37.51 49.66
CA PRO B 41 7.97 37.92 48.25
C PRO B 41 7.66 36.79 47.29
N THR B 42 7.98 35.56 47.68
CA THR B 42 7.65 34.41 46.85
C THR B 42 6.30 33.81 47.17
N ILE B 43 5.67 34.25 48.25
CA ILE B 43 4.31 33.82 48.55
C ILE B 43 3.30 34.62 47.75
N ARG B 44 3.54 35.92 47.58
CA ARG B 44 2.64 36.71 46.76
C ARG B 44 2.66 36.25 45.32
N SER B 45 3.68 35.49 44.94
CA SER B 45 3.78 35.05 43.55
C SER B 45 2.90 33.84 43.28
N ILE B 46 2.47 33.12 44.33
CA ILE B 46 1.55 32.01 44.09
C ILE B 46 0.13 32.51 43.96
N LYS B 47 -0.18 33.67 44.54
CA LYS B 47 -1.49 34.27 44.33
C LYS B 47 -1.58 34.92 42.95
N TYR B 48 -0.47 35.48 42.47
CA TYR B 48 -0.47 36.07 41.14
C TYR B 48 -0.72 35.03 40.07
N ALA B 49 -0.03 33.89 40.18
CA ALA B 49 -0.20 32.84 39.18
C ALA B 49 -1.59 32.22 39.24
N SER B 50 -2.25 32.31 40.39
CA SER B 50 -3.61 31.82 40.48
C SER B 50 -4.58 32.81 39.86
N LEU B 51 -4.22 34.08 39.80
CA LEU B 51 -5.02 35.06 39.08
C LEU B 51 -4.78 34.97 37.59
N ILE B 52 -3.60 34.48 37.19
CA ILE B 52 -3.32 34.35 35.77
C ILE B 52 -4.01 33.12 35.20
N HIS B 53 -4.11 32.04 35.97
CA HIS B 53 -4.90 30.89 35.51
C HIS B 53 -6.37 31.25 35.36
N SER B 54 -6.91 32.01 36.32
CA SER B 54 -8.33 32.38 36.24
C SER B 54 -8.59 33.28 35.04
N MET B 55 -7.64 34.14 34.70
CA MET B 55 -7.81 35.03 33.57
C MET B 55 -7.71 34.29 32.25
N LEU B 56 -6.94 33.19 32.24
CA LEU B 56 -6.82 32.40 31.02
C LEU B 56 -8.06 31.55 30.79
N ALA B 57 -8.52 30.86 31.83
CA ALA B 57 -9.65 29.95 31.67
C ALA B 57 -10.93 30.71 31.33
N LYS B 58 -10.98 31.98 31.72
CA LYS B 58 -12.12 32.82 31.32
C LYS B 58 -12.01 33.24 29.87
N HIS B 59 -10.80 33.59 29.43
CA HIS B 59 -10.58 33.91 28.02
C HIS B 59 -10.64 32.67 27.14
N ALA B 60 -10.26 31.52 27.68
CA ALA B 60 -10.29 30.31 26.88
C ALA B 60 -11.72 29.87 26.61
N ALA B 61 -12.52 29.71 27.66
CA ALA B 61 -13.91 29.30 27.48
C ALA B 61 -14.71 30.34 26.73
N ARG B 62 -14.17 31.55 26.59
CA ARG B 62 -14.86 32.58 25.83
C ARG B 62 -14.97 32.23 24.36
N HIS B 63 -13.88 31.79 23.73
CA HIS B 63 -13.92 31.30 22.36
C HIS B 63 -13.58 29.81 22.34
N ASN B 64 -14.61 28.98 22.21
CA ASN B 64 -14.49 27.56 21.86
C ASN B 64 -13.36 26.86 22.61
N GLY B 65 -13.10 27.27 23.85
CA GLY B 65 -12.03 26.67 24.64
C GLY B 65 -10.63 26.83 24.10
N THR B 66 -10.34 27.87 23.31
CA THR B 66 -9.01 28.08 22.77
C THR B 66 -8.58 29.53 22.95
N LEU B 67 -7.28 29.72 23.22
CA LEU B 67 -6.71 31.06 23.27
C LEU B 67 -6.45 31.55 21.85
N ILE B 68 -6.79 32.82 21.60
CA ILE B 68 -6.81 33.28 20.23
C ILE B 68 -5.41 33.58 19.70
N ASN B 69 -4.56 34.19 20.53
CA ASN B 69 -3.19 34.53 20.12
C ASN B 69 -2.24 34.04 21.20
N PRO B 70 -1.90 32.75 21.18
CA PRO B 70 -1.17 32.17 22.31
C PRO B 70 0.26 32.63 22.44
N ARG B 71 0.89 33.09 21.35
CA ARG B 71 2.28 33.51 21.44
C ARG B 71 2.41 34.76 22.30
N MET B 72 1.36 35.58 22.38
CA MET B 72 1.40 36.74 23.24
C MET B 72 1.28 36.34 24.70
N TYR B 73 0.33 35.46 25.01
CA TYR B 73 0.15 35.01 26.39
C TYR B 73 1.40 34.34 26.93
N ALA B 74 2.07 33.55 26.10
CA ALA B 74 3.28 32.86 26.56
C ALA B 74 4.35 33.85 26.99
N ASP B 75 4.52 34.94 26.24
CA ASP B 75 5.55 35.91 26.58
C ASP B 75 5.09 36.84 27.70
N MET B 76 3.83 37.27 27.66
CA MET B 76 3.31 38.16 28.69
C MET B 76 3.38 37.49 30.06
N ILE B 77 2.96 36.24 30.14
CA ILE B 77 2.98 35.52 31.42
C ILE B 77 4.40 35.14 31.80
N THR B 78 5.10 34.40 30.93
CA THR B 78 6.37 33.78 31.26
C THR B 78 7.54 34.75 31.24
N LEU B 79 7.70 35.51 30.15
CA LEU B 79 8.78 36.47 30.09
C LEU B 79 8.42 37.80 30.72
N GLY B 80 7.14 38.11 30.82
CA GLY B 80 6.72 39.39 31.37
C GLY B 80 7.25 40.61 30.66
N ASN B 81 7.70 40.46 29.42
CA ASN B 81 8.32 41.56 28.70
C ASN B 81 7.38 42.31 27.77
N THR B 82 6.10 41.93 27.72
CA THR B 82 5.20 42.48 26.73
C THR B 82 4.06 43.25 27.40
N LYS B 83 3.78 44.43 26.87
CA LYS B 83 2.60 45.21 27.23
C LYS B 83 1.79 45.47 25.96
N VAL B 84 0.47 45.47 26.10
CA VAL B 84 -0.44 45.68 24.97
C VAL B 84 -1.40 46.79 25.34
N THR B 85 -1.69 47.67 24.39
CA THR B 85 -2.60 48.78 24.62
C THR B 85 -3.17 49.32 23.31
N ASP B 131 -10.69 43.31 16.48
CA ASP B 131 -10.98 44.52 17.24
C ASP B 131 -11.45 44.19 18.65
N ILE B 132 -12.76 44.23 18.86
CA ILE B 132 -13.33 43.92 20.16
C ILE B 132 -13.06 42.46 20.51
N VAL B 133 -13.06 41.58 19.52
CA VAL B 133 -12.70 40.18 19.77
C VAL B 133 -11.20 40.04 19.95
N THR B 134 -10.41 40.55 18.99
CA THR B 134 -8.99 40.28 18.90
C THR B 134 -8.19 40.72 20.13
N TYR B 135 -8.03 42.03 20.30
CA TYR B 135 -7.09 42.55 21.29
C TYR B 135 -7.73 42.98 22.59
N LYS B 136 -9.04 42.83 22.76
CA LYS B 136 -9.66 43.25 24.02
C LYS B 136 -9.31 42.27 25.13
N ALA B 137 -9.03 41.01 24.78
CA ALA B 137 -8.65 40.04 25.79
C ALA B 137 -7.18 40.18 26.17
N LEU B 138 -6.33 40.53 25.21
CA LEU B 138 -4.91 40.70 25.52
C LEU B 138 -4.68 41.91 26.41
N THR B 139 -5.41 43.00 26.16
CA THR B 139 -5.23 44.20 26.98
C THR B 139 -5.76 43.97 28.40
N GLU B 140 -6.69 43.05 28.58
CA GLU B 140 -7.11 42.70 29.93
C GLU B 140 -6.04 41.89 30.63
N MET B 141 -5.25 41.13 29.87
CA MET B 141 -4.13 40.40 30.46
C MET B 141 -2.93 41.31 30.67
N SER B 142 -2.76 42.31 29.82
CA SER B 142 -1.59 43.19 29.93
C SER B 142 -1.67 44.03 31.20
N THR B 143 -2.87 44.46 31.57
CA THR B 143 -3.01 45.29 32.77
C THR B 143 -2.90 44.45 34.02
N LEU B 144 -3.33 43.19 33.96
CA LEU B 144 -3.22 42.31 35.12
C LEU B 144 -1.77 42.05 35.47
N ILE B 145 -0.95 41.75 34.47
CA ILE B 145 0.45 41.42 34.73
C ILE B 145 1.27 42.67 35.02
N GLU B 146 0.88 43.81 34.46
CA GLU B 146 1.60 45.05 34.75
C GLU B 146 1.41 45.49 36.19
N SER B 147 0.26 45.13 36.79
CA SER B 147 0.00 45.51 38.17
C SER B 147 0.80 44.65 39.14
N PHE B 148 1.26 43.48 38.71
CA PHE B 148 2.06 42.63 39.58
C PHE B 148 3.40 43.25 39.91
N ARG B 149 3.99 44.01 38.99
CA ARG B 149 5.27 44.68 39.19
C ARG B 149 6.39 43.71 39.53
N LEU B 150 6.35 42.52 38.94
CA LEU B 150 7.43 41.57 39.14
C LEU B 150 8.65 42.00 38.32
N PRO B 151 9.86 41.80 38.84
CA PRO B 151 11.04 42.12 38.03
C PRO B 151 11.23 41.15 36.87
N SER B 152 10.61 39.98 36.92
CA SER B 152 10.73 38.99 35.88
C SER B 152 9.46 38.15 35.87
N GLY B 153 9.26 37.41 34.80
CA GLY B 153 8.03 36.68 34.63
C GLY B 153 7.96 35.45 35.51
N LEU B 154 7.08 34.54 35.12
CA LEU B 154 6.81 33.33 35.87
C LEU B 154 7.09 32.13 34.98
N ALA B 155 8.09 31.33 35.34
CA ALA B 155 8.47 30.19 34.52
C ALA B 155 7.42 29.10 34.60
N LEU B 156 7.05 28.56 33.43
CA LEU B 156 6.01 27.54 33.37
C LEU B 156 6.59 26.22 33.84
N ILE B 157 5.99 25.63 34.86
CA ILE B 157 6.58 24.50 35.56
C ILE B 157 5.72 23.27 35.35
N ILE B 158 6.38 22.14 35.13
CA ILE B 158 5.71 20.87 34.86
C ILE B 158 6.48 19.78 35.59
N PHE B 159 5.75 18.86 36.22
CA PHE B 159 6.39 17.68 36.79
C PHE B 159 6.61 16.63 35.71
N ASP B 160 7.66 15.84 35.89
CA ASP B 160 7.95 14.74 34.98
C ASP B 160 6.89 13.65 35.04
N ASP B 161 6.01 13.69 36.04
CA ASP B 161 5.05 12.62 36.24
C ASP B 161 4.10 12.50 35.05
N GLU B 162 3.67 11.27 34.77
CA GLU B 162 2.78 11.04 33.63
C GLU B 162 1.33 11.34 33.96
N LYS B 163 0.90 11.08 35.20
CA LYS B 163 -0.44 11.46 35.60
C LYS B 163 -0.59 12.97 35.65
N TYR B 164 0.48 13.66 36.03
CA TYR B 164 0.44 15.12 36.11
C TYR B 164 0.28 15.72 34.73
N GLN B 165 1.11 15.30 33.77
CA GLN B 165 1.09 15.89 32.44
C GLN B 165 -0.24 15.67 31.74
N SER B 166 -1.02 14.68 32.18
CA SER B 166 -2.29 14.42 31.53
C SER B 166 -3.45 15.20 32.13
N LEU B 167 -3.23 15.90 33.24
CA LEU B 167 -4.26 16.72 33.85
C LEU B 167 -4.14 18.19 33.48
N ILE B 168 -3.11 18.58 32.72
CA ILE B 168 -2.92 19.99 32.40
C ILE B 168 -4.10 20.50 31.59
N PRO B 169 -4.65 21.68 31.90
CA PRO B 169 -5.76 22.20 31.10
C PRO B 169 -5.31 22.52 29.68
N ASN B 170 -6.25 22.53 28.76
CA ASN B 170 -5.92 22.68 27.35
C ASN B 170 -5.35 24.05 27.05
N TYR B 171 -5.66 25.06 27.86
CA TYR B 171 -5.16 26.39 27.57
C TYR B 171 -3.70 26.54 27.94
N ILE B 172 -3.17 25.68 28.80
CA ILE B 172 -1.73 25.66 29.03
C ILE B 172 -1.00 24.90 27.95
N ASN B 173 -1.60 23.83 27.44
CA ASN B 173 -0.98 23.09 26.34
C ASN B 173 -0.75 23.97 25.12
N GLN B 174 -1.57 25.00 24.93
CA GLN B 174 -1.34 25.91 23.82
C GLN B 174 -0.15 26.80 24.08
N LEU B 175 0.15 27.06 25.36
CA LEU B 175 1.28 27.92 25.68
C LEU B 175 2.60 27.15 25.71
N ILE B 176 2.54 25.82 25.83
CA ILE B 176 3.76 25.04 26.01
C ILE B 176 4.67 25.11 24.80
N ALA B 177 4.11 25.23 23.60
CA ALA B 177 4.95 25.24 22.40
C ALA B 177 5.83 26.49 22.33
N TYR B 178 5.41 27.57 22.97
CA TYR B 178 6.12 28.85 22.93
C TYR B 178 7.00 29.07 24.15
N THR B 179 7.08 28.09 25.04
CA THR B 179 7.74 28.27 26.32
C THR B 179 8.77 27.17 26.51
N GLN B 180 9.65 27.35 27.49
CA GLN B 180 10.70 26.41 27.84
C GLN B 180 10.41 25.86 29.22
N PRO B 181 9.48 24.91 29.36
CA PRO B 181 9.00 24.54 30.69
C PRO B 181 10.09 23.87 31.51
N HIS B 182 10.20 24.31 32.75
CA HIS B 182 11.09 23.68 33.72
C HIS B 182 10.49 22.34 34.11
N ILE B 183 11.26 21.27 33.95
CA ILE B 183 10.78 19.91 34.18
C ILE B 183 11.36 19.43 35.51
N ILE B 184 10.48 19.15 36.47
CA ILE B 184 10.90 18.70 37.80
C ILE B 184 10.96 17.18 37.83
N PRO B 185 12.12 16.59 38.04
CA PRO B 185 12.23 15.14 38.05
C PRO B 185 11.65 14.54 39.31
N THR B 186 10.97 13.40 39.14
CA THR B 186 10.39 12.66 40.24
C THR B 186 11.21 11.40 40.44
N TRP B 187 11.69 11.17 41.66
CA TRP B 187 12.57 10.04 41.90
C TRP B 187 11.79 8.73 41.93
N GLN B 188 10.98 8.53 42.95
CA GLN B 188 10.12 7.35 43.07
C GLN B 188 8.73 7.61 42.50
N GLY B 189 8.54 8.75 41.87
CA GLY B 189 7.22 9.27 41.61
C GLY B 189 6.87 10.45 42.50
N ILE B 190 7.65 10.67 43.54
CA ILE B 190 7.55 11.85 44.40
C ILE B 190 8.57 12.87 43.91
N ALA B 191 8.13 14.10 43.72
CA ALA B 191 9.02 15.13 43.22
C ALA B 191 10.11 15.43 44.23
N ASP B 192 11.25 15.92 43.74
CA ASP B 192 12.38 16.19 44.63
C ASP B 192 12.20 17.53 45.33
N PHE B 193 12.20 17.49 46.66
CA PHE B 193 11.97 18.70 47.44
C PHE B 193 13.16 19.64 47.44
N SER B 194 14.28 19.23 46.86
CA SER B 194 15.46 20.09 46.83
C SER B 194 15.37 21.11 45.73
N ASP B 195 14.38 21.01 44.85
CA ASP B 195 14.24 21.94 43.74
C ASP B 195 13.88 23.33 44.25
N THR B 196 14.13 24.34 43.42
CA THR B 196 13.93 25.71 43.85
C THR B 196 12.45 26.05 43.96
N TYR B 197 11.68 25.74 42.93
CA TYR B 197 10.27 26.15 42.92
C TYR B 197 9.45 25.34 43.89
N LEU B 198 9.88 24.12 44.20
CA LEU B 198 9.18 23.34 45.21
C LEU B 198 9.58 23.75 46.61
N ARG B 199 10.70 24.45 46.73
CA ARG B 199 11.18 24.83 48.04
C ARG B 199 10.45 26.07 48.57
N SER B 200 10.25 27.06 47.71
CA SER B 200 9.69 28.33 48.14
C SER B 200 8.17 28.28 48.25
N TYR B 201 7.50 27.62 47.30
CA TYR B 201 6.04 27.63 47.28
C TYR B 201 5.43 26.64 48.27
N PHE B 202 6.13 25.56 48.56
CA PHE B 202 5.59 24.48 49.38
C PHE B 202 6.42 24.29 50.63
N LYS B 203 5.80 23.64 51.63
CA LYS B 203 6.51 23.31 52.86
C LYS B 203 7.61 22.30 52.59
N ARG B 204 8.60 22.24 53.47
CA ARG B 204 9.72 21.33 53.32
C ARG B 204 9.62 20.22 54.35
N PRO B 205 9.50 18.95 53.96
CA PRO B 205 9.17 17.91 54.92
C PRO B 205 10.32 17.62 55.88
N PHE B 206 9.98 16.95 56.98
CA PHE B 206 10.94 16.56 58.01
C PHE B 206 10.64 15.13 58.42
N GLU B 207 11.64 14.27 58.35
CA GLU B 207 11.45 12.84 58.56
C GLU B 207 11.67 12.50 60.03
N LEU B 208 10.62 12.02 60.68
CA LEU B 208 10.73 11.47 62.03
C LEU B 208 11.02 9.98 61.95
N THR B 209 12.06 9.55 62.64
CA THR B 209 12.45 8.14 62.66
C THR B 209 12.54 7.71 64.13
N ALA B 210 13.02 6.50 64.35
CA ALA B 210 13.15 6.00 65.72
C ALA B 210 14.17 6.81 66.51
N SER B 211 15.32 7.11 65.92
CA SER B 211 16.33 7.88 66.62
C SER B 211 16.07 9.38 66.58
N ASN B 212 15.26 9.83 65.62
CA ASN B 212 15.14 11.26 65.38
C ASN B 212 14.08 11.90 66.25
N LEU B 213 13.24 11.09 66.89
CA LEU B 213 11.97 11.58 67.41
C LEU B 213 12.17 12.36 68.70
N ALA B 214 11.71 13.61 68.72
CA ALA B 214 11.68 14.43 69.92
C ALA B 214 10.69 15.56 69.69
N ALA B 215 10.61 16.48 70.64
CA ALA B 215 9.65 17.56 70.55
C ALA B 215 10.01 18.49 69.40
N PRO B 216 9.04 19.27 68.89
CA PRO B 216 9.37 20.22 67.81
C PRO B 216 10.27 21.32 68.28
N GLN B 217 10.39 21.53 69.59
CA GLN B 217 11.23 22.60 70.11
C GLN B 217 12.70 22.23 70.08
N LYS B 218 13.02 20.93 70.16
CA LYS B 218 14.42 20.53 70.11
C LYS B 218 15.07 21.02 68.83
N TYR B 219 14.69 20.44 67.70
CA TYR B 219 15.05 20.97 66.41
C TYR B 219 14.38 22.33 66.25
N ASN B 220 14.90 23.14 65.35
CA ASN B 220 14.12 24.32 64.98
C ASN B 220 13.06 23.91 63.97
N LEU B 221 11.80 24.04 64.37
CA LEU B 221 10.69 23.71 63.50
C LEU B 221 9.56 24.69 63.75
N SER B 222 8.97 25.17 62.67
CA SER B 222 7.77 25.98 62.78
C SER B 222 6.67 25.37 61.95
N PRO B 223 5.43 25.38 62.45
CA PRO B 223 4.33 24.78 61.68
C PRO B 223 4.12 25.43 60.34
N MET B 224 4.64 26.63 60.14
CA MET B 224 4.44 27.37 58.90
C MET B 224 5.53 27.08 57.87
N THR B 225 6.46 26.20 58.17
CA THR B 225 7.57 25.90 57.28
C THR B 225 7.72 24.42 57.00
N ARG B 226 7.98 23.61 58.02
CA ARG B 226 8.22 22.18 57.84
C ARG B 226 6.92 21.41 58.01
N SER B 227 6.76 20.35 57.22
CA SER B 227 5.59 19.48 57.28
C SER B 227 6.04 18.07 57.64
N ILE B 228 5.56 17.57 58.78
CA ILE B 228 6.13 16.36 59.37
C ILE B 228 5.80 15.15 58.52
N PHE B 229 6.76 14.25 58.39
CA PHE B 229 6.62 12.96 57.71
C PHE B 229 6.92 11.87 58.72
N ASN B 230 5.92 11.04 59.04
CA ASN B 230 6.05 10.10 60.13
C ASN B 230 6.56 8.78 59.59
N ASN B 231 7.84 8.49 59.82
CA ASN B 231 8.45 7.21 59.50
C ASN B 231 8.60 6.33 60.74
N THR B 232 8.15 6.80 61.89
CA THR B 232 8.46 6.15 63.15
C THR B 232 7.72 4.85 63.37
N GLY B 233 6.66 4.59 62.61
CA GLY B 233 5.88 3.40 62.81
C GLY B 233 4.83 3.50 63.89
N ARG B 234 4.91 4.52 64.74
CA ARG B 234 3.86 4.75 65.72
C ARG B 234 2.75 5.57 65.10
N GLU B 235 1.51 5.25 65.48
CA GLU B 235 0.34 5.85 64.84
C GLU B 235 0.39 7.36 64.94
N ASP B 236 0.02 8.05 63.85
CA ASP B 236 0.13 9.50 63.78
C ASP B 236 -0.65 10.19 64.88
N ALA B 237 -1.63 9.50 65.47
CA ALA B 237 -2.39 10.09 66.56
C ALA B 237 -1.54 10.20 67.81
N VAL B 238 -0.68 9.21 68.06
CA VAL B 238 0.28 9.27 69.16
C VAL B 238 1.19 10.47 68.98
N ILE B 239 2.01 10.44 67.93
CA ILE B 239 3.02 11.47 67.66
C ILE B 239 2.42 12.85 67.73
N ARG B 240 1.27 13.04 67.08
CA ARG B 240 0.62 14.34 67.09
C ARG B 240 0.26 14.78 68.51
N LYS B 241 -0.33 13.86 69.28
CA LYS B 241 -0.82 14.22 70.60
C LYS B 241 0.29 14.23 71.64
N LEU B 242 1.16 13.22 71.63
CA LEU B 242 2.05 13.00 72.76
C LEU B 242 3.26 13.92 72.72
N TYR B 243 3.88 14.10 71.56
CA TYR B 243 5.10 14.91 71.43
C TYR B 243 4.81 16.34 70.99
N GLY B 244 3.56 16.73 70.87
CA GLY B 244 3.22 18.12 70.63
C GLY B 244 3.40 18.59 69.21
N TYR B 245 3.03 17.76 68.23
CA TYR B 245 3.02 18.15 66.82
C TYR B 245 1.65 18.62 66.35
N GLY B 246 0.69 18.78 67.26
CA GLY B 246 -0.69 19.04 66.87
C GLY B 246 -0.85 20.21 65.93
N GLU B 247 0.12 21.14 65.93
CA GLU B 247 0.07 22.26 65.00
C GLU B 247 0.52 21.85 63.60
N TYR B 248 1.42 20.89 63.51
CA TYR B 248 2.00 20.51 62.23
C TYR B 248 1.05 19.64 61.45
N VAL B 249 1.20 19.66 60.11
CA VAL B 249 0.38 18.85 59.22
C VAL B 249 1.23 17.69 58.72
N PHE B 250 0.72 16.48 58.91
CA PHE B 250 1.44 15.29 58.48
C PHE B 250 1.14 14.98 57.02
N ILE B 251 2.17 14.58 56.28
CA ILE B 251 1.98 14.11 54.91
C ILE B 251 1.65 12.63 54.96
N ARG B 252 0.57 12.25 54.28
CA ARG B 252 0.04 10.90 54.39
C ARG B 252 0.29 10.14 53.09
N TYR B 253 0.86 8.95 53.22
CA TYR B 253 1.16 8.07 52.10
C TYR B 253 0.39 6.76 52.28
N GLU B 254 -0.29 6.35 51.22
CA GLU B 254 -1.15 5.18 51.29
C GLU B 254 -0.43 3.89 50.89
N GLY B 255 0.81 3.97 50.41
CA GLY B 255 1.53 2.81 49.96
C GLY B 255 2.64 2.39 50.90
N CYS B 256 3.59 1.63 50.37
CA CYS B 256 4.69 1.10 51.15
C CYS B 256 5.93 1.01 50.29
N LEU B 257 7.10 1.03 50.94
CA LEU B 257 8.38 0.88 50.26
C LEU B 257 9.26 -0.03 51.10
N ILE B 258 9.75 -1.10 50.51
CA ILE B 258 10.46 -2.14 51.25
C ILE B 258 11.86 -2.27 50.69
N THR B 259 12.82 -2.63 51.54
CA THR B 259 14.15 -2.99 51.08
C THR B 259 14.48 -4.39 51.56
N TRP B 260 14.64 -5.30 50.60
CA TRP B 260 14.92 -6.70 50.87
C TRP B 260 16.41 -6.95 50.71
N THR B 261 16.97 -7.82 51.54
CA THR B 261 18.29 -8.37 51.22
C THR B 261 18.18 -9.22 49.96
N GLY B 262 19.29 -9.39 49.26
CA GLY B 262 19.24 -10.14 48.02
C GLY B 262 20.55 -10.85 47.80
N ILE B 263 20.53 -11.72 46.78
CA ILE B 263 21.74 -12.48 46.46
C ILE B 263 22.87 -11.56 46.03
N TYR B 264 22.56 -10.54 45.23
CA TYR B 264 23.57 -9.66 44.68
C TYR B 264 23.74 -8.37 45.45
N GLY B 265 22.91 -8.14 46.46
CA GLY B 265 22.98 -6.89 47.20
C GLY B 265 21.59 -6.49 47.68
N GLU B 266 21.49 -5.21 48.04
CA GLU B 266 20.25 -4.65 48.55
C GLU B 266 19.28 -4.34 47.42
N VAL B 267 17.99 -4.57 47.66
CA VAL B 267 16.95 -4.46 46.64
C VAL B 267 15.79 -3.67 47.23
N THR B 268 15.13 -2.84 46.43
CA THR B 268 13.95 -2.10 46.87
C THR B 268 12.70 -2.60 46.16
N MET B 269 11.57 -2.44 46.84
CA MET B 269 10.27 -2.90 46.33
C MET B 269 9.23 -1.85 46.68
N MET B 270 8.34 -1.54 45.74
CA MET B 270 7.21 -0.67 46.04
C MET B 270 5.93 -1.48 46.03
N VAL B 271 5.03 -1.16 46.95
CA VAL B 271 3.77 -1.88 47.11
C VAL B 271 2.64 -0.86 47.21
N ASN B 272 1.49 -1.19 46.62
CA ASN B 272 0.30 -0.36 46.70
C ASN B 272 -0.57 -0.68 47.90
N LEU B 273 -0.11 -1.55 48.79
CA LEU B 273 -0.81 -1.83 50.04
C LEU B 273 -0.26 -0.96 51.15
N SER B 274 -1.14 -0.53 52.04
CA SER B 274 -0.70 0.22 53.20
C SER B 274 0.12 -0.68 54.12
N LYS B 275 0.90 -0.07 55.00
CA LYS B 275 1.77 -0.85 55.86
C LYS B 275 0.97 -1.63 56.90
N ARG B 276 -0.26 -1.19 57.22
CA ARG B 276 -1.11 -1.98 58.10
C ARG B 276 -1.82 -3.09 57.34
N ASP B 277 -2.09 -2.89 56.05
CA ASP B 277 -2.69 -3.94 55.24
C ASP B 277 -1.70 -5.07 54.99
N LEU B 278 -0.53 -4.73 54.47
CA LEU B 278 0.55 -5.70 54.35
C LEU B 278 1.08 -6.02 55.74
N GLY B 279 1.16 -7.31 56.05
CA GLY B 279 1.44 -7.69 57.42
C GLY B 279 2.90 -7.80 57.81
N LEU B 280 3.79 -7.12 57.10
CA LEU B 280 5.21 -7.40 57.26
C LEU B 280 5.92 -6.32 58.07
N ASP B 281 6.91 -6.74 58.85
CA ASP B 281 7.81 -5.85 59.57
C ASP B 281 9.26 -6.23 59.30
N VAL B 282 10.19 -5.56 59.97
CA VAL B 282 11.61 -5.85 59.76
C VAL B 282 11.92 -7.27 60.19
N GLY B 283 12.62 -8.02 59.35
CA GLY B 283 12.96 -9.39 59.62
C GLY B 283 12.06 -10.42 58.97
N ASP B 284 10.88 -10.03 58.51
CA ASP B 284 9.94 -10.98 57.96
C ASP B 284 10.39 -11.49 56.60
N ASP B 285 10.07 -12.73 56.30
CA ASP B 285 10.58 -13.45 55.15
C ASP B 285 9.81 -13.11 53.87
N TYR B 286 10.49 -13.32 52.74
CA TYR B 286 9.90 -13.08 51.41
C TYR B 286 8.67 -13.94 51.15
N LEU B 287 8.64 -15.18 51.63
CA LEU B 287 7.48 -16.04 51.40
C LEU B 287 6.28 -15.67 52.25
N LYS B 288 6.49 -15.12 53.43
CA LYS B 288 5.39 -14.58 54.21
C LYS B 288 4.78 -13.39 53.49
N GLU B 289 3.46 -13.42 53.32
CA GLU B 289 2.74 -12.39 52.57
C GLU B 289 3.25 -12.29 51.13
N TYR B 290 3.65 -13.42 50.56
CA TYR B 290 4.12 -13.44 49.18
C TYR B 290 3.00 -13.01 48.24
N LYS B 291 1.83 -13.63 48.37
CA LYS B 291 0.79 -13.41 47.36
C LYS B 291 0.24 -11.99 47.43
N LYS B 292 0.33 -11.32 48.57
CA LYS B 292 0.02 -9.89 48.60
C LYS B 292 1.08 -9.10 47.84
N LEU B 293 2.36 -9.46 48.03
CA LEU B 293 3.41 -8.77 47.30
C LEU B 293 3.34 -9.07 45.82
N LEU B 294 2.96 -10.29 45.45
CA LEU B 294 2.93 -10.66 44.04
C LEU B 294 1.93 -9.83 43.26
N PHE B 295 0.77 -9.53 43.87
CA PHE B 295 -0.21 -8.73 43.16
C PHE B 295 0.19 -7.26 43.11
N TYR B 296 0.56 -6.69 44.26
CA TYR B 296 0.73 -5.25 44.39
C TYR B 296 2.17 -4.77 44.30
N GLY B 297 3.15 -5.66 44.16
CA GLY B 297 4.53 -5.26 44.27
C GLY B 297 5.20 -4.95 42.94
N VAL B 298 6.23 -4.11 43.03
CA VAL B 298 7.10 -3.76 41.90
C VAL B 298 8.51 -3.59 42.41
N ILE B 299 9.49 -4.14 41.71
CA ILE B 299 10.89 -3.96 42.10
C ILE B 299 11.51 -2.89 41.22
N THR B 300 12.18 -1.93 41.87
CA THR B 300 12.75 -0.77 41.20
C THR B 300 14.22 -0.95 40.82
N ASP B 301 14.78 -2.14 41.00
CA ASP B 301 16.18 -2.38 40.65
C ASP B 301 16.29 -3.19 39.36
N ALA B 302 17.37 -2.92 38.62
CA ALA B 302 17.58 -3.54 37.32
C ALA B 302 17.54 -5.05 37.41
N ILE B 303 16.87 -5.66 36.45
CA ILE B 303 16.81 -7.12 36.38
C ILE B 303 18.05 -7.65 35.68
N PRO B 304 18.59 -8.77 36.17
CA PRO B 304 18.12 -9.50 37.36
C PRO B 304 18.34 -8.79 38.69
N SER B 305 17.28 -8.69 39.48
CA SER B 305 17.39 -8.38 40.89
C SER B 305 17.71 -9.65 41.67
N GLY B 306 18.33 -9.49 42.82
CA GLY B 306 18.70 -10.68 43.56
C GLY B 306 17.61 -11.29 44.42
N ILE B 307 16.34 -10.94 44.19
CA ILE B 307 15.27 -11.34 45.10
C ILE B 307 15.03 -12.83 45.00
N SER B 308 15.12 -13.51 46.14
CA SER B 308 14.91 -14.95 46.21
C SER B 308 13.99 -15.24 47.39
N ALA B 309 13.77 -16.53 47.64
CA ALA B 309 12.82 -16.93 48.66
C ALA B 309 13.37 -16.72 50.06
N ARG B 310 14.68 -16.60 50.21
CA ARG B 310 15.31 -16.38 51.50
C ARG B 310 15.60 -14.91 51.78
N SER B 311 15.15 -14.00 50.93
CA SER B 311 15.28 -12.57 51.21
C SER B 311 14.54 -12.18 52.47
N THR B 312 15.07 -11.20 53.19
CA THR B 312 14.46 -10.70 54.41
C THR B 312 14.35 -9.18 54.33
N ILE B 313 13.45 -8.62 55.12
CA ILE B 313 13.21 -7.18 55.06
C ILE B 313 14.23 -6.45 55.93
N MET B 314 14.98 -5.53 55.31
CA MET B 314 15.83 -4.61 56.03
C MET B 314 15.10 -3.40 56.57
N LYS B 315 14.12 -2.88 55.83
CA LYS B 315 13.50 -1.61 56.16
C LYS B 315 12.11 -1.55 55.56
N ILE B 316 11.23 -0.74 56.15
CA ILE B 316 9.91 -0.44 55.62
C ILE B 316 9.60 1.02 55.90
N SER B 317 9.02 1.69 54.92
CA SER B 317 8.58 3.06 55.08
C SER B 317 7.31 3.29 54.29
N PRO B 318 6.40 4.15 54.77
CA PRO B 318 5.24 4.51 53.97
C PRO B 318 5.68 5.31 52.76
N HIS B 319 4.94 5.17 51.67
CA HIS B 319 5.41 5.73 50.41
C HIS B 319 4.21 5.96 49.49
N LYS B 320 4.43 6.76 48.46
CA LYS B 320 3.35 7.13 47.56
C LYS B 320 2.92 5.93 46.72
N MET B 321 1.60 5.74 46.61
CA MET B 321 1.08 4.67 45.78
C MET B 321 1.37 4.93 44.32
N MET B 322 1.70 3.86 43.59
CA MET B 322 2.09 3.99 42.20
C MET B 322 0.87 4.27 41.33
N ASN B 323 1.11 4.87 40.19
CA ASN B 323 0.04 5.11 39.23
C ASN B 323 0.12 4.09 38.10
N PRO B 324 -0.97 3.41 37.80
CA PRO B 324 -0.95 2.42 36.72
C PRO B 324 -0.76 3.11 35.38
N SER B 325 0.14 2.54 34.57
CA SER B 325 0.47 3.16 33.30
C SER B 325 -0.75 3.25 32.39
N GLY B 326 -0.93 4.41 31.79
CA GLY B 326 -2.03 4.60 30.87
C GLY B 326 -1.87 3.80 29.59
N GLY B 327 -0.67 3.29 29.35
CA GLY B 327 -0.48 2.43 28.18
C GLY B 327 -0.97 1.02 28.44
N ALA B 328 -0.83 0.55 29.67
CA ALA B 328 -1.36 -0.77 30.02
C ALA B 328 -2.86 -0.73 30.16
N LEU B 329 -3.38 0.28 30.87
CA LEU B 329 -4.82 0.39 31.05
C LEU B 329 -5.53 0.66 29.72
N ALA B 330 -4.78 1.07 28.70
CA ALA B 330 -5.38 1.26 27.39
C ALA B 330 -5.53 -0.06 26.65
N VAL B 331 -4.54 -0.95 26.77
CA VAL B 331 -4.61 -2.23 26.09
C VAL B 331 -5.48 -3.19 26.88
N LEU B 332 -5.51 -3.05 28.21
CA LEU B 332 -6.36 -3.90 29.01
C LEU B 332 -7.83 -3.54 28.86
N SER B 333 -8.12 -2.25 28.68
CA SER B 333 -9.50 -1.84 28.46
C SER B 333 -9.91 -2.04 27.01
N LYS B 334 -8.97 -2.45 26.17
CA LYS B 334 -9.33 -2.89 24.82
C LYS B 334 -9.82 -4.32 24.83
N PHE B 335 -9.40 -5.11 25.82
CA PHE B 335 -9.91 -6.46 26.02
C PHE B 335 -11.22 -6.49 26.76
N LEU B 336 -11.53 -5.44 27.52
CA LEU B 336 -12.79 -5.41 28.24
C LEU B 336 -13.91 -4.83 27.38
N GLU B 337 -13.57 -4.22 26.25
CA GLU B 337 -14.59 -3.84 25.29
C GLU B 337 -15.04 -5.04 24.47
N ALA B 338 -14.18 -6.05 24.36
CA ALA B 338 -14.57 -7.28 23.67
C ALA B 338 -15.40 -8.18 24.57
N VAL B 339 -15.04 -8.25 25.85
CA VAL B 339 -15.82 -9.05 26.80
C VAL B 339 -17.27 -8.61 26.83
N VAL B 340 -17.52 -7.31 26.74
CA VAL B 340 -18.87 -6.77 26.84
C VAL B 340 -19.61 -6.85 25.51
N SER B 341 -18.96 -6.52 24.40
CA SER B 341 -19.67 -6.25 23.17
C SER B 341 -20.34 -7.50 22.63
N THR B 342 -21.62 -7.36 22.28
CA THR B 342 -22.36 -8.44 21.65
C THR B 342 -21.92 -8.70 20.22
N ASN B 343 -21.15 -7.78 19.64
CA ASN B 343 -20.68 -7.95 18.27
C ASN B 343 -19.59 -9.01 18.20
N VAL B 344 -18.66 -9.01 19.14
CA VAL B 344 -17.57 -9.98 19.19
C VAL B 344 -18.12 -11.31 19.67
N ILE B 345 -17.65 -12.40 19.06
CA ILE B 345 -18.10 -13.74 19.44
C ILE B 345 -17.17 -14.30 20.50
N ASN B 346 -15.90 -14.49 20.16
CA ASN B 346 -14.89 -14.98 21.10
C ASN B 346 -13.94 -13.86 21.48
N ALA B 347 -13.57 -13.80 22.75
CA ALA B 347 -12.68 -12.78 23.27
C ALA B 347 -11.53 -13.44 24.00
N THR B 348 -10.33 -13.28 23.47
CA THR B 348 -9.14 -13.93 24.01
C THR B 348 -8.11 -12.87 24.39
N LEU B 349 -7.43 -13.11 25.52
CA LEU B 349 -6.35 -12.26 25.97
C LEU B 349 -5.10 -13.11 26.06
N VAL B 350 -4.05 -12.71 25.36
CA VAL B 350 -2.80 -13.46 25.30
C VAL B 350 -1.78 -12.79 26.20
N VAL B 351 -1.31 -13.52 27.21
CA VAL B 351 -0.39 -12.99 28.21
C VAL B 351 0.93 -13.74 28.05
N TYR B 352 2.02 -13.00 27.87
CA TYR B 352 3.34 -13.59 27.86
C TYR B 352 4.05 -13.28 29.16
N ALA B 353 4.89 -14.21 29.60
CA ALA B 353 5.72 -13.94 30.77
C ALA B 353 6.95 -14.82 30.73
N GLU B 354 8.02 -14.35 31.37
CA GLU B 354 9.20 -15.19 31.55
C GLU B 354 8.82 -16.41 32.35
N LYS B 355 9.45 -17.54 32.01
CA LYS B 355 9.12 -18.77 32.69
C LYS B 355 9.65 -18.72 34.12
N GLY B 356 8.75 -18.91 35.09
CA GLY B 356 9.14 -18.81 36.48
C GLY B 356 8.73 -17.55 37.18
N ALA B 357 7.85 -16.76 36.59
CA ALA B 357 7.47 -15.47 37.16
C ALA B 357 6.22 -15.54 38.03
N GLY B 358 5.66 -16.74 38.24
CA GLY B 358 4.45 -16.85 39.06
C GLY B 358 3.22 -16.28 38.40
N LYS B 359 3.05 -16.55 37.10
CA LYS B 359 1.92 -15.99 36.36
C LYS B 359 0.65 -16.80 36.58
N THR B 360 0.74 -18.12 36.59
CA THR B 360 -0.49 -18.92 36.72
C THR B 360 -1.09 -18.78 38.10
N SER B 361 -0.26 -18.50 39.11
CA SER B 361 -0.80 -18.17 40.42
C SER B 361 -1.62 -16.89 40.35
N PHE B 362 -1.17 -15.91 39.57
CA PHE B 362 -1.89 -14.64 39.48
C PHE B 362 -3.10 -14.72 38.56
N LEU B 363 -2.93 -15.27 37.35
CA LEU B 363 -3.99 -15.14 36.37
C LEU B 363 -5.21 -15.98 36.74
N SER B 364 -5.00 -17.06 37.50
CA SER B 364 -6.14 -17.86 37.93
C SER B 364 -7.06 -17.05 38.84
N THR B 365 -6.50 -16.11 39.59
CA THR B 365 -7.31 -15.22 40.41
C THR B 365 -7.70 -13.94 39.69
N TYR B 366 -7.13 -13.69 38.51
CA TYR B 366 -7.61 -12.61 37.68
C TYR B 366 -8.89 -13.02 36.95
N ALA B 367 -9.02 -14.30 36.62
CA ALA B 367 -10.24 -14.79 35.99
C ALA B 367 -11.38 -14.89 37.00
N GLU B 368 -11.06 -14.97 38.28
CA GLU B 368 -12.10 -14.94 39.30
C GLU B 368 -12.67 -13.54 39.44
N GLN B 369 -11.79 -12.53 39.44
CA GLN B 369 -12.25 -11.15 39.55
C GLN B 369 -12.93 -10.70 38.27
N LEU B 370 -12.54 -11.28 37.14
CA LEU B 370 -13.16 -10.92 35.87
C LEU B 370 -14.52 -11.60 35.70
N SER B 371 -14.71 -12.76 36.34
CA SER B 371 -16.00 -13.42 36.28
C SER B 371 -17.00 -12.76 37.22
N LEU B 372 -16.55 -12.40 38.42
CA LEU B 372 -17.48 -11.82 39.40
C LEU B 372 -17.97 -10.45 38.96
N ALA B 373 -17.13 -9.67 38.30
CA ALA B 373 -17.54 -8.34 37.87
C ALA B 373 -18.39 -8.41 36.61
N SER B 374 -17.97 -9.22 35.65
CA SER B 374 -18.71 -9.30 34.39
C SER B 374 -19.96 -10.16 34.52
N GLY B 375 -19.83 -11.35 35.13
CA GLY B 375 -20.92 -12.29 35.19
C GLY B 375 -20.80 -13.43 34.21
N GLN B 376 -20.03 -13.26 33.15
CA GLN B 376 -19.75 -14.29 32.17
C GLN B 376 -18.74 -15.30 32.74
N VAL B 377 -18.70 -16.49 32.13
CA VAL B 377 -17.73 -17.49 32.54
C VAL B 377 -16.42 -17.28 31.80
N VAL B 378 -15.31 -17.39 32.51
CA VAL B 378 -13.98 -17.09 31.99
C VAL B 378 -13.12 -18.34 32.11
N GLY B 379 -12.52 -18.75 31.00
CA GLY B 379 -11.62 -19.88 31.03
C GLY B 379 -10.18 -19.45 31.11
N HIS B 380 -9.32 -20.38 31.54
CA HIS B 380 -7.89 -20.11 31.69
C HIS B 380 -7.12 -21.31 31.15
N LEU B 381 -6.29 -21.07 30.14
CA LEU B 381 -5.34 -22.09 29.69
C LEU B 381 -3.94 -21.73 30.17
N SER B 382 -3.36 -22.59 31.00
CA SER B 382 -2.02 -22.35 31.50
C SER B 382 -1.02 -22.42 30.36
N SER B 383 0.14 -21.84 30.59
CA SER B 383 1.19 -21.81 29.58
C SER B 383 1.58 -23.20 29.10
N ASP B 384 1.50 -24.20 29.97
CA ASP B 384 1.89 -25.57 29.64
C ASP B 384 0.73 -26.40 29.13
N ALA B 385 -0.43 -25.80 28.89
CA ALA B 385 -1.59 -26.56 28.46
C ALA B 385 -1.31 -27.37 27.21
N TYR B 386 -0.58 -26.79 26.26
CA TYR B 386 -0.29 -27.52 25.02
C TYR B 386 0.82 -28.53 25.23
N GLY B 387 1.85 -28.17 25.99
CA GLY B 387 2.93 -29.11 26.22
C GLY B 387 2.47 -30.37 26.92
N ARG B 388 1.56 -30.24 27.86
CA ARG B 388 1.09 -31.40 28.63
C ARG B 388 0.06 -32.19 27.86
N TRP B 389 -0.75 -31.54 27.04
CA TRP B 389 -1.70 -32.23 26.19
C TRP B 389 -0.99 -33.07 25.14
N LEU B 390 0.06 -32.53 24.52
CA LEU B 390 0.74 -33.26 23.47
C LEU B 390 1.49 -34.47 24.01
N ALA B 391 2.04 -34.37 25.22
CA ALA B 391 2.80 -35.48 25.78
C ALA B 391 1.95 -36.75 25.88
N LYS B 392 0.65 -36.60 26.07
CA LYS B 392 -0.27 -37.72 26.01
C LYS B 392 -0.64 -38.05 24.57
N ASN B 393 -1.23 -37.08 23.87
CA ASN B 393 -1.97 -37.31 22.65
C ASN B 393 -1.12 -37.28 21.39
N LYS B 394 0.20 -37.17 21.52
CA LYS B 394 1.05 -37.19 20.33
C LYS B 394 0.87 -38.47 19.52
N ASP B 395 0.60 -39.59 20.18
CA ASP B 395 0.42 -40.86 19.48
C ASP B 395 -0.99 -41.01 18.92
N VAL B 396 -2.01 -40.64 19.70
CA VAL B 396 -3.40 -40.83 19.28
C VAL B 396 -3.66 -40.04 18.02
N GLU B 397 -4.23 -40.71 17.01
CA GLU B 397 -4.43 -40.10 15.71
C GLU B 397 -5.71 -39.26 15.63
N GLU B 398 -6.60 -39.37 16.62
CA GLU B 398 -7.78 -38.52 16.72
C GLU B 398 -7.94 -38.04 18.15
N PRO B 399 -7.20 -37.01 18.54
CA PRO B 399 -7.20 -36.59 19.94
C PRO B 399 -8.51 -35.95 20.33
N SER B 400 -8.70 -35.81 21.65
CA SER B 400 -9.86 -35.09 22.15
C SER B 400 -9.47 -33.66 22.53
N PHE B 401 -10.09 -32.70 21.85
CA PHE B 401 -9.81 -31.28 22.08
C PHE B 401 -10.79 -30.64 23.04
N ALA B 402 -11.69 -31.42 23.65
CA ALA B 402 -12.69 -30.87 24.53
C ALA B 402 -12.06 -30.04 25.64
N TYR B 403 -12.65 -28.88 25.93
CA TYR B 403 -12.03 -27.93 26.85
C TYR B 403 -11.83 -28.54 28.23
N ASP B 404 -12.89 -29.11 28.80
CA ASP B 404 -12.77 -29.72 30.13
C ASP B 404 -11.77 -30.85 30.15
N TYR B 405 -11.46 -31.45 29.00
CA TYR B 405 -10.42 -32.47 28.93
C TYR B 405 -9.03 -31.84 28.98
N VAL B 406 -8.81 -30.80 28.19
CA VAL B 406 -7.51 -30.12 28.19
C VAL B 406 -7.23 -29.55 29.57
N LEU B 407 -8.27 -29.08 30.25
CA LEU B 407 -8.08 -28.46 31.56
C LEU B 407 -7.67 -29.48 32.61
N SER B 408 -7.98 -30.76 32.37
CA SER B 408 -7.58 -31.80 33.32
C SER B 408 -6.11 -32.15 33.19
N LEU B 409 -5.61 -32.26 31.96
CA LEU B 409 -4.19 -32.52 31.74
C LEU B 409 -3.33 -31.34 32.16
N ASP B 410 -3.94 -30.20 32.45
CA ASP B 410 -3.21 -28.97 32.68
C ASP B 410 -2.74 -28.83 34.12
N THR B 411 -3.00 -29.82 34.97
CA THR B 411 -2.51 -29.77 36.34
C THR B 411 -0.99 -29.84 36.37
N ASP B 412 -0.41 -29.35 37.47
CA ASP B 412 1.04 -29.23 37.54
C ASP B 412 1.71 -30.60 37.63
N ASP B 413 1.01 -31.60 38.14
CA ASP B 413 1.60 -32.92 38.31
C ASP B 413 1.93 -33.61 36.99
N ASN B 414 1.36 -33.14 35.88
CA ASN B 414 1.70 -33.69 34.58
C ASN B 414 3.06 -33.19 34.11
N GLU B 415 3.65 -33.92 33.16
CA GLU B 415 4.92 -33.54 32.58
C GLU B 415 4.71 -33.03 31.16
N SER B 416 5.21 -31.84 30.89
CA SER B 416 5.07 -31.23 29.57
C SER B 416 5.90 -31.98 28.53
N TYR B 417 5.53 -31.79 27.26
CA TYR B 417 6.26 -32.45 26.19
C TYR B 417 7.62 -31.82 25.96
N TYR B 418 7.68 -30.48 26.00
CA TYR B 418 8.94 -29.79 25.75
C TYR B 418 9.97 -30.07 26.83
N GLU B 419 9.52 -30.31 28.06
CA GLU B 419 10.46 -30.67 29.11
C GLU B 419 11.03 -32.05 28.90
N GLN B 420 10.33 -32.90 28.13
CA GLN B 420 10.86 -34.22 27.81
C GLN B 420 11.88 -34.14 26.67
N LYS B 421 11.57 -33.34 25.64
CA LYS B 421 12.51 -33.18 24.54
C LYS B 421 13.75 -32.41 24.98
N ALA B 422 13.59 -31.48 25.91
CA ALA B 422 14.74 -30.70 26.36
C ALA B 422 15.60 -31.49 27.32
N SER B 423 15.01 -32.42 28.07
CA SER B 423 15.80 -33.23 28.99
C SER B 423 16.69 -34.20 28.25
N GLU B 424 16.21 -34.73 27.12
CA GLU B 424 17.05 -35.56 26.28
C GLU B 424 18.18 -34.75 25.66
N LEU B 425 17.89 -33.49 25.33
CA LEU B 425 18.90 -32.64 24.71
C LEU B 425 20.02 -32.29 25.67
N LEU B 426 19.72 -32.22 26.97
CA LEU B 426 20.73 -31.92 27.95
C LEU B 426 21.63 -33.13 28.22
N ILE B 427 21.03 -34.30 28.38
CA ILE B 427 21.82 -35.50 28.70
C ILE B 427 22.75 -35.84 27.55
N SER B 428 22.33 -35.56 26.31
CA SER B 428 23.20 -35.81 25.18
C SER B 428 24.46 -34.94 25.20
N HIS B 429 24.41 -33.78 25.85
CA HIS B 429 25.60 -32.96 26.07
C HIS B 429 26.21 -33.22 27.43
N GLY B 430 25.60 -34.07 28.25
CA GLY B 430 26.18 -34.40 29.53
C GLY B 430 25.92 -33.40 30.64
N ILE B 431 24.80 -32.68 30.59
CA ILE B 431 24.45 -31.75 31.65
C ILE B 431 23.40 -32.41 32.53
N SER B 432 23.82 -32.88 33.71
CA SER B 432 22.91 -33.48 34.67
C SER B 432 22.52 -32.60 35.84
N GLU B 433 23.11 -31.41 35.98
CA GLU B 433 22.98 -30.66 37.22
C GLU B 433 23.07 -29.18 36.95
N VAL B 434 22.38 -28.39 37.77
CA VAL B 434 22.36 -26.94 37.61
C VAL B 434 23.75 -26.36 37.77
N ALA B 435 24.59 -27.00 38.58
CA ALA B 435 25.95 -26.52 38.75
C ALA B 435 26.76 -26.65 37.46
N GLN B 436 26.47 -27.66 36.65
CA GLN B 436 27.14 -27.83 35.38
C GLN B 436 26.70 -26.83 34.33
N TYR B 437 25.40 -26.49 34.28
CA TYR B 437 24.89 -25.56 33.30
C TYR B 437 25.44 -24.16 33.53
N GLU B 438 25.92 -23.86 34.75
CA GLU B 438 26.46 -22.54 35.03
C GLU B 438 27.88 -22.40 34.50
N LEU B 439 28.59 -23.51 34.33
CA LEU B 439 29.98 -23.44 33.90
C LEU B 439 30.10 -23.23 32.39
N LEU B 440 29.06 -23.55 31.63
CA LEU B 440 29.15 -23.49 30.18
C LEU B 440 29.37 -22.06 29.72
N SER B 441 30.08 -21.93 28.59
CA SER B 441 30.26 -20.64 27.97
C SER B 441 28.99 -20.22 27.24
N VAL B 442 28.88 -18.91 27.00
CA VAL B 442 27.68 -18.38 26.34
C VAL B 442 27.56 -18.94 24.93
N ARG B 443 28.67 -19.02 24.20
CA ARG B 443 28.62 -19.63 22.87
C ARG B 443 28.18 -21.08 22.96
N LYS B 444 28.46 -21.74 24.08
CA LYS B 444 28.09 -23.14 24.23
C LYS B 444 26.61 -23.28 24.57
N LYS B 445 26.08 -22.37 25.39
CA LYS B 445 24.66 -22.42 25.72
C LYS B 445 23.80 -22.16 24.49
N ILE B 446 24.10 -21.07 23.78
CA ILE B 446 23.31 -20.70 22.61
C ILE B 446 23.40 -21.77 21.53
N LYS B 447 24.48 -22.55 21.52
CA LYS B 447 24.56 -23.67 20.58
C LYS B 447 23.57 -24.76 20.95
N MET B 448 23.32 -24.94 22.25
CA MET B 448 22.32 -25.91 22.69
C MET B 448 20.91 -25.38 22.49
N MET B 449 20.72 -24.07 22.70
CA MET B 449 19.40 -23.49 22.57
C MET B 449 18.93 -23.47 21.13
N ASP B 450 19.85 -23.24 20.17
CA ASP B 450 19.47 -23.33 18.77
C ASP B 450 18.97 -24.71 18.41
N GLU B 451 19.32 -25.73 19.21
CA GLU B 451 18.80 -27.07 18.96
C GLU B 451 17.44 -27.28 19.60
N MET B 452 17.01 -26.39 20.49
CA MET B 452 15.61 -26.36 20.88
C MET B 452 14.77 -25.61 19.87
N ASN B 453 15.32 -24.56 19.26
CA ASN B 453 14.56 -23.82 18.28
C ASN B 453 14.20 -24.70 17.08
N GLU B 454 14.95 -25.78 16.87
CA GLU B 454 14.59 -26.68 15.78
C GLU B 454 13.46 -27.62 16.19
N VAL B 455 13.33 -27.91 17.48
CA VAL B 455 12.21 -28.73 17.92
C VAL B 455 11.00 -27.88 18.27
N LEU B 456 11.17 -26.57 18.40
CA LEU B 456 10.01 -25.69 18.59
C LEU B 456 9.33 -25.36 17.27
N ILE B 457 10.11 -25.14 16.20
CA ILE B 457 9.49 -24.85 14.91
C ILE B 457 8.62 -26.02 14.47
N ALA B 458 8.98 -27.24 14.84
CA ALA B 458 8.27 -28.42 14.34
C ALA B 458 6.78 -28.33 14.63
N GLN B 459 6.43 -27.76 15.79
CA GLN B 459 5.02 -27.69 16.16
C GLN B 459 4.33 -26.49 15.49
N LEU B 460 5.01 -25.35 15.43
CA LEU B 460 4.39 -24.14 14.91
C LEU B 460 4.39 -24.09 13.39
N GLU B 461 5.29 -24.81 12.74
CA GLU B 461 5.61 -24.56 11.33
C GLU B 461 4.42 -24.87 10.42
N ASN B 462 3.51 -25.72 10.86
CA ASN B 462 2.43 -26.18 10.00
C ASN B 462 1.10 -26.24 10.75
N ALA B 463 0.03 -26.62 10.06
CA ALA B 463 -1.23 -26.90 10.72
C ALA B 463 -1.63 -28.35 10.51
N ASP B 464 -1.58 -29.14 11.58
CA ASP B 464 -1.85 -30.56 11.53
C ASP B 464 -2.93 -30.88 12.56
N THR B 465 -3.17 -32.17 12.80
CA THR B 465 -4.06 -32.53 13.89
C THR B 465 -3.40 -32.29 15.25
N HIS B 466 -2.09 -32.53 15.35
CA HIS B 466 -1.34 -32.32 16.58
C HIS B 466 -0.62 -30.99 16.63
N SER B 467 -0.74 -30.16 15.60
CA SER B 467 0.04 -28.94 15.57
C SER B 467 -0.49 -27.93 16.57
N GLU B 468 0.38 -26.98 16.94
CA GLU B 468 0.00 -26.03 17.98
C GLU B 468 -1.00 -25.02 17.46
N ARG B 469 -0.93 -24.70 16.17
CA ARG B 469 -1.96 -23.85 15.57
C ARG B 469 -3.33 -24.50 15.67
N ASN B 470 -3.38 -25.82 15.55
CA ASN B 470 -4.66 -26.51 15.59
C ASN B 470 -5.17 -26.68 17.00
N PHE B 471 -4.27 -26.92 17.95
CA PHE B 471 -4.69 -27.13 19.33
C PHE B 471 -5.48 -25.93 19.84
N TYR B 472 -4.89 -24.74 19.77
CA TYR B 472 -5.59 -23.55 20.27
C TYR B 472 -6.76 -23.18 19.38
N TYR B 473 -6.85 -23.76 18.19
CA TYR B 473 -8.01 -23.53 17.33
C TYR B 473 -9.19 -24.38 17.75
N MET B 474 -8.96 -25.65 18.09
CA MET B 474 -10.06 -26.52 18.44
C MET B 474 -10.55 -26.27 19.86
N VAL B 475 -9.68 -25.70 20.71
CA VAL B 475 -10.11 -25.35 22.06
C VAL B 475 -10.91 -24.05 22.04
N SER B 476 -10.48 -23.07 21.25
CA SER B 476 -11.16 -21.78 21.25
C SER B 476 -12.49 -21.85 20.53
N THR B 477 -12.62 -22.70 19.53
CA THR B 477 -13.83 -22.82 18.72
C THR B 477 -14.76 -23.92 19.21
N GLY B 478 -14.45 -24.55 20.33
CA GLY B 478 -15.28 -25.64 20.80
C GLY B 478 -16.68 -25.19 21.16
N LYS B 479 -17.57 -26.18 21.35
CA LYS B 479 -18.92 -25.90 21.80
C LYS B 479 -18.93 -25.47 23.26
N THR B 480 -18.34 -26.30 24.12
CA THR B 480 -18.46 -26.10 25.56
C THR B 480 -17.36 -25.23 26.14
N THR B 481 -16.47 -24.70 25.31
CA THR B 481 -15.43 -23.82 25.83
C THR B 481 -16.03 -22.45 26.15
N PRO B 482 -15.53 -21.78 27.19
CA PRO B 482 -16.09 -20.47 27.55
C PRO B 482 -15.93 -19.47 26.43
N ARG B 483 -16.80 -18.46 26.45
CA ARG B 483 -16.69 -17.39 25.47
C ARG B 483 -15.36 -16.65 25.58
N THR B 484 -15.02 -16.20 26.79
CA THR B 484 -13.80 -15.45 27.03
C THR B 484 -12.74 -16.37 27.59
N LEU B 485 -11.52 -16.22 27.09
CA LEU B 485 -10.41 -17.06 27.51
C LEU B 485 -9.24 -16.19 27.91
N ILE B 486 -8.29 -16.80 28.61
CA ILE B 486 -6.99 -16.19 28.91
C ILE B 486 -5.93 -17.24 28.60
N VAL B 487 -5.07 -16.94 27.64
CA VAL B 487 -4.08 -17.88 27.14
C VAL B 487 -2.71 -17.33 27.50
N GLU B 488 -1.77 -18.22 27.82
CA GLU B 488 -0.44 -17.81 28.24
C GLU B 488 0.61 -18.37 27.28
N GLY B 489 1.30 -17.49 26.56
CA GLY B 489 2.41 -17.88 25.73
C GLY B 489 3.76 -17.72 26.40
N HIS B 490 4.70 -18.54 25.95
CA HIS B 490 6.10 -18.45 26.33
C HIS B 490 6.94 -17.48 25.50
N PHE B 491 6.69 -17.37 24.19
CA PHE B 491 7.55 -16.57 23.33
C PHE B 491 6.71 -15.96 22.21
N ASN B 492 7.30 -14.96 21.54
CA ASN B 492 6.52 -14.15 20.61
C ASN B 492 6.13 -14.91 19.35
N ALA B 493 6.85 -15.98 19.00
CA ALA B 493 6.53 -16.68 17.76
C ALA B 493 5.16 -17.34 17.82
N GLN B 494 4.58 -17.50 18.99
CA GLN B 494 3.24 -18.05 19.14
C GLN B 494 2.15 -17.05 18.81
N ASP B 495 2.51 -15.79 18.55
CA ASP B 495 1.51 -14.80 18.15
C ASP B 495 0.65 -15.31 17.01
N ALA B 496 1.27 -15.94 16.02
CA ALA B 496 0.57 -16.48 14.88
C ALA B 496 -0.15 -17.78 15.19
N THR B 497 0.04 -18.33 16.38
CA THR B 497 -0.56 -19.60 16.75
C THR B 497 -1.65 -19.41 17.79
N ILE B 498 -1.30 -19.05 19.03
CA ILE B 498 -2.32 -18.67 20.00
C ILE B 498 -2.93 -17.36 19.53
N ALA B 499 -4.24 -17.35 19.37
CA ALA B 499 -4.90 -16.35 18.55
C ALA B 499 -6.39 -16.46 18.84
N ARG B 500 -7.25 -15.62 18.28
CA ARG B 500 -6.94 -14.47 17.43
C ARG B 500 -7.41 -13.17 18.06
N THR B 501 -6.45 -12.29 18.32
CA THR B 501 -6.62 -11.21 19.27
C THR B 501 -6.15 -9.89 18.69
N ASP B 502 -6.77 -8.81 19.15
CA ASP B 502 -6.21 -7.47 19.02
C ASP B 502 -5.52 -7.00 20.29
N THR B 503 -5.43 -7.82 21.32
CA THR B 503 -4.79 -7.43 22.58
C THR B 503 -3.87 -8.54 23.04
N THR B 504 -2.59 -8.22 23.17
CA THR B 504 -1.62 -9.14 23.74
C THR B 504 -0.62 -8.32 24.55
N VAL B 505 -0.24 -8.84 25.71
CA VAL B 505 0.56 -8.09 26.67
C VAL B 505 1.68 -8.97 27.20
N LEU B 506 2.68 -8.33 27.78
CA LEU B 506 3.73 -9.05 28.46
C LEU B 506 3.74 -8.67 29.92
N LEU B 507 3.83 -9.68 30.79
CA LEU B 507 3.57 -9.52 32.21
C LEU B 507 4.88 -9.60 32.99
N ARG B 508 5.16 -8.55 33.77
CA ARG B 508 6.30 -8.58 34.67
C ARG B 508 5.81 -8.66 36.10
N THR B 509 6.51 -9.41 36.94
CA THR B 509 6.15 -9.59 38.33
C THR B 509 7.32 -9.19 39.22
N ILE B 510 7.21 -9.50 40.50
CA ILE B 510 8.36 -9.40 41.37
C ILE B 510 8.95 -10.80 41.51
N ASN B 511 10.02 -11.05 40.78
CA ASN B 511 10.76 -12.30 40.83
C ASN B 511 12.13 -12.11 40.21
N ASP B 512 13.06 -13.00 40.54
CA ASP B 512 14.20 -13.21 39.67
C ASP B 512 13.97 -14.57 39.06
N THR B 513 13.59 -14.59 37.77
CA THR B 513 13.15 -15.85 37.19
C THR B 513 14.31 -16.81 37.02
N THR B 514 15.54 -16.29 36.98
CA THR B 514 16.69 -17.18 36.98
C THR B 514 17.02 -17.64 38.39
N GLN B 515 16.56 -16.90 39.41
CA GLN B 515 16.78 -17.33 40.78
C GLN B 515 15.63 -18.21 41.27
N ALA B 516 14.50 -18.18 40.57
CA ALA B 516 13.39 -19.07 40.93
C ALA B 516 13.57 -20.46 40.34
N MET B 517 13.99 -20.53 39.07
CA MET B 517 14.24 -21.82 38.45
C MET B 517 15.49 -22.48 39.00
N ARG B 518 16.34 -21.72 39.67
CA ARG B 518 17.53 -22.29 40.29
C ARG B 518 17.18 -22.94 41.63
N ASP B 519 16.21 -22.39 42.35
CA ASP B 519 15.88 -22.86 43.69
C ASP B 519 15.01 -24.11 43.67
N ARG B 520 14.00 -24.17 42.81
CA ARG B 520 13.07 -25.28 42.81
C ARG B 520 13.79 -26.59 42.55
N GLN B 521 13.57 -27.56 43.42
CA GLN B 521 14.30 -28.83 43.40
C GLN B 521 13.62 -29.89 42.54
N ARG B 522 12.48 -29.57 41.94
CA ARG B 522 11.77 -30.57 41.14
C ARG B 522 12.36 -30.67 39.74
N GLY B 523 12.13 -29.66 38.90
CA GLY B 523 12.64 -29.70 37.54
C GLY B 523 14.15 -29.60 37.47
N GLY B 524 14.72 -28.67 38.23
CA GLY B 524 16.17 -28.49 38.18
C GLY B 524 16.60 -27.85 36.88
N VAL B 525 17.53 -28.51 36.18
CA VAL B 525 18.15 -27.92 35.00
C VAL B 525 17.11 -27.65 33.94
N VAL B 526 16.28 -28.64 33.64
CA VAL B 526 15.37 -28.56 32.51
C VAL B 526 14.50 -27.32 32.60
N GLN B 527 14.22 -26.85 33.81
CA GLN B 527 13.44 -25.63 33.97
C GLN B 527 14.29 -24.41 33.67
N LEU B 528 15.51 -24.38 34.20
CA LEU B 528 16.37 -23.22 33.98
C LEU B 528 16.82 -23.14 32.52
N PHE B 529 16.98 -24.28 31.87
CA PHE B 529 17.39 -24.28 30.47
C PHE B 529 16.26 -23.79 29.57
N LEU B 530 15.01 -24.12 29.91
CA LEU B 530 13.90 -23.68 29.08
C LEU B 530 13.60 -22.20 29.29
N ARG B 531 13.80 -21.69 30.50
CA ARG B 531 13.66 -20.24 30.69
C ARG B 531 14.57 -19.48 29.75
N ASP B 532 15.86 -19.82 29.77
CA ASP B 532 16.82 -19.10 28.96
C ASP B 532 16.51 -19.25 27.47
N THR B 533 15.99 -20.41 27.08
CA THR B 533 15.61 -20.61 25.69
C THR B 533 14.45 -19.71 25.30
N TYR B 534 13.43 -19.64 26.16
CA TYR B 534 12.28 -18.79 25.88
C TYR B 534 12.65 -17.32 26.00
N TYR B 535 13.42 -16.96 27.04
CA TYR B 535 13.90 -15.60 27.16
C TYR B 535 14.56 -15.12 25.88
N ARG B 536 15.39 -15.95 25.28
CA ARG B 536 16.07 -15.63 24.04
C ARG B 536 15.11 -15.43 22.88
N LEU B 537 13.89 -15.98 22.95
CA LEU B 537 12.88 -15.81 21.92
C LEU B 537 11.83 -14.76 22.25
N LEU B 538 11.92 -14.09 23.40
CA LEU B 538 10.84 -13.22 23.88
C LEU B 538 11.39 -11.85 24.26
N PRO B 539 11.55 -10.95 23.29
CA PRO B 539 11.77 -9.55 23.62
C PRO B 539 10.53 -8.97 24.27
N ALA B 540 10.66 -7.78 24.84
CA ALA B 540 9.44 -7.07 25.18
C ALA B 540 9.11 -6.20 23.99
N LEU B 541 8.29 -6.74 23.10
CA LEU B 541 7.74 -6.01 21.98
C LEU B 541 6.25 -5.73 22.14
N HIS B 542 5.63 -6.20 23.21
CA HIS B 542 4.23 -5.95 23.52
C HIS B 542 4.16 -5.20 24.85
N THR B 543 3.02 -4.55 25.08
CA THR B 543 2.94 -3.64 26.22
C THR B 543 3.22 -4.38 27.52
N THR B 544 4.02 -3.76 28.38
CA THR B 544 4.35 -4.34 29.67
C THR B 544 3.25 -4.03 30.67
N VAL B 545 2.76 -5.08 31.31
CA VAL B 545 1.67 -4.93 32.28
C VAL B 545 2.06 -5.59 33.59
N TYR B 546 1.95 -4.86 34.67
CA TYR B 546 2.19 -5.42 35.99
C TYR B 546 0.90 -6.01 36.57
N PRO B 547 1.01 -6.94 37.53
CA PRO B 547 -0.21 -7.57 38.04
C PRO B 547 -1.20 -6.61 38.67
N PHE B 548 -0.75 -5.49 39.22
CA PHE B 548 -1.73 -4.59 39.85
C PHE B 548 -2.40 -3.71 38.81
N GLU B 549 -1.84 -3.63 37.60
CA GLU B 549 -2.49 -2.85 36.55
C GLU B 549 -3.61 -3.63 35.88
N MET B 550 -3.59 -4.96 35.98
CA MET B 550 -4.74 -5.73 35.51
C MET B 550 -5.85 -5.78 36.56
N LEU B 551 -5.52 -5.63 37.84
CA LEU B 551 -6.57 -5.51 38.84
C LEU B 551 -7.17 -4.12 38.85
N GLU B 552 -6.32 -3.10 38.69
CA GLU B 552 -6.81 -1.74 38.59
C GLU B 552 -7.58 -1.51 37.30
N SER B 553 -7.31 -2.32 36.27
CA SER B 553 -8.01 -2.14 35.00
C SER B 553 -9.47 -2.56 35.12
N ILE B 554 -9.77 -3.52 36.00
CA ILE B 554 -11.16 -3.94 36.18
C ILE B 554 -11.89 -2.96 37.07
N ARG B 555 -11.21 -2.43 38.10
CA ARG B 555 -11.85 -1.47 38.98
C ARG B 555 -12.25 -0.21 38.23
N ARG B 556 -11.36 0.31 37.39
CA ARG B 556 -11.66 1.54 36.68
C ARG B 556 -12.70 1.33 35.58
N TRP B 557 -12.88 0.10 35.12
CA TRP B 557 -13.89 -0.17 34.12
C TRP B 557 -15.25 -0.20 34.78
N LYS B 558 -16.23 0.43 34.14
CA LYS B 558 -17.58 0.51 34.67
C LYS B 558 -18.45 -0.58 34.05
N TRP B 559 -19.08 -1.37 34.89
CA TRP B 559 -19.83 -2.54 34.46
C TRP B 559 -21.32 -2.28 34.55
N VAL B 560 -22.03 -2.50 33.44
CA VAL B 560 -23.49 -2.39 33.37
C VAL B 560 -23.95 -1.01 33.81
N VAL C 4 28.33 -19.18 46.39
CA VAL C 4 28.86 -18.05 45.63
C VAL C 4 28.19 -17.96 44.26
N GLN C 5 27.75 -16.77 43.89
CA GLN C 5 27.15 -16.54 42.57
C GLN C 5 27.36 -15.09 42.15
N SER C 6 27.24 -14.75 40.86
CA SER C 6 27.47 -13.35 40.42
C SER C 6 26.35 -12.74 39.56
N ARG C 7 26.24 -11.41 39.56
CA ARG C 7 25.24 -10.73 38.75
C ARG C 7 25.46 -11.00 37.26
N THR C 8 26.55 -11.71 36.97
CA THR C 8 26.95 -12.08 35.59
C THR C 8 26.50 -13.41 34.96
N ASP C 9 26.65 -14.51 35.71
CA ASP C 9 26.05 -15.79 35.36
C ASP C 9 24.59 -15.69 34.98
N VAL C 10 23.86 -14.67 35.22
CA VAL C 10 22.54 -14.77 34.82
C VAL C 10 22.58 -14.80 33.36
N PHE C 11 21.66 -15.39 32.66
CA PHE C 11 21.60 -15.35 31.21
C PHE C 11 21.32 -14.04 30.73
N ASN C 12 20.49 -13.18 31.31
CA ASN C 12 20.18 -11.93 30.61
C ASN C 12 21.48 -11.18 30.39
N GLU C 13 22.33 -11.25 31.41
CA GLU C 13 23.62 -10.57 31.39
C GLU C 13 24.64 -11.28 30.51
N GLN C 14 24.80 -12.59 30.70
CA GLN C 14 25.81 -13.29 29.93
C GLN C 14 25.56 -12.90 28.49
N PHE C 15 24.28 -12.75 28.14
CA PHE C 15 23.94 -12.47 26.82
C PHE C 15 24.35 -11.14 26.55
N ALA C 16 24.19 -10.14 27.40
CA ALA C 16 24.56 -8.78 27.03
C ALA C 16 25.92 -8.78 26.76
N ASN C 17 26.80 -9.35 27.59
CA ASN C 17 28.21 -9.31 27.26
C ASN C 17 28.61 -10.08 26.17
N GLU C 18 28.04 -11.25 25.98
CA GLU C 18 28.34 -12.05 24.79
C GLU C 18 28.28 -11.10 23.60
N ALA C 19 27.27 -10.23 23.63
CA ALA C 19 27.12 -9.10 22.64
C ALA C 19 28.09 -8.11 22.44
N LEU C 20 28.71 -7.56 23.43
CA LEU C 20 30.02 -6.81 23.15
C LEU C 20 31.56 -7.19 23.25
N HIS C 21 31.99 -8.33 23.64
CA HIS C 21 33.25 -8.85 23.51
C HIS C 21 32.97 -10.13 23.02
N PRO C 22 32.46 -10.15 21.73
CA PRO C 22 31.93 -11.41 21.34
C PRO C 22 33.00 -12.28 21.19
N MET C 23 32.91 -13.43 21.75
CA MET C 23 33.94 -14.34 22.10
C MET C 23 34.65 -15.16 21.04
N THR C 24 35.54 -14.62 20.24
CA THR C 24 36.17 -15.44 19.18
C THR C 24 37.05 -16.52 19.65
N PRO D 1 4.24 -5.94 -54.91
CA PRO D 1 4.74 -6.23 -53.96
C PRO D 1 4.05 -5.93 -52.67
N THR D 2 4.12 -6.84 -51.72
CA THR D 2 3.52 -6.55 -50.45
C THR D 2 4.46 -5.67 -49.79
N VAL D 3 3.97 -4.94 -48.78
CA VAL D 3 4.79 -3.97 -48.07
C VAL D 3 5.97 -4.63 -47.36
N VAL D 4 5.72 -5.78 -46.76
CA VAL D 4 6.76 -6.50 -46.04
C VAL D 4 7.88 -6.93 -46.98
N GLN D 5 7.50 -7.40 -48.17
CA GLN D 5 8.49 -7.85 -49.15
C GLN D 5 9.37 -6.68 -49.59
N SER D 6 8.76 -5.52 -49.80
CA SER D 6 9.50 -4.32 -50.18
C SER D 6 10.44 -3.91 -49.05
N ARG D 7 9.94 -4.01 -47.82
CA ARG D 7 10.74 -3.68 -46.65
C ARG D 7 11.94 -4.61 -46.51
N THR D 8 11.71 -5.88 -46.78
CA THR D 8 12.76 -6.88 -46.65
C THR D 8 13.81 -6.68 -47.74
N ASP D 9 13.34 -6.41 -48.95
CA ASP D 9 14.24 -6.18 -50.07
C ASP D 9 15.11 -4.96 -49.83
N VAL D 10 14.52 -3.91 -49.28
CA VAL D 10 15.27 -2.70 -48.97
C VAL D 10 16.33 -2.98 -47.91
N PHE D 11 15.97 -3.78 -46.92
CA PHE D 11 16.87 -4.12 -45.83
C PHE D 11 18.09 -4.92 -46.30
N ASN D 12 17.84 -5.89 -47.16
CA ASN D 12 18.90 -6.77 -47.67
C ASN D 12 19.95 -6.05 -48.51
N GLU D 13 19.50 -5.16 -49.38
CA GLU D 13 20.40 -4.46 -50.29
C GLU D 13 21.41 -3.57 -49.58
N GLN D 14 20.93 -2.83 -48.57
CA GLN D 14 21.81 -1.94 -47.82
C GLN D 14 22.86 -2.73 -47.04
N PHE D 15 22.44 -3.83 -46.43
CA PHE D 15 23.31 -4.65 -45.61
C PHE D 15 23.95 -5.81 -46.37
N ALA D 16 23.60 -5.97 -47.64
CA ALA D 16 24.09 -7.14 -48.40
C ALA D 16 24.74 -8.20 -47.53
PG GTP E . -30.28 0.38 -20.81
O1G GTP E . -30.45 -0.42 -19.54
O2G GTP E . -29.36 1.56 -20.55
O3G GTP E . -31.61 0.87 -21.29
O3B GTP E . -29.61 -0.58 -21.92
PB GTP E . -30.22 -2.05 -22.19
O1B GTP E . -29.59 -2.60 -23.44
O2B GTP E . -29.97 -2.96 -21.01
O3A GTP E . -31.79 -1.78 -22.39
PA GTP E . -32.71 -2.55 -23.47
O1A GTP E . -33.52 -1.54 -24.26
O2A GTP E . -31.92 -3.44 -24.40
O5' GTP E . -33.70 -3.43 -22.57
C5' GTP E . -34.66 -2.81 -21.73
C4' GTP E . -34.48 -3.26 -20.28
O4' GTP E . -34.92 -4.60 -20.11
C3' GTP E . -33.04 -3.25 -19.83
O3' GTP E . -32.74 -2.05 -19.15
C2' GTP E . -32.90 -4.43 -18.89
O2' GTP E . -32.80 -3.99 -17.56
C1' GTP E . -34.19 -5.23 -19.08
N9 GTP E . -33.87 -6.63 -19.44
C8 GTP E . -32.62 -7.15 -19.63
N7 GTP E . -32.72 -8.46 -19.92
C5 GTP E . -34.03 -8.79 -19.91
C6 GTP E . -34.70 -10.00 -20.12
O6 GTP E . -34.05 -11.00 -20.40
N1 GTP E . -36.07 -10.04 -20.03
C2 GTP E . -36.78 -8.90 -19.73
N2 GTP E . -38.10 -8.94 -19.63
N3 GTP E . -36.11 -7.71 -19.49
C4 GTP E . -34.77 -7.65 -19.59
PG GTP F . 4.56 -22.45 34.70
O1G GTP F . 5.21 -21.76 33.52
O2G GTP F . 4.70 -23.94 34.55
O3G GTP F . 3.09 -22.09 34.74
O3B GTP F . 5.29 -21.96 36.05
PB GTP F . 5.26 -20.44 36.55
O1B GTP F . 5.25 -19.51 35.36
O2B GTP F . 6.44 -20.14 37.45
O3A GTP F . 3.88 -20.29 37.36
PA GTP F . 3.51 -21.34 38.52
O1A GTP F . 2.25 -20.88 39.22
O2A GTP F . 3.33 -22.73 37.96
O5' GTP F . 4.72 -21.28 39.58
C5' GTP F . 4.90 -20.17 40.42
C4' GTP F . 6.12 -20.40 41.30
O4' GTP F . 5.82 -21.38 42.26
C3' GTP F . 7.33 -20.90 40.52
O3' GTP F . 8.24 -19.85 40.28
C2' GTP F . 7.95 -21.94 41.42
O2' GTP F . 9.09 -21.42 42.06
C1' GTP F . 6.89 -22.29 42.45
N9 GTP F . 6.39 -23.65 42.19
C8 GTP F . 5.15 -23.95 41.67
N7 GTP F . 5.05 -25.30 41.58
C5 GTP F . 6.19 -25.86 42.02
C6 GTP F . 6.59 -27.18 42.14
O6 GTP F . 5.83 -28.09 41.80
N1 GTP F . 7.84 -27.48 42.64
C2 GTP F . 8.68 -26.45 43.03
N2 GTP F . 9.88 -26.75 43.51
N3 GTP F . 8.27 -25.13 42.91
C4 GTP F . 7.05 -24.84 42.42
#